data_3QP9
#
_entry.id   3QP9
#
_cell.length_a   79.636
_cell.length_b   150.088
_cell.length_c   86.868
_cell.angle_alpha   90.00
_cell.angle_beta   105.12
_cell.angle_gamma   90.00
#
_symmetry.space_group_name_H-M   'P 1 21 1'
#
loop_
_entity.id
_entity.type
_entity.pdbx_description
1 polymer 'Type I polyketide synthase PikAII'
2 water water
#
_entity_poly.entity_id   1
_entity_poly.type   'polypeptide(L)'
_entity_poly.pdbx_seq_one_letter_code
;MGSSHHHHHHSSGLVPRGSHMGSVQDSWRYRIDWKRLAVADASERAGLSGRWLVVVPEDRSAEAAPVLAALSGAGADPVQ
LDVSPLGDRQRLAATLGEALAAAGGAVDGVLSLLAWDESAHPGHPAPFTRGTGATLTLVQALEDAGVAAPLWCVTHGAVS
VGRADHVTSPAQAMVWGMGRVAALEHPERWGGLIDLPSDADRAALDRMTTVLAGGTGEDQVAVRASGLLARRLVRASLPA
HGTASPWWQADGTVLVTGAEEPAAAEAARRLARDGAGHLLLHTTPSGSEGAEGTSGAAEDSGLAGLVAELADLGATATVV
TCDLTDAEAAARLLAGVSDAHPLSAVLHLPPTVDSEPLAATDADALARVVTAKATAALHLDRLLREAAAAGGRPPVLVLF
SSVAAIWGGAGQGAYAAGTAFLDALAGQHRADGPTVTSVAWSPWEGSRVTEGATGERLRRLGLRPLAPATALTALDTALG
HGDTAVTIADVDWSSFAPGFTTARPGTLLADLPEARRALDEQQST
;
_entity_poly.pdbx_strand_id   A,B,C,D
#
# COMPACT_ATOMS: atom_id res chain seq x y z
N VAL A 24 24.54 -3.32 29.43
CA VAL A 24 25.33 -3.17 28.18
C VAL A 24 24.59 -2.11 27.41
N GLN A 25 23.61 -2.60 26.62
CA GLN A 25 22.63 -1.86 25.81
C GLN A 25 21.73 -2.85 25.04
N ASP A 26 22.15 -4.11 24.87
CA ASP A 26 21.15 -5.07 24.44
C ASP A 26 20.17 -5.34 25.59
N SER A 27 20.51 -4.93 26.79
CA SER A 27 19.56 -5.06 27.88
C SER A 27 18.77 -3.76 27.99
N TRP A 28 18.93 -2.82 27.05
CA TRP A 28 18.07 -1.61 27.04
C TRP A 28 16.84 -1.76 26.10
N ARG A 29 16.72 -2.86 25.34
CA ARG A 29 15.61 -2.99 24.39
C ARG A 29 14.34 -3.57 24.97
N TYR A 30 13.20 -2.81 24.84
CA TYR A 30 11.87 -3.23 25.33
C TYR A 30 10.92 -3.04 24.22
N ARG A 31 9.74 -3.67 24.33
CA ARG A 31 8.72 -3.30 23.34
C ARG A 31 7.41 -3.52 23.95
N ILE A 32 6.36 -3.07 23.27
CA ILE A 32 4.98 -3.28 23.78
C ILE A 32 4.33 -4.54 23.21
N ASP A 33 3.86 -5.44 24.06
CA ASP A 33 3.20 -6.67 23.52
C ASP A 33 1.77 -6.64 24.04
N TRP A 34 0.87 -7.36 23.38
CA TRP A 34 -0.55 -7.41 23.75
C TRP A 34 -0.89 -8.82 24.13
N LYS A 35 -1.15 -9.07 25.40
CA LYS A 35 -1.31 -10.43 25.91
C LYS A 35 -2.79 -10.85 25.77
N ARG A 36 -3.04 -11.92 25.03
CA ARG A 36 -4.43 -12.46 24.94
C ARG A 36 -4.97 -12.88 26.32
N LEU A 37 -6.15 -12.40 26.70
CA LEU A 37 -6.70 -12.73 28.02
C LEU A 37 -7.67 -13.96 27.93
N ALA A 38 -7.60 -14.83 28.95
CA ALA A 38 -8.51 -16.01 29.04
C ALA A 38 -9.99 -15.60 29.01
N VAL A 39 -10.85 -16.35 28.31
CA VAL A 39 -12.32 -16.07 28.44
C VAL A 39 -12.75 -16.20 29.91
N ALA A 40 -13.61 -15.29 30.40
CA ALA A 40 -14.03 -15.30 31.85
C ALA A 40 -14.64 -16.62 32.39
N GLY A 47 -20.95 -8.79 35.81
CA GLY A 47 -21.84 -7.96 34.99
C GLY A 47 -21.75 -6.49 35.38
N LEU A 48 -22.54 -5.67 34.69
CA LEU A 48 -22.55 -4.22 34.94
C LEU A 48 -23.81 -3.85 35.70
N SER A 49 -23.71 -2.84 36.60
CA SER A 49 -24.88 -2.28 37.26
C SER A 49 -24.78 -0.80 37.50
N GLY A 50 -25.92 -0.20 37.85
CA GLY A 50 -26.01 1.20 38.23
C GLY A 50 -25.96 2.21 37.09
N ARG A 51 -25.77 3.47 37.45
CA ARG A 51 -25.82 4.54 36.50
C ARG A 51 -24.44 4.67 35.85
N TRP A 52 -24.40 4.62 34.50
CA TRP A 52 -23.21 4.94 33.68
C TRP A 52 -23.43 6.22 32.89
N LEU A 53 -22.57 7.20 33.04
CA LEU A 53 -22.68 8.36 32.19
C LEU A 53 -21.88 8.10 30.94
N VAL A 54 -22.48 8.34 29.79
CA VAL A 54 -21.79 8.19 28.52
C VAL A 54 -21.61 9.55 27.93
N VAL A 55 -20.38 10.01 27.91
CA VAL A 55 -20.07 11.27 27.33
C VAL A 55 -19.75 11.21 25.86
N VAL A 56 -20.63 11.76 25.02
CA VAL A 56 -20.58 11.70 23.57
C VAL A 56 -20.36 13.11 23.01
N PRO A 57 -19.50 13.25 21.97
CA PRO A 57 -19.42 14.58 21.36
C PRO A 57 -20.75 14.88 20.65
N GLU A 58 -21.21 16.14 20.80
CA GLU A 58 -22.55 16.63 20.37
C GLU A 58 -23.12 16.16 19.03
N ASP A 59 -22.43 16.47 17.95
CA ASP A 59 -22.93 16.18 16.61
C ASP A 59 -22.72 14.69 16.25
N ARG A 60 -22.39 13.89 17.27
CA ARG A 60 -22.12 12.46 17.08
C ARG A 60 -23.08 11.49 17.81
N SER A 61 -24.31 11.95 18.05
CA SER A 61 -25.35 11.24 18.81
C SER A 61 -25.82 9.93 18.22
N ALA A 62 -26.03 9.94 16.92
CA ALA A 62 -26.14 8.72 16.12
C ALA A 62 -25.35 7.55 16.77
N GLU A 63 -24.03 7.56 16.61
CA GLU A 63 -23.17 6.54 17.26
C GLU A 63 -23.18 6.81 18.74
N ALA A 64 -23.15 5.74 19.51
CA ALA A 64 -23.45 5.82 20.92
C ALA A 64 -24.71 5.07 21.10
N ALA A 65 -25.65 5.18 20.15
CA ALA A 65 -26.86 4.39 20.25
C ALA A 65 -26.54 2.94 20.58
N PRO A 66 -25.66 2.27 19.76
CA PRO A 66 -25.36 0.90 20.09
C PRO A 66 -24.41 0.74 21.33
N VAL A 67 -23.54 1.75 21.59
CA VAL A 67 -22.90 1.85 22.93
C VAL A 67 -23.94 1.76 24.13
N LEU A 68 -24.98 2.59 24.18
CA LEU A 68 -25.93 2.43 25.29
C LEU A 68 -26.68 1.12 25.24
N ALA A 69 -26.99 0.62 24.03
CA ALA A 69 -27.66 -0.68 24.01
C ALA A 69 -26.77 -1.74 24.67
N ALA A 70 -25.47 -1.76 24.34
CA ALA A 70 -24.57 -2.76 24.96
C ALA A 70 -24.47 -2.63 26.47
N LEU A 71 -24.37 -1.39 26.95
CA LEU A 71 -24.32 -1.16 28.38
C LEU A 71 -25.64 -1.61 29.05
N SER A 72 -26.76 -1.20 28.46
CA SER A 72 -28.08 -1.61 28.94
C SER A 72 -28.12 -3.13 28.95
N GLY A 73 -27.84 -3.75 27.79
CA GLY A 73 -27.87 -5.18 27.65
C GLY A 73 -26.92 -5.81 28.63
N ALA A 74 -25.79 -5.14 28.93
CA ALA A 74 -24.88 -5.60 29.99
C ALA A 74 -25.43 -5.43 31.42
N GLY A 75 -26.53 -4.71 31.57
CA GLY A 75 -27.19 -4.55 32.87
C GLY A 75 -26.86 -3.28 33.60
N ALA A 76 -26.33 -2.28 32.90
CA ALA A 76 -26.13 -0.92 33.44
C ALA A 76 -27.41 -0.13 33.21
N ASP A 77 -27.54 1.04 33.83
CA ASP A 77 -28.55 2.05 33.42
C ASP A 77 -27.80 3.23 32.75
N PRO A 78 -27.63 3.21 31.41
CA PRO A 78 -26.80 4.25 30.76
C PRO A 78 -27.50 5.60 30.52
N VAL A 79 -26.82 6.67 30.87
CA VAL A 79 -27.31 8.02 30.55
C VAL A 79 -26.35 8.74 29.57
N GLN A 80 -26.84 9.05 28.39
CA GLN A 80 -26.04 9.88 27.47
C GLN A 80 -25.97 11.35 27.82
N LEU A 81 -24.78 11.89 27.70
CA LEU A 81 -24.52 13.27 28.00
C LEU A 81 -23.78 13.84 26.80
N ASP A 82 -24.55 14.46 25.90
CA ASP A 82 -24.00 15.06 24.71
C ASP A 82 -23.31 16.35 25.11
N VAL A 83 -22.03 16.49 24.79
CA VAL A 83 -21.32 17.75 25.01
C VAL A 83 -20.73 18.41 23.71
N SER A 84 -20.52 19.73 23.75
CA SER A 84 -19.81 20.47 22.69
C SER A 84 -18.32 20.26 22.94
N PRO A 85 -17.63 19.54 22.02
CA PRO A 85 -16.19 19.38 22.31
C PRO A 85 -15.41 20.69 22.46
N LEU A 86 -15.91 21.79 21.89
CA LEU A 86 -15.25 23.09 21.99
C LEU A 86 -15.50 23.77 23.33
N GLY A 87 -16.53 23.28 24.03
CA GLY A 87 -17.02 23.86 25.28
C GLY A 87 -16.00 24.03 26.39
N ASP A 88 -16.30 24.97 27.27
CA ASP A 88 -15.52 25.29 28.47
C ASP A 88 -15.54 24.13 29.51
N ARG A 89 -14.51 24.06 30.33
CA ARG A 89 -14.47 23.14 31.42
C ARG A 89 -15.65 23.41 32.37
N GLN A 90 -15.82 24.66 32.79
CA GLN A 90 -16.93 25.00 33.67
C GLN A 90 -18.31 24.57 33.14
N ARG A 91 -18.57 24.73 31.84
CA ARG A 91 -19.82 24.21 31.26
C ARG A 91 -19.97 22.71 31.42
N LEU A 92 -18.87 21.96 31.19
CA LEU A 92 -18.92 20.51 31.29
C LEU A 92 -19.12 20.07 32.74
N ALA A 93 -18.43 20.73 33.67
CA ALA A 93 -18.58 20.42 35.11
C ALA A 93 -20.03 20.65 35.59
N ALA A 94 -20.68 21.69 35.06
CA ALA A 94 -22.10 22.00 35.41
C ALA A 94 -22.95 20.86 34.88
N THR A 95 -22.60 20.42 33.68
CA THR A 95 -23.36 19.38 33.00
C THR A 95 -23.23 18.09 33.80
N LEU A 96 -22.01 17.77 34.21
CA LEU A 96 -21.74 16.61 35.06
C LEU A 96 -22.40 16.67 36.47
N GLY A 97 -22.19 17.78 37.19
CA GLY A 97 -22.84 18.03 38.50
C GLY A 97 -24.36 17.89 38.40
N GLU A 98 -24.96 18.47 37.35
CA GLU A 98 -26.39 18.24 37.10
C GLU A 98 -26.74 16.74 36.93
N ALA A 99 -25.89 16.01 36.20
CA ALA A 99 -26.17 14.61 35.95
C ALA A 99 -25.97 13.81 37.23
N LEU A 100 -25.02 14.24 38.06
CA LEU A 100 -24.68 13.53 39.30
C LEU A 100 -25.77 13.82 40.35
N ALA A 101 -26.21 15.08 40.43
CA ALA A 101 -27.41 15.40 41.22
C ALA A 101 -28.58 14.51 40.83
N ALA A 102 -28.80 14.31 39.53
CA ALA A 102 -29.95 13.49 39.08
C ALA A 102 -29.89 12.00 39.47
N ALA A 103 -28.66 11.47 39.63
CA ALA A 103 -28.48 10.09 40.07
C ALA A 103 -28.53 9.87 41.59
N GLY A 104 -28.65 10.97 42.36
CA GLY A 104 -28.69 10.94 43.82
C GLY A 104 -27.32 11.17 44.43
N GLY A 105 -26.38 11.69 43.65
CA GLY A 105 -25.05 11.94 44.17
C GLY A 105 -23.98 10.91 43.95
N ALA A 106 -24.33 9.82 43.24
CA ALA A 106 -23.40 8.78 42.90
C ALA A 106 -23.74 8.10 41.57
N VAL A 107 -22.68 7.59 40.94
CA VAL A 107 -22.79 7.02 39.63
C VAL A 107 -21.73 5.90 39.67
N ASP A 108 -21.90 4.90 38.80
CA ASP A 108 -21.05 3.75 38.87
C ASP A 108 -19.87 3.81 37.92
N GLY A 109 -19.97 4.57 36.84
CA GLY A 109 -18.82 4.75 35.96
C GLY A 109 -19.06 5.85 34.98
N VAL A 110 -18.00 6.24 34.30
CA VAL A 110 -18.05 7.22 33.23
C VAL A 110 -17.24 6.68 32.03
N LEU A 111 -17.90 6.68 30.86
CA LEU A 111 -17.43 6.13 29.61
C LEU A 111 -17.35 7.29 28.67
N SER A 112 -16.16 7.69 28.34
CA SER A 112 -15.99 8.81 27.39
C SER A 112 -15.90 8.33 25.97
N LEU A 113 -16.83 8.77 25.10
CA LEU A 113 -16.61 8.52 23.64
C LEU A 113 -15.95 9.75 22.97
N LEU A 114 -15.38 10.67 23.74
CA LEU A 114 -14.92 11.97 23.18
C LEU A 114 -13.80 11.84 22.15
N ALA A 115 -13.00 10.79 22.27
CA ALA A 115 -11.87 10.60 21.34
C ALA A 115 -12.35 10.38 19.89
N TRP A 116 -13.63 9.97 19.73
CA TRP A 116 -14.16 9.68 18.41
C TRP A 116 -14.31 10.93 17.58
N ASP A 117 -14.27 12.09 18.24
CA ASP A 117 -14.28 13.32 17.52
C ASP A 117 -12.89 13.63 16.94
N GLU A 118 -12.72 13.28 15.68
CA GLU A 118 -11.47 13.57 14.98
C GLU A 118 -11.41 14.88 14.26
N SER A 119 -12.40 15.73 14.46
CA SER A 119 -12.47 16.99 13.74
C SER A 119 -11.33 17.91 14.13
N ALA A 120 -10.93 18.76 13.19
CA ALA A 120 -10.00 19.86 13.47
C ALA A 120 -10.46 20.87 14.51
N HIS A 121 -9.53 21.30 15.33
CA HIS A 121 -9.81 22.36 16.28
C HIS A 121 -9.36 23.68 15.68
N PRO A 122 -10.23 24.72 15.75
CA PRO A 122 -10.02 26.04 15.14
C PRO A 122 -8.68 26.69 15.52
N GLY A 123 -8.22 26.49 16.74
CA GLY A 123 -6.99 27.21 17.10
C GLY A 123 -5.69 26.51 16.68
N HIS A 124 -5.77 25.32 16.04
CA HIS A 124 -4.61 24.41 16.09
C HIS A 124 -4.49 23.46 14.90
N PRO A 125 -3.26 23.20 14.42
CA PRO A 125 -3.08 22.32 13.24
C PRO A 125 -3.31 20.83 13.60
N ALA A 126 -3.43 19.95 12.60
CA ALA A 126 -3.43 18.53 12.87
C ALA A 126 -2.02 18.14 13.46
N PRO A 127 -1.95 17.08 14.30
CA PRO A 127 -2.97 16.01 14.47
C PRO A 127 -3.84 16.26 15.68
N PHE A 128 -3.54 17.29 16.45
CA PHE A 128 -4.46 17.65 17.57
C PHE A 128 -5.89 17.70 17.03
N THR A 129 -6.82 17.01 17.70
CA THR A 129 -8.27 17.03 17.29
C THR A 129 -9.15 17.56 18.40
N ARG A 130 -10.43 17.81 18.12
CA ARG A 130 -11.31 18.38 19.17
C ARG A 130 -11.47 17.36 20.28
N GLY A 131 -11.55 16.09 19.89
CA GLY A 131 -11.57 14.95 20.84
C GLY A 131 -10.39 14.88 21.79
N THR A 132 -9.20 15.24 21.33
CA THR A 132 -8.00 15.33 22.18
C THR A 132 -8.21 16.37 23.34
N GLY A 133 -8.58 17.59 22.95
CA GLY A 133 -8.88 18.71 23.90
C GLY A 133 -10.00 18.34 24.83
N ALA A 134 -11.13 17.92 24.25
CA ALA A 134 -12.35 17.53 24.99
C ALA A 134 -12.08 16.45 26.05
N THR A 135 -11.28 15.44 25.72
CA THR A 135 -10.94 14.40 26.71
C THR A 135 -10.18 14.97 27.88
N LEU A 136 -9.24 15.85 27.57
CA LEU A 136 -8.51 16.53 28.68
C LEU A 136 -9.49 17.32 29.56
N THR A 137 -10.42 17.98 28.86
CA THR A 137 -11.38 18.84 29.58
C THR A 137 -12.25 18.03 30.50
N LEU A 138 -12.59 16.83 30.04
CA LEU A 138 -13.42 15.93 30.80
C LEU A 138 -12.75 15.42 32.07
N VAL A 139 -11.45 15.14 32.01
CA VAL A 139 -10.66 14.63 33.15
C VAL A 139 -10.67 15.71 34.25
N GLN A 140 -10.63 16.95 33.80
CA GLN A 140 -10.53 18.09 34.72
C GLN A 140 -11.90 18.34 35.35
N ALA A 141 -12.92 18.36 34.50
CA ALA A 141 -14.30 18.72 34.84
C ALA A 141 -14.98 17.67 35.73
N LEU A 142 -14.69 16.38 35.52
CA LEU A 142 -15.09 15.33 36.49
C LEU A 142 -14.71 15.67 37.96
N GLU A 143 -13.48 16.11 38.17
CA GLU A 143 -13.03 16.48 39.51
C GLU A 143 -13.75 17.76 39.94
N ASP A 144 -13.99 18.72 39.04
CA ASP A 144 -14.72 19.98 39.41
C ASP A 144 -16.16 19.67 39.83
N ALA A 145 -16.80 18.70 39.15
CA ALA A 145 -18.12 18.26 39.55
C ALA A 145 -18.21 17.23 40.73
N GLY A 146 -17.05 16.79 41.24
CA GLY A 146 -16.98 15.80 42.32
C GLY A 146 -17.49 14.38 42.02
N VAL A 147 -17.37 13.96 40.73
CA VAL A 147 -17.70 12.60 40.27
C VAL A 147 -16.52 11.74 40.63
N ALA A 148 -16.77 10.79 41.52
CA ALA A 148 -15.73 9.96 42.11
C ALA A 148 -15.61 8.65 41.36
N ALA A 149 -16.61 8.33 40.54
CA ALA A 149 -16.65 7.10 39.74
C ALA A 149 -15.49 6.95 38.71
N PRO A 150 -15.06 5.71 38.41
CA PRO A 150 -13.94 5.58 37.45
C PRO A 150 -14.29 6.00 36.01
N LEU A 151 -13.38 6.76 35.41
CA LEU A 151 -13.50 7.19 34.03
C LEU A 151 -12.90 6.15 33.07
N TRP A 152 -13.66 5.72 32.10
CA TRP A 152 -13.06 4.86 31.04
C TRP A 152 -13.08 5.60 29.68
N CYS A 153 -11.96 5.62 28.94
CA CYS A 153 -11.92 6.32 27.63
C CYS A 153 -11.83 5.31 26.53
N VAL A 154 -12.76 5.34 25.61
CA VAL A 154 -12.82 4.35 24.56
C VAL A 154 -12.34 4.94 23.26
N THR A 155 -11.44 4.23 22.53
CA THR A 155 -10.98 4.67 21.25
C THR A 155 -11.32 3.58 20.24
N HIS A 156 -11.10 3.83 18.93
CA HIS A 156 -11.18 2.77 17.88
C HIS A 156 -10.03 3.02 16.94
N GLY A 157 -9.31 1.96 16.57
CA GLY A 157 -8.16 2.09 15.63
C GLY A 157 -6.92 2.76 16.24
N ALA A 158 -6.87 2.96 17.54
CA ALA A 158 -5.75 3.64 18.15
C ALA A 158 -4.44 2.84 18.40
N VAL A 159 -4.53 1.52 18.53
CA VAL A 159 -3.33 0.72 18.87
C VAL A 159 -3.32 -0.46 17.90
N SER A 160 -2.17 -1.02 17.72
CA SER A 160 -1.95 -2.25 16.92
C SER A 160 -1.58 -3.43 17.85
N VAL A 161 -2.31 -4.51 17.85
CA VAL A 161 -2.04 -5.64 18.77
C VAL A 161 -1.04 -6.60 18.14
N GLY A 162 -0.79 -6.36 16.89
CA GLY A 162 0.23 -7.21 16.23
C GLY A 162 0.23 -7.09 14.76
N ARG A 163 0.74 -8.19 14.14
CA ARG A 163 1.07 -8.26 12.76
C ARG A 163 -0.01 -7.65 11.87
N ALA A 164 -1.20 -8.20 11.90
CA ALA A 164 -2.11 -7.83 10.82
C ALA A 164 -3.04 -6.67 11.23
N ASP A 165 -2.73 -6.01 12.34
CA ASP A 165 -3.75 -5.17 12.93
C ASP A 165 -3.19 -3.75 12.87
N HIS A 166 -3.57 -2.97 11.85
CA HIS A 166 -2.99 -1.62 11.65
C HIS A 166 -3.67 -0.54 12.47
N VAL A 167 -2.90 0.44 12.94
CA VAL A 167 -3.45 1.64 13.50
C VAL A 167 -4.15 2.40 12.35
N THR A 168 -5.41 2.78 12.55
CA THR A 168 -6.18 3.57 11.58
C THR A 168 -6.41 4.96 12.14
N SER A 169 -6.25 5.19 13.45
CA SER A 169 -6.36 6.56 14.02
C SER A 169 -5.24 6.96 14.98
N PRO A 170 -4.10 7.41 14.44
CA PRO A 170 -2.99 7.71 15.23
C PRO A 170 -3.37 8.87 16.12
N ALA A 171 -4.32 9.70 15.69
CA ALA A 171 -4.71 10.75 16.62
C ALA A 171 -5.35 10.25 17.90
N GLN A 172 -6.12 9.17 17.83
CA GLN A 172 -6.75 8.63 19.07
C GLN A 172 -5.69 8.01 20.02
N ALA A 173 -4.58 7.50 19.48
CA ALA A 173 -3.47 7.03 20.39
C ALA A 173 -3.03 8.14 21.31
N MET A 174 -3.27 9.44 20.98
CA MET A 174 -2.82 10.57 21.90
C MET A 174 -3.64 10.56 23.17
N VAL A 175 -4.88 10.09 23.10
CA VAL A 175 -5.62 9.89 24.33
C VAL A 175 -5.04 8.78 25.22
N TRP A 176 -4.53 7.74 24.60
CA TRP A 176 -3.83 6.68 25.36
C TRP A 176 -2.62 7.27 26.03
N GLY A 177 -1.87 8.08 25.30
CA GLY A 177 -0.64 8.61 25.93
C GLY A 177 -0.98 9.46 27.15
N MET A 178 -1.95 10.36 26.97
CA MET A 178 -2.31 11.24 28.08
C MET A 178 -2.99 10.44 29.22
N GLY A 179 -3.83 9.47 28.82
CA GLY A 179 -4.56 8.56 29.76
C GLY A 179 -3.68 7.80 30.72
N ARG A 180 -2.61 7.20 30.24
CA ARG A 180 -1.66 6.60 31.21
C ARG A 180 -1.17 7.57 32.23
N VAL A 181 -1.00 8.82 31.81
CA VAL A 181 -0.54 9.86 32.75
C VAL A 181 -1.67 10.21 33.77
N ALA A 182 -2.92 10.32 33.26
CA ALA A 182 -4.08 10.55 34.13
C ALA A 182 -4.26 9.42 35.19
N ALA A 183 -4.03 8.20 34.79
CA ALA A 183 -3.93 7.09 35.75
C ALA A 183 -2.96 7.32 36.92
N LEU A 184 -1.81 7.91 36.64
CA LEU A 184 -0.78 8.06 37.71
C LEU A 184 -1.10 9.27 38.53
N GLU A 185 -1.67 10.28 37.87
CA GLU A 185 -2.03 11.54 38.55
C GLU A 185 -3.37 11.53 39.30
N HIS A 186 -4.34 10.77 38.81
CA HIS A 186 -5.65 10.68 39.49
C HIS A 186 -6.02 9.20 39.70
N PRO A 187 -5.21 8.50 40.46
CA PRO A 187 -5.39 7.04 40.43
C PRO A 187 -6.74 6.54 41.02
N GLU A 188 -7.36 7.31 41.93
CA GLU A 188 -8.58 6.87 42.55
C GLU A 188 -9.78 7.00 41.59
N ARG A 189 -9.64 7.82 40.54
CA ARG A 189 -10.79 8.04 39.65
C ARG A 189 -10.58 7.69 38.17
N TRP A 190 -9.45 7.08 37.87
CA TRP A 190 -9.15 6.54 36.52
C TRP A 190 -9.52 5.05 36.36
N GLY A 191 -10.38 4.77 35.39
CA GLY A 191 -10.80 3.40 35.16
C GLY A 191 -9.81 2.84 34.17
N GLY A 192 -9.83 3.31 32.97
CA GLY A 192 -8.89 2.73 31.96
C GLY A 192 -9.06 3.16 30.56
N LEU A 193 -8.47 2.36 29.63
CA LEU A 193 -8.48 2.73 28.24
C LEU A 193 -8.86 1.51 27.53
N ILE A 194 -9.74 1.62 26.55
CA ILE A 194 -10.19 0.46 25.80
C ILE A 194 -10.20 0.82 24.35
N ASP A 195 -9.59 -0.01 23.48
CA ASP A 195 -9.62 0.33 22.05
C ASP A 195 -10.46 -0.69 21.29
N LEU A 196 -11.47 -0.22 20.55
CA LEU A 196 -12.42 -1.03 19.82
C LEU A 196 -11.81 -1.21 18.48
N PRO A 197 -12.23 -2.24 17.73
CA PRO A 197 -11.65 -2.46 16.40
C PRO A 197 -11.90 -1.22 15.52
N SER A 198 -10.95 -0.84 14.65
CA SER A 198 -11.12 0.41 13.84
C SER A 198 -12.57 0.74 13.45
N ASP A 199 -13.37 -0.28 13.13
CA ASP A 199 -14.80 -0.10 12.80
C ASP A 199 -15.72 -0.44 13.94
N ALA A 200 -15.69 -1.70 14.38
CA ALA A 200 -16.21 -2.06 15.75
C ALA A 200 -17.71 -2.37 15.79
N ASP A 201 -18.02 -3.65 16.05
CA ASP A 201 -19.37 -4.23 15.91
C ASP A 201 -19.98 -4.62 17.24
N ARG A 202 -21.16 -5.23 17.26
CA ARG A 202 -21.86 -5.49 18.54
C ARG A 202 -21.16 -6.47 19.49
N ALA A 203 -20.65 -7.59 18.97
CA ALA A 203 -19.78 -8.49 19.74
C ALA A 203 -18.57 -7.76 20.37
N ALA A 204 -17.98 -6.80 19.69
CA ALA A 204 -16.90 -6.00 20.27
C ALA A 204 -17.42 -5.09 21.47
N LEU A 205 -18.65 -4.54 21.36
CA LEU A 205 -19.12 -3.61 22.41
C LEU A 205 -19.55 -4.41 23.64
N ASP A 206 -20.03 -5.64 23.41
CA ASP A 206 -20.25 -6.62 24.45
C ASP A 206 -18.97 -6.96 25.23
N ARG A 207 -17.84 -7.20 24.55
CA ARG A 207 -16.61 -7.41 25.28
C ARG A 207 -16.15 -6.17 25.99
N MET A 208 -16.30 -5.01 25.37
CA MET A 208 -16.09 -3.73 26.13
C MET A 208 -16.74 -3.73 27.50
N THR A 209 -18.02 -4.11 27.57
CA THR A 209 -18.73 -4.15 28.86
C THR A 209 -18.14 -5.14 29.87
N THR A 210 -17.55 -6.28 29.43
CA THR A 210 -16.84 -7.15 30.38
C THR A 210 -15.66 -6.42 31.00
N VAL A 211 -15.00 -5.56 30.20
CA VAL A 211 -13.88 -4.76 30.77
C VAL A 211 -14.38 -3.70 31.77
N LEU A 212 -15.43 -3.00 31.43
CA LEU A 212 -15.98 -1.98 32.35
C LEU A 212 -16.42 -2.57 33.67
N ALA A 213 -16.81 -3.85 33.65
CA ALA A 213 -17.27 -4.47 34.88
C ALA A 213 -16.17 -4.66 35.94
N GLY A 214 -14.89 -4.46 35.56
CA GLY A 214 -13.78 -4.50 36.50
C GLY A 214 -13.30 -5.88 36.87
N GLY A 215 -13.79 -6.91 36.18
CA GLY A 215 -13.38 -8.29 36.41
C GLY A 215 -12.01 -8.63 35.77
N THR A 216 -11.49 -7.84 34.82
CA THR A 216 -10.31 -8.35 34.09
C THR A 216 -9.02 -8.08 34.85
N GLY A 217 -9.06 -7.13 35.77
CA GLY A 217 -7.87 -6.68 36.50
C GLY A 217 -7.01 -5.85 35.55
N GLU A 218 -7.49 -5.51 34.36
CA GLU A 218 -6.63 -4.79 33.42
C GLU A 218 -7.13 -3.35 33.22
N ASP A 219 -6.25 -2.43 32.88
CA ASP A 219 -6.71 -1.02 32.56
C ASP A 219 -6.21 -0.50 31.22
N GLN A 220 -5.66 -1.38 30.32
CA GLN A 220 -5.18 -0.93 29.04
C GLN A 220 -5.47 -2.09 28.17
N VAL A 221 -6.62 -2.04 27.55
CA VAL A 221 -7.22 -3.20 26.90
C VAL A 221 -7.57 -2.91 25.47
N ALA A 222 -7.21 -3.87 24.57
CA ALA A 222 -7.70 -3.87 23.24
C ALA A 222 -8.79 -4.98 23.03
N VAL A 223 -9.84 -4.67 22.24
CA VAL A 223 -10.99 -5.54 21.97
C VAL A 223 -10.88 -5.90 20.50
N ARG A 224 -10.71 -7.19 20.23
CA ARG A 224 -10.49 -7.62 18.87
C ARG A 224 -11.44 -8.76 18.57
N ALA A 225 -11.51 -9.12 17.30
CA ALA A 225 -12.34 -10.26 16.89
C ALA A 225 -11.98 -11.52 17.71
N SER A 226 -10.72 -11.63 18.09
CA SER A 226 -10.27 -12.79 18.91
C SER A 226 -10.71 -12.82 20.36
N GLY A 227 -10.99 -11.65 20.98
CA GLY A 227 -11.28 -11.57 22.39
C GLY A 227 -10.60 -10.31 22.97
N LEU A 228 -10.27 -10.35 24.26
CA LEU A 228 -9.57 -9.22 24.91
C LEU A 228 -8.05 -9.42 24.95
N LEU A 229 -7.32 -8.34 24.71
CA LEU A 229 -5.85 -8.26 24.84
C LEU A 229 -5.40 -7.13 25.80
N ALA A 230 -4.35 -7.36 26.59
CA ALA A 230 -3.91 -6.40 27.55
C ALA A 230 -2.45 -6.02 27.32
N ARG A 231 -2.20 -4.76 27.54
CA ARG A 231 -0.90 -4.13 27.24
C ARG A 231 0.22 -4.47 28.23
N ARG A 232 1.36 -4.81 27.68
CA ARG A 232 2.51 -5.27 28.50
C ARG A 232 3.78 -4.67 27.94
N LEU A 233 4.67 -4.15 28.77
CA LEU A 233 6.06 -3.87 28.37
C LEU A 233 6.94 -5.08 28.63
N VAL A 234 7.54 -5.63 27.59
CA VAL A 234 8.38 -6.79 27.76
C VAL A 234 9.78 -6.54 27.17
N ARG A 235 10.74 -7.39 27.54
CA ARG A 235 12.07 -7.30 26.88
C ARG A 235 11.98 -7.69 25.44
N ALA A 236 12.66 -6.93 24.62
CA ALA A 236 12.78 -7.23 23.21
C ALA A 236 14.22 -7.61 22.88
N SER A 237 14.76 -8.62 23.53
CA SER A 237 16.18 -8.93 23.28
C SER A 237 16.46 -9.46 21.80
N LEU A 238 17.72 -9.43 21.34
CA LEU A 238 18.06 -10.06 20.03
C LEU A 238 18.47 -11.52 20.18
N GLY A 242 21.06 -12.35 14.24
CA GLY A 242 22.30 -11.62 13.97
C GLY A 242 22.46 -11.22 12.50
N THR A 243 21.34 -11.06 11.81
CA THR A 243 21.36 -10.57 10.43
C THR A 243 20.79 -9.17 10.36
N ALA A 244 21.69 -8.20 10.24
CA ALA A 244 21.27 -6.80 10.08
C ALA A 244 20.98 -6.55 8.59
N SER A 245 20.39 -5.40 8.29
CA SER A 245 20.56 -4.85 6.96
C SER A 245 20.72 -3.32 6.97
N PRO A 246 21.35 -2.79 5.91
CA PRO A 246 21.58 -1.36 5.83
C PRO A 246 20.27 -0.60 5.82
N TRP A 247 20.26 0.53 6.55
CA TRP A 247 19.11 1.34 6.62
C TRP A 247 19.35 2.74 5.99
N TRP A 248 20.54 3.01 5.45
CA TRP A 248 20.86 4.24 4.72
C TRP A 248 21.83 3.81 3.60
N GLN A 249 21.84 4.61 2.52
CA GLN A 249 22.80 4.31 1.43
C GLN A 249 23.91 5.41 1.41
N ALA A 250 25.19 5.06 1.28
CA ALA A 250 26.31 6.05 1.25
C ALA A 250 26.11 7.16 0.18
N ASP A 251 25.53 6.79 -0.96
CA ASP A 251 25.26 7.79 -2.04
C ASP A 251 23.99 8.59 -1.80
N GLY A 252 23.24 8.30 -0.71
CA GLY A 252 21.92 8.96 -0.58
C GLY A 252 22.17 10.11 0.42
N THR A 253 21.21 11.00 0.60
CA THR A 253 21.29 12.04 1.63
C THR A 253 20.51 11.59 2.83
N VAL A 254 21.00 11.86 4.01
CA VAL A 254 20.25 11.49 5.20
C VAL A 254 19.96 12.82 5.86
N LEU A 255 18.70 13.04 6.12
CA LEU A 255 18.23 14.26 6.79
C LEU A 255 18.22 14.05 8.27
N VAL A 256 18.77 15.04 9.03
CA VAL A 256 18.69 15.04 10.43
C VAL A 256 18.05 16.36 10.84
N THR A 257 17.00 16.26 11.63
CA THR A 257 16.32 17.42 12.05
C THR A 257 16.68 17.75 13.46
N GLY A 258 16.38 19.01 13.78
CA GLY A 258 16.72 19.68 15.02
C GLY A 258 18.18 19.62 15.34
N ALA A 259 18.99 19.78 14.30
CA ALA A 259 20.47 19.71 14.35
C ALA A 259 21.19 20.72 15.21
N GLU A 260 20.50 21.77 15.65
CA GLU A 260 21.12 22.66 16.63
C GLU A 260 21.27 21.96 18.01
N GLU A 261 20.56 20.83 18.23
CA GLU A 261 20.61 20.09 19.53
C GLU A 261 21.69 19.02 19.61
N PRO A 262 22.22 18.76 20.82
CA PRO A 262 23.36 17.80 20.92
C PRO A 262 23.07 16.38 20.42
N ALA A 263 21.86 15.89 20.68
CA ALA A 263 21.51 14.53 20.21
C ALA A 263 21.65 14.41 18.72
N ALA A 264 21.27 15.46 18.01
CA ALA A 264 21.10 15.44 16.59
C ALA A 264 22.44 15.65 15.93
N ALA A 265 23.23 16.55 16.50
CA ALA A 265 24.68 16.62 16.17
C ALA A 265 25.49 15.32 16.29
N GLU A 266 25.38 14.62 17.42
CA GLU A 266 26.01 13.32 17.56
C GLU A 266 25.56 12.32 16.56
N ALA A 267 24.24 12.32 16.27
CA ALA A 267 23.71 11.39 15.24
C ALA A 267 24.31 11.64 13.88
N ALA A 268 24.39 12.89 13.50
CA ALA A 268 25.06 13.24 12.24
C ALA A 268 26.56 12.94 12.26
N ARG A 269 27.26 13.16 13.37
CA ARG A 269 28.67 12.74 13.49
C ARG A 269 28.78 11.25 13.30
N ARG A 270 27.89 10.52 13.94
CA ARG A 270 27.91 9.07 13.80
C ARG A 270 27.66 8.64 12.38
N LEU A 271 26.68 9.25 11.71
CA LEU A 271 26.43 8.84 10.30
C LEU A 271 27.65 9.10 9.42
N ALA A 272 28.28 10.22 9.63
CA ALA A 272 29.52 10.49 8.85
C ALA A 272 30.60 9.46 9.15
N ARG A 273 30.80 9.21 10.44
CA ARG A 273 31.79 8.22 10.80
C ARG A 273 31.51 6.86 10.16
N ASP A 274 30.25 6.47 10.10
CA ASP A 274 29.88 5.16 9.65
C ASP A 274 29.91 5.05 8.13
N GLY A 275 30.02 6.17 7.44
CA GLY A 275 30.25 6.11 5.97
C GLY A 275 29.21 6.90 5.18
N ALA A 276 28.30 7.66 5.82
CA ALA A 276 27.29 8.38 5.04
C ALA A 276 27.99 9.53 4.27
N GLY A 277 27.81 9.59 2.98
CA GLY A 277 28.45 10.63 2.15
C GLY A 277 27.73 12.00 2.10
N HIS A 278 26.45 12.09 2.46
CA HIS A 278 25.65 13.32 2.21
C HIS A 278 24.63 13.57 3.31
N LEU A 279 24.73 14.71 3.97
CA LEU A 279 23.91 14.99 5.10
C LEU A 279 23.15 16.31 4.88
N LEU A 280 21.87 16.31 5.26
CA LEU A 280 21.10 17.51 5.17
C LEU A 280 20.69 17.78 6.61
N LEU A 281 21.04 18.94 7.13
CA LEU A 281 20.87 19.21 8.55
C LEU A 281 19.84 20.32 8.65
N HIS A 282 18.72 20.05 9.35
CA HIS A 282 17.67 21.08 9.54
C HIS A 282 17.82 21.61 10.95
N THR A 283 17.68 22.94 11.09
CA THR A 283 17.59 23.57 12.41
C THR A 283 16.33 24.36 12.59
N THR A 284 15.86 24.33 13.82
CA THR A 284 14.59 24.95 14.18
C THR A 284 14.86 26.42 14.28
N PRO A 285 13.98 27.23 13.66
CA PRO A 285 14.17 28.71 13.58
C PRO A 285 14.46 29.36 14.94
N SER A 286 15.47 30.25 15.00
CA SER A 286 15.92 30.87 16.27
C SER A 286 14.87 31.76 16.94
N GLY A 302 24.34 22.07 14.48
CA GLY A 302 24.36 23.53 14.61
C GLY A 302 24.69 24.08 13.25
N LEU A 303 25.82 24.79 13.16
CA LEU A 303 26.14 25.61 12.01
C LEU A 303 27.58 25.34 11.39
N ALA A 304 28.30 26.42 11.05
CA ALA A 304 29.57 26.31 10.27
C ALA A 304 30.59 25.33 10.85
N GLY A 305 30.85 25.43 12.17
CA GLY A 305 31.75 24.48 12.87
C GLY A 305 31.43 23.02 12.53
N LEU A 306 30.16 22.66 12.67
CA LEU A 306 29.70 21.30 12.54
C LEU A 306 29.88 20.81 11.10
N VAL A 307 29.51 21.63 10.15
CA VAL A 307 29.71 21.33 8.70
C VAL A 307 31.18 21.07 8.32
N ALA A 308 32.06 21.90 8.85
CA ALA A 308 33.49 21.75 8.58
C ALA A 308 33.96 20.41 9.20
N GLU A 309 33.48 20.11 10.39
CA GLU A 309 33.78 18.87 11.15
C GLU A 309 33.29 17.61 10.38
N LEU A 310 32.05 17.66 9.89
CA LEU A 310 31.51 16.52 9.21
C LEU A 310 32.24 16.26 7.88
N ALA A 311 32.73 17.32 7.22
CA ALA A 311 33.55 17.18 6.01
C ALA A 311 34.82 16.39 6.38
N ASP A 312 35.52 16.77 7.46
CA ASP A 312 36.67 15.95 7.94
C ASP A 312 36.34 14.47 8.21
N LEU A 313 35.10 14.25 8.66
CA LEU A 313 34.63 12.89 9.02
C LEU A 313 34.17 12.14 7.80
N GLY A 314 34.02 12.88 6.68
CA GLY A 314 33.75 12.21 5.41
C GLY A 314 32.45 12.59 4.70
N ALA A 315 31.65 13.46 5.29
CA ALA A 315 30.34 13.75 4.61
C ALA A 315 30.25 15.17 4.13
N THR A 316 29.54 15.42 3.05
CA THR A 316 29.27 16.81 2.75
C THR A 316 27.88 17.07 3.28
N ALA A 317 27.83 18.07 4.15
CA ALA A 317 26.62 18.43 4.86
C ALA A 317 26.28 19.88 4.46
N THR A 318 24.99 20.10 4.36
CA THR A 318 24.48 21.42 4.16
C THR A 318 23.44 21.69 5.25
N VAL A 319 23.20 22.97 5.55
CA VAL A 319 22.34 23.31 6.69
C VAL A 319 21.18 24.13 6.17
N VAL A 320 19.94 23.77 6.54
CA VAL A 320 18.75 24.51 6.14
C VAL A 320 17.89 24.88 7.39
N THR A 321 17.17 25.98 7.33
CA THR A 321 16.39 26.43 8.47
C THR A 321 14.97 26.78 8.06
N CYS A 322 14.00 26.15 8.70
CA CYS A 322 12.57 26.44 8.46
C CYS A 322 11.71 25.66 9.45
N ASP A 323 10.43 26.09 9.53
CA ASP A 323 9.46 25.57 10.45
C ASP A 323 8.85 24.33 9.83
N LEU A 324 9.26 23.17 10.32
CA LEU A 324 8.75 21.91 9.76
C LEU A 324 7.26 21.67 10.15
N THR A 325 6.67 22.47 11.06
CA THR A 325 5.24 22.36 11.37
C THR A 325 4.43 23.06 10.23
N ASP A 326 5.15 23.71 9.31
CA ASP A 326 4.51 24.30 8.14
C ASP A 326 4.74 23.36 6.96
N ALA A 327 3.68 22.69 6.50
CA ALA A 327 3.83 21.69 5.43
C ALA A 327 4.54 22.19 4.12
N GLU A 328 4.25 23.41 3.67
CA GLU A 328 4.92 24.12 2.59
C GLU A 328 6.46 24.14 2.80
N ALA A 329 6.93 24.41 4.02
CA ALA A 329 8.37 24.50 4.24
C ALA A 329 8.95 23.09 4.23
N ALA A 330 8.23 22.13 4.83
CA ALA A 330 8.69 20.71 4.83
C ALA A 330 8.77 20.21 3.39
N ALA A 331 7.78 20.59 2.57
CA ALA A 331 7.77 20.23 1.16
C ALA A 331 8.98 20.82 0.39
N ARG A 332 9.33 22.05 0.72
CA ARG A 332 10.50 22.79 0.18
C ARG A 332 11.78 22.05 0.53
N LEU A 333 11.89 21.69 1.81
CA LEU A 333 13.05 21.00 2.32
C LEU A 333 13.28 19.79 1.47
N LEU A 334 12.25 18.95 1.34
CA LEU A 334 12.40 17.67 0.61
C LEU A 334 12.72 17.84 -0.84
N ALA A 335 12.10 18.85 -1.46
CA ALA A 335 12.30 19.09 -2.90
C ALA A 335 13.73 19.55 -3.18
N GLY A 336 14.37 20.15 -2.16
CA GLY A 336 15.76 20.61 -2.25
C GLY A 336 16.82 19.52 -2.28
N VAL A 337 16.47 18.27 -1.95
CA VAL A 337 17.42 17.16 -1.95
C VAL A 337 17.81 16.90 -3.43
N SER A 338 19.11 16.76 -3.65
CA SER A 338 19.65 16.56 -4.95
C SER A 338 19.19 15.23 -5.57
N ASP A 339 18.85 15.23 -6.83
CA ASP A 339 18.54 13.93 -7.47
C ASP A 339 19.70 12.95 -7.71
N ALA A 340 20.93 13.46 -7.67
CA ALA A 340 22.13 12.60 -7.71
C ALA A 340 22.27 11.85 -6.38
N HIS A 341 21.77 12.43 -5.29
CA HIS A 341 21.80 11.83 -3.97
C HIS A 341 20.39 11.75 -3.29
N PRO A 342 19.53 10.87 -3.78
CA PRO A 342 18.13 11.06 -3.26
C PRO A 342 18.02 10.78 -1.76
N LEU A 343 16.94 11.27 -1.17
CA LEU A 343 16.67 10.99 0.22
C LEU A 343 16.69 9.44 0.56
N SER A 344 17.57 9.04 1.49
CA SER A 344 17.79 7.66 1.93
C SER A 344 17.17 7.44 3.34
N ALA A 345 17.25 8.42 4.22
CA ALA A 345 16.75 8.24 5.55
C ALA A 345 16.53 9.57 6.22
N VAL A 346 15.57 9.61 7.12
CA VAL A 346 15.30 10.81 7.91
C VAL A 346 15.39 10.50 9.43
N LEU A 347 16.18 11.29 10.20
CA LEU A 347 16.24 11.18 11.62
C LEU A 347 15.54 12.39 12.15
N HIS A 348 14.34 12.17 12.65
CA HIS A 348 13.52 13.28 13.13
C HIS A 348 13.55 13.48 14.63
N LEU A 349 14.12 14.61 15.09
CA LEU A 349 14.34 14.86 16.52
C LEU A 349 13.58 16.12 16.89
N PRO A 350 12.27 15.98 17.20
CA PRO A 350 11.49 17.17 17.53
C PRO A 350 11.92 17.80 18.81
N PRO A 351 11.65 19.10 18.93
CA PRO A 351 12.15 19.84 20.09
C PRO A 351 11.60 19.33 21.41
N THR A 352 12.36 19.55 22.44
CA THR A 352 11.88 19.22 23.76
C THR A 352 10.76 20.23 24.12
N VAL A 353 9.85 19.82 24.99
CA VAL A 353 8.71 20.67 25.36
C VAL A 353 8.64 20.65 26.89
N ASP A 354 8.02 21.65 27.52
CA ASP A 354 7.76 21.56 28.96
C ASP A 354 6.45 20.91 29.30
N SER A 355 6.46 20.19 30.40
CA SER A 355 5.29 19.49 30.90
C SER A 355 4.58 20.22 32.07
N GLU A 356 3.31 19.89 32.32
CA GLU A 356 2.52 20.41 33.44
C GLU A 356 1.63 19.26 33.95
N PRO A 357 1.26 19.25 35.25
CA PRO A 357 0.21 18.28 35.60
C PRO A 357 -1.09 18.48 34.80
N LEU A 358 -1.87 17.43 34.60
CA LEU A 358 -3.10 17.59 33.80
C LEU A 358 -4.07 18.61 34.41
N ALA A 359 -4.21 18.58 35.74
CA ALA A 359 -5.13 19.51 36.45
C ALA A 359 -4.79 20.96 36.15
N ALA A 360 -3.52 21.21 35.90
CA ALA A 360 -3.01 22.59 35.78
C ALA A 360 -2.90 23.11 34.35
N THR A 361 -2.91 22.21 33.36
CA THR A 361 -2.88 22.63 31.98
C THR A 361 -4.27 22.92 31.44
N ASP A 362 -4.35 23.16 30.12
CA ASP A 362 -5.60 23.43 29.44
C ASP A 362 -5.44 23.01 27.98
N ALA A 363 -6.55 22.93 27.25
CA ALA A 363 -6.62 22.39 25.91
C ALA A 363 -5.72 23.08 24.90
N ASP A 364 -5.44 24.38 25.07
CA ASP A 364 -4.55 25.08 24.12
C ASP A 364 -3.05 24.75 24.36
N ALA A 365 -2.64 24.73 25.63
CA ALA A 365 -1.32 24.29 26.04
C ALA A 365 -1.02 22.83 25.57
N LEU A 366 -1.98 21.91 25.80
CA LEU A 366 -1.85 20.52 25.36
C LEU A 366 -1.61 20.49 23.83
N ALA A 367 -2.47 21.22 23.11
CA ALA A 367 -2.47 21.32 21.65
C ALA A 367 -1.15 21.81 21.10
N ARG A 368 -0.61 22.83 21.76
CA ARG A 368 0.75 23.33 21.45
C ARG A 368 1.82 22.29 21.62
N VAL A 369 1.70 21.43 22.63
CA VAL A 369 2.78 20.49 22.90
C VAL A 369 2.66 19.39 21.86
N VAL A 370 1.43 19.03 21.50
CA VAL A 370 1.21 18.01 20.45
C VAL A 370 1.83 18.50 19.12
N THR A 371 1.66 19.80 18.86
CA THR A 371 2.14 20.41 17.61
C THR A 371 3.66 20.31 17.57
N ALA A 372 4.33 20.73 18.65
CA ALA A 372 5.79 20.67 18.68
C ALA A 372 6.37 19.27 18.51
N LYS A 373 5.64 18.23 18.96
CA LYS A 373 6.18 16.87 18.94
C LYS A 373 5.76 16.08 17.72
N ALA A 374 4.59 16.38 17.23
CA ALA A 374 3.97 15.53 16.19
C ALA A 374 3.63 16.13 14.82
N THR A 375 3.40 17.41 14.71
CA THR A 375 2.94 17.99 13.40
C THR A 375 3.95 17.87 12.24
N ALA A 376 5.21 18.16 12.56
CA ALA A 376 6.22 17.96 11.52
C ALA A 376 6.32 16.50 11.03
N ALA A 377 6.17 15.54 11.96
CA ALA A 377 6.25 14.15 11.65
C ALA A 377 5.06 13.79 10.83
N LEU A 378 3.91 14.41 11.14
CA LEU A 378 2.70 14.23 10.32
C LEU A 378 2.96 14.62 8.89
N HIS A 379 3.57 15.79 8.67
CA HIS A 379 3.83 16.26 7.33
C HIS A 379 4.89 15.45 6.62
N LEU A 380 5.96 15.09 7.35
CA LEU A 380 7.00 14.31 6.71
C LEU A 380 6.45 12.95 6.19
N ASP A 381 5.65 12.31 7.03
CA ASP A 381 5.04 11.03 6.68
C ASP A 381 4.14 11.22 5.47
N ARG A 382 3.25 12.22 5.51
CA ARG A 382 2.42 12.51 4.32
C ARG A 382 3.18 12.85 3.01
N LEU A 383 4.05 13.85 3.04
CA LEU A 383 4.80 14.20 1.79
C LEU A 383 5.70 13.10 1.25
N LEU A 384 6.30 12.31 2.14
CA LEU A 384 7.11 11.14 1.73
C LEU A 384 6.26 10.02 1.18
N ARG A 385 5.06 9.89 1.71
CA ARG A 385 4.07 8.92 1.24
C ARG A 385 3.72 9.36 -0.19
N GLU A 386 3.40 10.65 -0.33
CA GLU A 386 2.92 11.25 -1.59
C GLU A 386 4.01 11.23 -2.71
N ALA A 387 5.28 11.16 -2.32
CA ALA A 387 6.37 11.02 -3.26
C ALA A 387 6.62 9.54 -3.64
N ALA A 388 5.71 8.64 -3.28
CA ALA A 388 5.99 7.21 -3.57
C ALA A 388 5.17 6.69 -4.74
N ARG A 393 13.12 3.44 -4.03
CA ARG A 393 13.29 2.85 -2.68
C ARG A 393 12.63 3.72 -1.59
N PRO A 394 11.85 3.10 -0.66
CA PRO A 394 11.31 3.96 0.42
C PRO A 394 12.42 4.50 1.32
N PRO A 395 12.45 5.80 1.53
CA PRO A 395 13.35 6.28 2.57
C PRO A 395 12.85 5.73 3.93
N VAL A 396 13.76 5.54 4.90
CA VAL A 396 13.41 5.25 6.27
C VAL A 396 13.13 6.56 7.07
N LEU A 397 12.01 6.60 7.77
CA LEU A 397 11.66 7.72 8.58
C LEU A 397 11.68 7.27 10.05
N VAL A 398 12.65 7.82 10.79
CA VAL A 398 12.89 7.45 12.10
C VAL A 398 12.46 8.58 13.00
N LEU A 399 11.44 8.29 13.82
CA LEU A 399 10.92 9.25 14.84
C LEU A 399 11.47 9.03 16.23
N PHE A 400 11.94 10.11 16.83
CA PHE A 400 12.41 10.06 18.22
C PHE A 400 11.24 10.37 19.14
N SER A 401 10.76 9.31 19.84
CA SER A 401 9.70 9.41 20.79
C SER A 401 10.32 9.25 22.18
N SER A 402 9.51 8.87 23.15
CA SER A 402 9.93 8.99 24.57
C SER A 402 9.22 7.92 25.38
N VAL A 403 9.90 7.42 26.40
CA VAL A 403 9.27 6.56 27.37
C VAL A 403 7.97 7.21 28.02
N ALA A 404 7.75 8.51 27.85
CA ALA A 404 6.52 9.19 28.41
C ALA A 404 5.30 8.65 27.65
N ALA A 405 5.52 8.25 26.40
CA ALA A 405 4.46 7.69 25.63
C ALA A 405 4.27 6.17 25.83
N ILE A 406 5.24 5.54 26.47
CA ILE A 406 5.24 4.07 26.64
C ILE A 406 4.58 3.71 27.98
N TRP A 407 5.10 4.26 29.07
CA TRP A 407 4.57 3.97 30.35
C TRP A 407 3.99 5.22 31.02
N GLY A 408 4.43 6.42 30.65
CA GLY A 408 3.83 7.65 31.29
C GLY A 408 4.59 8.05 32.56
N GLY A 409 4.38 9.26 33.01
CA GLY A 409 5.10 9.77 34.17
C GLY A 409 4.26 10.93 34.65
N ALA A 410 4.24 11.19 35.95
CA ALA A 410 3.46 12.32 36.42
C ALA A 410 4.07 13.61 35.85
N GLY A 411 3.22 14.50 35.40
CA GLY A 411 3.69 15.75 34.85
C GLY A 411 3.95 15.68 33.37
N GLN A 412 3.83 14.52 32.77
CA GLN A 412 4.21 14.41 31.34
C GLN A 412 3.07 14.25 30.37
N GLY A 413 1.87 14.65 30.80
CA GLY A 413 0.61 14.37 30.09
C GLY A 413 0.66 14.76 28.60
N ALA A 414 0.92 16.05 28.38
CA ALA A 414 1.03 16.62 27.06
C ALA A 414 2.16 15.98 26.25
N TYR A 415 3.32 15.81 26.88
CA TYR A 415 4.51 15.19 26.22
C TYR A 415 4.16 13.78 25.75
N ALA A 416 3.44 13.00 26.58
CA ALA A 416 2.97 11.66 26.21
C ALA A 416 1.92 11.62 25.09
N ALA A 417 0.93 12.51 25.13
CA ALA A 417 0.03 12.66 23.99
C ALA A 417 0.77 12.81 22.65
N GLY A 418 1.70 13.79 22.58
CA GLY A 418 2.31 14.12 21.26
C GLY A 418 3.21 12.98 20.77
N THR A 419 3.94 12.39 21.72
CA THR A 419 4.95 11.39 21.44
C THR A 419 4.20 10.08 21.17
N ALA A 420 3.04 9.89 21.82
CA ALA A 420 2.25 8.66 21.42
C ALA A 420 1.78 8.73 20.00
N PHE A 421 1.72 9.94 19.44
CA PHE A 421 1.26 10.02 18.05
C PHE A 421 2.33 9.46 17.17
N LEU A 422 3.62 9.72 17.53
CA LEU A 422 4.79 9.12 16.78
C LEU A 422 4.80 7.62 16.76
N ASP A 423 4.58 7.03 17.95
CA ASP A 423 4.57 5.58 18.10
C ASP A 423 3.40 5.01 17.30
N ALA A 424 2.28 5.71 17.26
CA ALA A 424 1.17 5.22 16.41
C ALA A 424 1.37 5.30 14.93
N LEU A 425 2.00 6.36 14.43
CA LEU A 425 2.41 6.45 13.00
C LEU A 425 3.16 5.20 12.65
N ALA A 426 4.05 4.71 13.53
CA ALA A 426 4.80 3.51 13.23
C ALA A 426 3.96 2.24 13.08
N GLY A 427 2.78 2.22 13.66
CA GLY A 427 1.91 1.08 13.58
C GLY A 427 0.87 1.07 12.45
N GLN A 428 0.86 2.11 11.60
CA GLN A 428 -0.04 2.31 10.46
C GLN A 428 0.49 1.50 9.25
N HIS A 429 -0.37 1.00 8.38
CA HIS A 429 0.11 0.29 7.20
C HIS A 429 0.64 1.30 6.16
N ARG A 430 1.75 1.01 5.53
CA ARG A 430 2.15 1.87 4.41
C ARG A 430 2.48 1.05 3.23
N ALA A 431 1.57 1.09 2.24
CA ALA A 431 1.65 0.31 1.02
C ALA A 431 2.95 0.52 0.28
N ASP A 432 3.45 1.76 0.28
CA ASP A 432 4.65 2.00 -0.55
C ASP A 432 5.85 2.60 0.20
N GLY A 433 5.71 2.79 1.51
CA GLY A 433 6.73 3.53 2.26
C GLY A 433 6.14 4.86 2.62
N PRO A 434 6.89 5.74 3.33
CA PRO A 434 8.20 5.42 3.90
C PRO A 434 8.05 4.33 4.98
N THR A 435 9.14 3.65 5.31
CA THR A 435 9.07 2.68 6.37
C THR A 435 9.33 3.48 7.63
N VAL A 436 8.35 3.58 8.51
CA VAL A 436 8.49 4.42 9.74
C VAL A 436 8.93 3.59 10.94
N THR A 437 9.95 4.05 11.69
CA THR A 437 10.31 3.39 12.94
C THR A 437 10.10 4.46 13.97
N SER A 438 9.44 4.15 15.10
CA SER A 438 9.45 5.05 16.22
C SER A 438 10.33 4.46 17.33
N VAL A 439 11.33 5.20 17.76
CA VAL A 439 12.08 4.72 18.92
C VAL A 439 11.75 5.54 20.19
N ALA A 440 11.27 4.87 21.24
CA ALA A 440 10.86 5.62 22.46
C ALA A 440 12.05 5.59 23.41
N TRP A 441 12.66 6.73 23.68
CA TRP A 441 13.89 6.80 24.45
C TRP A 441 13.66 7.26 25.85
N SER A 442 14.51 6.76 26.75
CA SER A 442 14.61 7.39 28.03
C SER A 442 15.59 8.53 27.86
N PRO A 443 15.61 9.49 28.81
CA PRO A 443 16.48 10.67 28.55
C PRO A 443 17.96 10.39 28.37
N TRP A 444 18.59 11.15 27.47
CA TRP A 444 20.03 11.08 27.20
C TRP A 444 20.81 12.00 28.12
N GLU A 445 22.01 11.56 28.48
CA GLU A 445 22.97 12.43 29.19
C GLU A 445 23.02 13.82 28.60
N GLY A 446 23.20 14.79 29.50
CA GLY A 446 23.32 16.15 29.10
C GLY A 446 21.97 16.82 28.93
N SER A 447 20.89 16.04 28.73
CA SER A 447 19.63 16.68 28.41
C SER A 447 18.99 17.29 29.66
N ARG A 448 18.10 18.27 29.45
CA ARG A 448 17.56 19.13 30.52
C ARG A 448 17.02 18.34 31.74
N VAL A 449 16.14 17.35 31.50
CA VAL A 449 15.57 16.54 32.60
C VAL A 449 16.59 15.77 33.40
N THR A 450 17.80 15.62 32.90
CA THR A 450 18.77 14.89 33.67
C THR A 450 19.44 15.86 34.67
N GLU A 451 19.04 17.14 34.63
CA GLU A 451 19.50 18.31 35.48
C GLU A 451 19.71 18.16 36.99
N GLY A 452 19.79 16.94 37.49
CA GLY A 452 19.88 16.76 38.92
C GLY A 452 18.65 17.12 39.77
N ALA A 453 17.87 18.17 39.47
CA ALA A 453 16.63 18.36 40.30
C ALA A 453 15.56 17.26 39.99
N THR A 454 14.93 17.42 38.83
CA THR A 454 14.12 16.38 38.20
C THR A 454 15.05 15.21 37.81
N GLY A 455 16.30 15.51 37.48
CA GLY A 455 17.33 14.52 37.19
C GLY A 455 17.56 13.55 38.32
N GLU A 456 17.71 14.07 39.54
CA GLU A 456 17.90 13.23 40.72
C GLU A 456 16.67 12.33 40.96
N ARG A 457 15.47 12.91 40.73
CA ARG A 457 14.23 12.16 40.82
C ARG A 457 14.25 10.92 39.84
N LEU A 458 14.64 11.18 38.60
CA LEU A 458 14.71 10.12 37.55
C LEU A 458 15.69 9.05 37.98
N ARG A 459 16.83 9.50 38.48
CA ARG A 459 17.86 8.56 38.88
C ARG A 459 17.39 7.69 40.02
N ARG A 460 16.65 8.29 40.96
CA ARG A 460 16.18 7.56 42.10
C ARG A 460 15.06 6.57 41.73
N LEU A 461 14.26 6.92 40.72
CA LEU A 461 13.37 5.97 40.03
C LEU A 461 14.12 4.92 39.19
N GLY A 462 15.44 4.93 39.24
CA GLY A 462 16.23 3.95 38.51
C GLY A 462 16.42 4.20 37.01
N LEU A 463 16.22 5.41 36.53
CA LEU A 463 16.46 5.76 35.12
C LEU A 463 17.84 6.42 35.01
N ARG A 464 18.78 5.73 34.38
CA ARG A 464 20.18 6.19 34.23
C ARG A 464 20.32 6.87 32.86
N PRO A 465 20.67 8.18 32.82
CA PRO A 465 20.77 8.83 31.49
C PRO A 465 21.68 8.09 30.54
N LEU A 466 21.22 8.04 29.28
CA LEU A 466 21.89 7.27 28.22
C LEU A 466 23.13 7.99 27.74
N ALA A 467 24.27 7.29 27.74
CA ALA A 467 25.42 7.90 26.98
C ALA A 467 25.07 7.94 25.47
N PRO A 468 25.40 9.06 24.82
CA PRO A 468 25.02 9.37 23.45
C PRO A 468 25.59 8.32 22.51
N ALA A 469 26.84 7.96 22.69
CA ALA A 469 27.48 6.93 21.89
C ALA A 469 26.77 5.57 21.94
N THR A 470 26.54 5.08 23.17
CA THR A 470 25.80 3.85 23.41
C THR A 470 24.38 3.89 22.85
N ALA A 471 23.68 5.00 23.07
CA ALA A 471 22.32 5.19 22.57
C ALA A 471 22.33 5.10 21.04
N LEU A 472 23.31 5.72 20.40
CA LEU A 472 23.26 5.73 18.94
C LEU A 472 23.60 4.35 18.42
N THR A 473 24.44 3.59 19.13
CA THR A 473 24.70 2.21 18.71
C THR A 473 23.40 1.40 18.88
N ALA A 474 22.63 1.64 19.95
CA ALA A 474 21.37 0.93 20.15
C ALA A 474 20.40 1.29 19.03
N LEU A 475 20.44 2.54 18.58
CA LEU A 475 19.56 3.00 17.48
C LEU A 475 19.91 2.25 16.20
N ASP A 476 21.22 2.21 15.89
CA ASP A 476 21.67 1.50 14.70
C ASP A 476 21.27 -0.02 14.72
N THR A 477 21.50 -0.71 15.85
CA THR A 477 21.11 -2.13 15.97
C THR A 477 19.60 -2.28 15.65
N ALA A 478 18.75 -1.40 16.23
CA ALA A 478 17.32 -1.51 15.99
C ALA A 478 16.97 -1.28 14.56
N LEU A 479 17.54 -0.26 13.90
CA LEU A 479 17.09 0.11 12.52
C LEU A 479 17.60 -1.03 11.67
N GLY A 480 18.78 -1.52 12.06
CA GLY A 480 19.46 -2.53 11.24
C GLY A 480 18.72 -3.88 11.34
N HIS A 481 18.05 -4.09 12.47
CA HIS A 481 17.32 -5.28 12.66
C HIS A 481 15.86 -5.29 12.18
N GLY A 482 15.42 -4.17 11.62
CA GLY A 482 14.12 -4.02 11.02
C GLY A 482 13.07 -3.57 12.03
N ASP A 483 13.45 -3.14 13.24
CA ASP A 483 12.48 -2.64 14.21
C ASP A 483 11.67 -1.48 13.68
N THR A 484 10.38 -1.51 13.99
CA THR A 484 9.40 -0.50 13.65
C THR A 484 8.95 0.26 14.91
N ALA A 485 8.95 -0.36 16.08
CA ALA A 485 8.54 0.32 17.32
C ALA A 485 9.39 -0.42 18.37
N VAL A 486 10.32 0.28 19.03
CA VAL A 486 11.11 -0.33 20.09
C VAL A 486 11.31 0.75 21.18
N THR A 487 11.46 0.35 22.44
CA THR A 487 11.82 1.30 23.53
C THR A 487 13.31 1.06 23.91
N ILE A 488 14.10 2.13 24.03
CA ILE A 488 15.48 1.96 24.42
C ILE A 488 15.60 2.76 25.72
N ALA A 489 15.89 2.06 26.80
CA ALA A 489 15.95 2.73 28.09
C ALA A 489 16.84 1.91 29.07
N ASP A 490 17.59 2.59 29.93
CA ASP A 490 18.47 1.95 30.89
C ASP A 490 17.72 2.10 32.20
N VAL A 491 17.10 1.00 32.65
CA VAL A 491 16.17 1.00 33.77
C VAL A 491 16.66 -0.03 34.81
N ASP A 492 16.86 0.42 36.06
CA ASP A 492 16.95 -0.50 37.20
C ASP A 492 15.51 -0.73 37.67
N TRP A 493 14.93 -1.86 37.26
CA TRP A 493 13.56 -2.21 37.58
C TRP A 493 13.27 -2.37 39.08
N SER A 494 14.29 -2.77 39.86
CA SER A 494 14.12 -2.91 41.29
C SER A 494 13.77 -1.52 41.95
N SER A 495 14.16 -0.40 41.31
CA SER A 495 13.77 0.95 41.78
C SER A 495 12.58 1.45 41.03
N PHE A 496 12.56 1.16 39.73
CA PHE A 496 11.49 1.70 38.92
C PHE A 496 10.09 1.13 39.21
N ALA A 497 9.96 -0.19 39.24
CA ALA A 497 8.65 -0.83 39.38
C ALA A 497 7.98 -0.46 40.71
N PRO A 498 8.71 -0.46 41.85
CA PRO A 498 7.98 0.07 43.07
C PRO A 498 7.60 1.56 42.92
N GLY A 499 8.52 2.39 42.38
CA GLY A 499 8.25 3.85 42.24
C GLY A 499 7.05 4.10 41.29
N PHE A 500 6.96 3.30 40.24
CA PHE A 500 5.85 3.42 39.24
C PHE A 500 4.48 2.99 39.82
N THR A 501 4.48 2.06 40.77
CA THR A 501 3.19 1.52 41.25
C THR A 501 2.83 2.02 42.64
N THR A 502 3.59 3.00 43.13
CA THR A 502 3.39 3.50 44.50
C THR A 502 2.00 4.11 44.65
N ALA A 503 1.54 4.87 43.67
CA ALA A 503 0.19 5.47 43.73
C ALA A 503 -0.90 4.69 43.02
N ARG A 504 -0.52 4.01 41.95
CA ARG A 504 -1.50 3.40 41.11
C ARG A 504 -1.06 1.94 40.87
N PRO A 505 -1.85 0.95 41.34
CA PRO A 505 -1.53 -0.46 40.88
C PRO A 505 -1.72 -0.62 39.37
N GLY A 506 -0.96 -1.52 38.76
CA GLY A 506 -1.22 -1.82 37.37
C GLY A 506 -0.50 -3.04 36.96
N THR A 507 -0.67 -3.37 35.71
CA THR A 507 -0.19 -4.69 35.25
C THR A 507 0.72 -4.56 34.04
N LEU A 508 1.06 -3.34 33.66
CA LEU A 508 1.94 -3.12 32.51
C LEU A 508 3.30 -3.84 32.61
N LEU A 509 3.82 -3.96 33.82
CA LEU A 509 5.13 -4.60 33.99
C LEU A 509 5.00 -6.07 34.51
N ALA A 510 3.83 -6.68 34.39
CA ALA A 510 3.57 -8.01 34.98
C ALA A 510 4.39 -9.08 34.32
N ASP A 511 4.77 -8.84 33.08
CA ASP A 511 5.42 -9.89 32.29
C ASP A 511 6.92 -9.52 32.01
N LEU A 512 7.48 -8.67 32.85
CA LEU A 512 8.86 -8.32 32.74
C LEU A 512 9.57 -8.74 34.03
N PRO A 513 10.31 -9.87 34.02
CA PRO A 513 10.88 -10.45 35.27
C PRO A 513 11.51 -9.52 36.34
N GLU A 514 12.46 -8.66 35.95
CA GLU A 514 13.12 -7.80 36.94
C GLU A 514 12.10 -6.84 37.56
N ALA A 515 11.05 -6.48 36.81
CA ALA A 515 10.09 -5.58 37.41
C ALA A 515 9.07 -6.33 38.25
N ARG A 516 8.53 -7.45 37.74
CA ARG A 516 7.50 -8.23 38.47
C ARG A 516 8.08 -8.77 39.78
N ARG A 517 9.36 -9.09 39.79
CA ARG A 517 9.91 -9.67 41.05
C ARG A 517 10.05 -8.60 42.15
N ALA A 518 9.99 -7.33 41.72
CA ALA A 518 10.04 -6.19 42.68
C ALA A 518 8.65 -5.78 43.12
N LEU A 519 7.70 -6.53 42.61
CA LEU A 519 6.28 -6.30 42.94
C LEU A 519 5.56 -7.48 43.68
N ASP A 520 4.37 -7.15 44.21
CA ASP A 520 3.39 -8.05 44.86
C ASP A 520 2.02 -7.93 44.10
N GLU A 521 1.19 -8.97 44.15
CA GLU A 521 -0.24 -8.85 43.84
C GLU A 521 -1.08 -8.32 45.02
N ASP B 26 42.84 5.31 -32.15
CA ASP B 26 43.01 6.25 -31.00
C ASP B 26 42.90 7.75 -31.40
N SER B 27 42.88 7.99 -32.72
CA SER B 27 42.59 9.32 -33.25
C SER B 27 41.08 9.64 -33.23
N TRP B 28 40.26 8.71 -32.73
CA TRP B 28 38.82 8.83 -32.61
C TRP B 28 38.36 9.32 -31.18
N ARG B 29 39.28 9.45 -30.25
CA ARG B 29 38.91 9.82 -28.85
C ARG B 29 38.93 11.33 -28.61
N TYR B 30 37.83 11.87 -28.10
CA TYR B 30 37.77 13.27 -27.75
C TYR B 30 37.14 13.37 -26.39
N ARG B 31 37.31 14.50 -25.75
CA ARG B 31 36.63 14.66 -24.48
C ARG B 31 36.24 16.11 -24.33
N ILE B 32 35.36 16.39 -23.39
CA ILE B 32 35.04 17.78 -23.05
C ILE B 32 35.97 18.25 -21.93
N ASP B 33 36.76 19.31 -22.15
CA ASP B 33 37.46 20.02 -21.05
C ASP B 33 36.91 21.40 -20.86
N TRP B 34 37.29 22.02 -19.75
CA TRP B 34 36.76 23.34 -19.44
C TRP B 34 37.92 24.30 -19.36
N LYS B 35 37.89 25.32 -20.21
CA LYS B 35 39.01 26.24 -20.31
C LYS B 35 38.73 27.43 -19.34
N ARG B 36 39.56 27.62 -18.34
CA ARG B 36 39.35 28.74 -17.39
C ARG B 36 39.74 30.03 -18.12
N LEU B 37 38.82 31.00 -18.11
CA LEU B 37 39.00 32.23 -18.84
C LEU B 37 39.85 33.25 -18.08
N ALA B 38 40.62 34.07 -18.79
CA ALA B 38 41.46 35.08 -18.10
C ALA B 38 40.52 36.11 -17.50
N VAL B 39 40.88 36.63 -16.31
CA VAL B 39 40.08 37.55 -15.45
C VAL B 39 40.07 39.03 -15.92
N GLY B 47 29.80 46.02 -19.49
CA GLY B 47 28.78 45.80 -18.44
C GLY B 47 27.36 45.58 -18.96
N LEU B 48 26.42 45.44 -18.04
CA LEU B 48 25.05 45.13 -18.38
C LEU B 48 24.14 46.38 -18.45
N SER B 49 23.16 46.41 -19.35
CA SER B 49 22.16 47.51 -19.46
C SER B 49 20.83 47.11 -20.14
N GLY B 50 19.84 47.98 -20.02
CA GLY B 50 18.53 47.74 -20.62
C GLY B 50 17.68 46.68 -19.86
N ARG B 51 16.51 46.41 -20.42
CA ARG B 51 15.49 45.54 -19.83
C ARG B 51 15.87 44.08 -19.94
N TRP B 52 16.01 43.41 -18.81
CA TRP B 52 16.26 41.98 -18.80
C TRP B 52 14.98 41.36 -18.32
N LEU B 53 14.48 40.38 -19.06
CA LEU B 53 13.30 39.61 -18.55
C LEU B 53 13.83 38.34 -17.86
N VAL B 54 13.43 38.10 -16.63
CA VAL B 54 14.01 36.94 -15.89
C VAL B 54 12.83 36.01 -15.67
N VAL B 55 12.82 34.83 -16.31
CA VAL B 55 11.60 33.98 -16.32
C VAL B 55 11.87 32.94 -15.25
N VAL B 56 10.97 32.79 -14.29
CA VAL B 56 11.19 32.01 -13.05
C VAL B 56 9.98 31.17 -12.78
N PRO B 57 10.23 29.94 -12.32
CA PRO B 57 9.07 29.16 -11.85
C PRO B 57 8.39 29.88 -10.69
N GLU B 58 7.07 30.03 -10.77
CA GLU B 58 6.40 30.88 -9.80
C GLU B 58 6.65 30.48 -8.34
N ASP B 59 6.75 29.19 -8.04
CA ASP B 59 6.90 28.80 -6.63
C ASP B 59 8.34 28.93 -6.11
N ARG B 60 9.23 29.36 -6.99
CA ARG B 60 10.60 29.68 -6.61
C ARG B 60 10.86 31.14 -6.74
N SER B 61 9.82 31.96 -6.65
CA SER B 61 9.93 33.36 -6.98
C SER B 61 11.00 33.98 -6.11
N ALA B 62 11.02 33.61 -4.83
CA ALA B 62 11.84 34.34 -3.89
C ALA B 62 13.35 33.99 -4.02
N GLU B 63 13.72 32.74 -4.39
CA GLU B 63 15.10 32.47 -4.80
C GLU B 63 15.16 33.18 -6.13
N ALA B 64 16.26 33.56 -6.68
CA ALA B 64 16.00 34.57 -7.80
C ALA B 64 16.11 35.95 -7.35
N ALA B 65 15.66 36.31 -6.14
CA ALA B 65 15.85 37.73 -5.73
C ALA B 65 17.32 38.06 -5.81
N PRO B 66 18.22 37.11 -5.36
CA PRO B 66 19.71 37.45 -5.43
C PRO B 66 20.17 37.58 -6.89
N VAL B 67 19.54 36.80 -7.79
CA VAL B 67 19.80 36.94 -9.24
C VAL B 67 19.40 38.30 -9.75
N LEU B 68 18.18 38.74 -9.41
CA LEU B 68 17.75 40.08 -9.79
C LEU B 68 18.66 41.16 -9.23
N ALA B 69 19.01 41.03 -7.96
CA ALA B 69 19.89 42.03 -7.32
C ALA B 69 21.25 42.11 -8.03
N ALA B 70 21.75 40.99 -8.56
CA ALA B 70 23.03 41.02 -9.24
C ALA B 70 22.93 41.61 -10.62
N LEU B 71 21.83 41.35 -11.36
CA LEU B 71 21.61 41.98 -12.66
C LEU B 71 21.52 43.49 -12.49
N SER B 72 20.73 43.92 -11.51
CA SER B 72 20.67 45.38 -11.19
C SER B 72 22.01 45.93 -10.75
N GLY B 73 22.72 45.19 -9.89
CA GLY B 73 24.07 45.60 -9.50
C GLY B 73 25.03 45.80 -10.69
N ALA B 74 24.92 44.97 -11.72
CA ALA B 74 25.70 45.11 -12.96
C ALA B 74 25.19 46.25 -13.87
N GLY B 75 24.11 46.91 -13.51
CA GLY B 75 23.58 47.96 -14.38
C GLY B 75 22.28 47.68 -15.11
N ALA B 76 21.80 46.43 -15.10
CA ALA B 76 20.54 46.19 -15.83
C ALA B 76 19.28 46.70 -15.11
N ASP B 77 18.19 46.73 -15.86
CA ASP B 77 16.84 47.05 -15.36
C ASP B 77 15.97 45.74 -15.48
N PRO B 78 16.11 44.80 -14.51
CA PRO B 78 15.43 43.51 -14.70
C PRO B 78 13.97 43.55 -14.30
N VAL B 79 13.21 42.68 -14.93
CA VAL B 79 11.80 42.42 -14.59
C VAL B 79 11.66 40.93 -14.38
N GLN B 80 11.09 40.57 -13.23
CA GLN B 80 10.86 39.17 -12.94
C GLN B 80 9.51 38.74 -13.42
N LEU B 81 9.50 37.72 -14.28
CA LEU B 81 8.21 37.17 -14.74
C LEU B 81 8.07 35.78 -14.08
N ASP B 82 7.17 35.68 -13.06
CA ASP B 82 6.91 34.40 -12.37
C ASP B 82 5.83 33.66 -13.11
N VAL B 83 6.17 32.45 -13.52
CA VAL B 83 5.44 31.67 -14.48
C VAL B 83 5.27 30.24 -13.93
N SER B 84 4.18 29.59 -14.37
CA SER B 84 3.85 28.25 -13.93
C SER B 84 4.63 27.33 -14.88
N PRO B 85 5.44 26.43 -14.33
CA PRO B 85 6.13 25.57 -15.33
C PRO B 85 5.17 24.59 -16.09
N LEU B 86 4.01 24.29 -15.54
CA LEU B 86 2.95 23.52 -16.25
C LEU B 86 2.06 24.41 -17.18
N GLY B 87 2.29 25.74 -17.18
CA GLY B 87 1.47 26.70 -17.99
C GLY B 87 1.58 26.38 -19.48
N ASP B 88 0.55 26.69 -20.26
CA ASP B 88 0.58 26.38 -21.68
C ASP B 88 1.42 27.42 -22.42
N ARG B 89 1.80 27.09 -23.63
CA ARG B 89 2.56 27.99 -24.45
C ARG B 89 1.83 29.34 -24.86
N GLN B 90 0.49 29.34 -25.00
CA GLN B 90 -0.22 30.55 -25.42
C GLN B 90 -0.28 31.56 -24.28
N ARG B 91 -0.43 31.02 -23.07
CA ARG B 91 -0.41 31.83 -21.85
C ARG B 91 0.98 32.45 -21.75
N LEU B 92 2.02 31.63 -21.90
CA LEU B 92 3.44 32.14 -21.78
C LEU B 92 3.75 33.25 -22.81
N ALA B 93 3.40 33.01 -24.08
CA ALA B 93 3.52 33.97 -25.15
C ALA B 93 2.82 35.28 -24.74
N ALA B 94 1.63 35.19 -24.14
CA ALA B 94 0.90 36.42 -23.75
C ALA B 94 1.62 37.19 -22.65
N THR B 95 2.18 36.45 -21.65
CA THR B 95 2.92 37.14 -20.64
C THR B 95 4.18 37.82 -21.20
N LEU B 96 4.89 37.12 -22.09
CA LEU B 96 6.08 37.67 -22.75
C LEU B 96 5.73 38.89 -23.66
N GLY B 97 4.60 38.80 -24.40
CA GLY B 97 4.12 39.88 -25.29
C GLY B 97 3.83 41.11 -24.46
N GLU B 98 3.27 40.87 -23.29
CA GLU B 98 2.89 41.97 -22.47
C GLU B 98 4.18 42.62 -21.92
N ALA B 99 5.17 41.80 -21.50
CA ALA B 99 6.42 42.41 -21.02
C ALA B 99 7.20 43.18 -22.11
N LEU B 100 7.22 42.62 -23.29
CA LEU B 100 7.87 43.20 -24.42
C LEU B 100 7.19 44.53 -24.74
N ALA B 101 5.86 44.56 -24.82
CA ALA B 101 5.17 45.86 -25.13
C ALA B 101 5.49 46.88 -24.02
N ALA B 102 5.54 46.45 -22.77
CA ALA B 102 5.81 47.35 -21.62
C ALA B 102 7.23 47.87 -21.56
N ALA B 103 8.18 47.20 -22.22
CA ALA B 103 9.55 47.64 -22.31
C ALA B 103 9.73 48.55 -23.52
N GLY B 104 8.65 48.81 -24.25
CA GLY B 104 8.71 49.66 -25.47
C GLY B 104 8.89 48.91 -26.77
N GLY B 105 8.72 47.59 -26.76
CA GLY B 105 8.79 46.87 -28.00
C GLY B 105 10.04 46.03 -28.21
N ALA B 106 11.02 46.16 -27.34
CA ALA B 106 12.25 45.37 -27.47
C ALA B 106 12.74 45.20 -26.04
N VAL B 107 13.49 44.15 -25.82
CA VAL B 107 14.23 44.05 -24.59
C VAL B 107 15.66 43.71 -24.87
N ASP B 108 16.50 43.70 -23.86
CA ASP B 108 17.94 43.51 -24.10
C ASP B 108 18.39 42.04 -23.92
N GLY B 109 17.63 41.26 -23.14
CA GLY B 109 18.03 39.89 -22.78
C GLY B 109 16.92 39.14 -22.07
N VAL B 110 16.90 37.81 -22.23
CA VAL B 110 15.99 37.01 -21.41
C VAL B 110 16.89 36.06 -20.64
N LEU B 111 16.66 35.94 -19.33
CA LEU B 111 17.36 34.97 -18.52
C LEU B 111 16.32 34.04 -17.95
N SER B 112 16.38 32.76 -18.38
CA SER B 112 15.54 31.69 -17.79
C SER B 112 16.21 30.99 -16.63
N LEU B 113 15.51 30.96 -15.49
CA LEU B 113 15.76 30.05 -14.40
C LEU B 113 14.82 28.83 -14.42
N LEU B 114 14.15 28.53 -15.55
CA LEU B 114 13.12 27.45 -15.53
C LEU B 114 13.73 26.07 -15.14
N ALA B 115 15.00 25.89 -15.48
CA ALA B 115 15.70 24.60 -15.24
C ALA B 115 15.74 24.30 -13.78
N TRP B 116 15.57 25.31 -12.91
CA TRP B 116 15.74 25.05 -11.53
C TRP B 116 14.61 24.21 -11.01
N ASP B 117 13.48 24.22 -11.72
CA ASP B 117 12.37 23.31 -11.37
C ASP B 117 12.68 21.90 -11.79
N GLU B 118 13.07 21.09 -10.82
CA GLU B 118 13.42 19.73 -11.07
C GLU B 118 12.34 18.77 -10.61
N SER B 119 11.17 19.25 -10.19
CA SER B 119 10.05 18.39 -9.81
C SER B 119 9.49 17.58 -10.99
N ALA B 120 8.83 16.47 -10.65
CA ALA B 120 8.27 15.54 -11.64
C ALA B 120 7.11 16.22 -12.37
N HIS B 121 6.99 15.92 -13.66
CA HIS B 121 5.87 16.35 -14.43
C HIS B 121 4.77 15.28 -14.33
N PRO B 122 3.53 15.70 -14.05
CA PRO B 122 2.48 14.67 -13.88
C PRO B 122 2.30 13.69 -15.01
N GLY B 123 2.60 14.01 -16.26
CA GLY B 123 2.42 13.07 -17.39
C GLY B 123 3.57 12.16 -17.81
N HIS B 124 4.65 12.11 -17.00
CA HIS B 124 5.90 11.41 -17.44
C HIS B 124 6.82 10.98 -16.29
N PRO B 125 7.50 9.88 -16.48
CA PRO B 125 8.42 9.42 -15.43
C PRO B 125 9.71 10.33 -15.35
N ALA B 126 10.53 10.08 -14.35
CA ALA B 126 11.83 10.74 -14.24
C ALA B 126 12.71 10.09 -15.35
N PRO B 127 13.78 10.79 -15.84
CA PRO B 127 14.29 12.05 -15.28
C PRO B 127 13.71 13.36 -15.84
N PHE B 128 12.75 13.26 -16.76
CA PHE B 128 12.14 14.49 -17.32
C PHE B 128 11.62 15.27 -16.18
N THR B 129 11.80 16.60 -16.20
CA THR B 129 11.25 17.42 -15.13
C THR B 129 10.31 18.50 -15.70
N ARG B 130 9.56 19.17 -14.83
CA ARG B 130 8.70 20.30 -15.26
C ARG B 130 9.59 21.37 -15.96
N GLY B 131 10.77 21.57 -15.40
CA GLY B 131 11.70 22.53 -15.95
C GLY B 131 12.21 22.24 -17.31
N THR B 132 12.36 20.95 -17.63
CA THR B 132 12.83 20.46 -18.92
C THR B 132 11.81 20.88 -20.04
N GLY B 133 10.53 20.53 -19.80
CA GLY B 133 9.39 20.99 -20.66
C GLY B 133 9.21 22.48 -20.74
N ALA B 134 9.20 23.18 -19.62
CA ALA B 134 8.93 24.59 -19.62
C ALA B 134 10.00 25.31 -20.45
N THR B 135 11.25 24.82 -20.42
CA THR B 135 12.32 25.53 -21.16
C THR B 135 12.05 25.46 -22.66
N LEU B 136 11.66 24.27 -23.14
CA LEU B 136 11.23 24.19 -24.54
C LEU B 136 10.01 25.10 -24.82
N THR B 137 9.02 25.08 -23.93
CA THR B 137 7.92 25.99 -24.09
C THR B 137 8.35 27.49 -24.23
N LEU B 138 9.37 27.89 -23.48
CA LEU B 138 9.81 29.24 -23.45
C LEU B 138 10.55 29.50 -24.73
N VAL B 139 11.36 28.55 -25.22
CA VAL B 139 12.05 28.78 -26.48
C VAL B 139 10.96 29.03 -27.58
N GLN B 140 9.87 28.26 -27.61
CA GLN B 140 8.75 28.45 -28.57
C GLN B 140 7.95 29.77 -28.37
N ALA B 141 7.62 30.04 -27.13
CA ALA B 141 6.81 31.23 -26.80
C ALA B 141 7.49 32.56 -27.11
N LEU B 142 8.82 32.61 -27.01
CA LEU B 142 9.55 33.82 -27.25
C LEU B 142 9.40 34.23 -28.69
N GLU B 143 9.39 33.22 -29.55
CA GLU B 143 9.16 33.51 -30.94
C GLU B 143 7.68 33.82 -31.18
N ASP B 144 6.75 33.09 -30.55
CA ASP B 144 5.31 33.48 -30.66
C ASP B 144 5.10 34.95 -30.29
N ALA B 145 5.89 35.46 -29.33
CA ALA B 145 5.68 36.83 -28.85
C ALA B 145 6.51 37.89 -29.59
N GLY B 146 7.33 37.45 -30.53
CA GLY B 146 8.20 38.37 -31.25
C GLY B 146 9.35 38.92 -30.40
N VAL B 147 9.85 38.15 -29.44
CA VAL B 147 10.97 38.69 -28.66
C VAL B 147 12.28 38.32 -29.40
N ALA B 148 13.03 39.33 -29.81
CA ALA B 148 14.27 39.17 -30.53
C ALA B 148 15.48 38.95 -29.63
N ALA B 149 15.41 39.42 -28.38
CA ALA B 149 16.66 39.45 -27.53
C ALA B 149 17.22 38.03 -27.24
N PRO B 150 18.51 37.92 -26.95
CA PRO B 150 19.12 36.61 -26.71
C PRO B 150 18.60 35.90 -25.47
N LEU B 151 18.39 34.59 -25.56
CA LEU B 151 17.95 33.78 -24.48
C LEU B 151 19.13 33.13 -23.82
N TRP B 152 19.26 33.31 -22.51
CA TRP B 152 20.26 32.65 -21.68
C TRP B 152 19.57 31.76 -20.66
N CYS B 153 20.04 30.50 -20.58
CA CYS B 153 19.45 29.49 -19.67
C CYS B 153 20.47 29.18 -18.62
N VAL B 154 20.09 29.44 -17.34
CA VAL B 154 20.98 29.22 -16.17
C VAL B 154 20.66 27.91 -15.49
N THR B 155 21.71 27.14 -15.17
CA THR B 155 21.50 25.93 -14.45
C THR B 155 22.42 25.93 -13.25
N HIS B 156 22.17 24.94 -12.39
CA HIS B 156 23.16 24.57 -11.32
C HIS B 156 23.34 23.04 -11.28
N GLY B 157 24.59 22.60 -11.00
CA GLY B 157 24.93 21.23 -10.76
C GLY B 157 24.87 20.45 -12.03
N ALA B 158 24.84 21.10 -13.24
CA ALA B 158 24.52 20.33 -14.45
C ALA B 158 25.70 19.82 -15.16
N VAL B 159 26.88 20.38 -14.90
CA VAL B 159 28.09 19.97 -15.62
C VAL B 159 29.18 19.74 -14.63
N SER B 160 30.12 18.89 -15.00
CA SER B 160 31.41 18.72 -14.24
C SER B 160 32.61 19.34 -14.96
N VAL B 161 33.32 20.21 -14.28
CA VAL B 161 34.53 20.82 -14.88
C VAL B 161 35.80 20.05 -14.62
N GLY B 162 35.68 18.89 -13.98
CA GLY B 162 36.87 17.96 -13.71
C GLY B 162 36.47 16.83 -12.75
N ARG B 163 37.30 15.80 -12.53
CA ARG B 163 36.80 14.63 -11.86
C ARG B 163 36.28 14.93 -10.49
N ALA B 164 36.75 16.02 -9.86
CA ALA B 164 36.40 16.34 -8.46
C ALA B 164 35.19 17.28 -8.40
N ASP B 165 34.64 17.67 -9.55
CA ASP B 165 33.53 18.70 -9.49
C ASP B 165 32.36 17.87 -9.95
N HIS B 166 31.56 17.39 -9.01
CA HIS B 166 30.61 16.31 -9.35
C HIS B 166 29.24 16.86 -9.86
N VAL B 167 28.67 16.25 -10.92
CA VAL B 167 27.29 16.56 -11.29
C VAL B 167 26.28 16.28 -10.16
N THR B 168 25.50 17.30 -9.78
CA THR B 168 24.54 17.01 -8.71
C THR B 168 23.10 17.21 -9.27
N SER B 169 22.96 17.62 -10.56
CA SER B 169 21.63 17.89 -11.18
C SER B 169 21.69 17.39 -12.61
N PRO B 170 21.72 16.09 -12.77
CA PRO B 170 21.90 15.59 -14.09
C PRO B 170 20.68 15.92 -14.95
N ALA B 171 19.51 16.15 -14.35
CA ALA B 171 18.35 16.55 -15.19
C ALA B 171 18.59 17.89 -15.82
N GLN B 172 19.26 18.85 -15.12
CA GLN B 172 19.49 20.17 -15.76
C GLN B 172 20.47 20.11 -16.91
N ALA B 173 21.34 19.12 -16.90
CA ALA B 173 22.15 18.83 -18.11
C ALA B 173 21.31 18.67 -19.39
N MET B 174 20.09 18.22 -19.24
CA MET B 174 19.22 18.09 -20.43
C MET B 174 18.91 19.41 -21.11
N VAL B 175 18.86 20.49 -20.35
CA VAL B 175 18.69 21.84 -20.92
C VAL B 175 19.94 22.25 -21.73
N TRP B 176 21.12 21.79 -21.29
CA TRP B 176 22.39 22.06 -22.01
C TRP B 176 22.28 21.29 -23.32
N GLY B 177 21.77 20.07 -23.27
CA GLY B 177 21.71 19.20 -24.54
C GLY B 177 20.78 19.88 -25.60
N MET B 178 19.56 20.27 -25.20
CA MET B 178 18.59 20.95 -26.07
C MET B 178 19.13 22.33 -26.46
N GLY B 179 19.52 23.12 -25.47
CA GLY B 179 20.20 24.35 -25.71
C GLY B 179 21.28 24.43 -26.80
N ARG B 180 22.26 23.49 -26.83
CA ARG B 180 23.20 23.47 -27.97
C ARG B 180 22.45 23.40 -29.30
N VAL B 181 21.33 22.67 -29.30
CA VAL B 181 20.55 22.50 -30.56
C VAL B 181 19.75 23.82 -30.93
N ALA B 182 19.22 24.47 -29.90
CA ALA B 182 18.59 25.77 -29.99
C ALA B 182 19.49 26.79 -30.63
N ALA B 183 20.78 26.75 -30.32
CA ALA B 183 21.75 27.68 -30.87
C ALA B 183 21.91 27.44 -32.34
N LEU B 184 21.79 26.18 -32.78
CA LEU B 184 21.90 25.89 -34.17
C LEU B 184 20.65 26.26 -34.98
N GLU B 185 19.47 26.01 -34.41
CA GLU B 185 18.18 26.21 -35.04
C GLU B 185 17.70 27.65 -34.95
N HIS B 186 18.15 28.35 -33.91
CA HIS B 186 17.71 29.72 -33.71
C HIS B 186 18.88 30.58 -33.43
N PRO B 187 19.85 30.70 -34.35
CA PRO B 187 21.10 31.37 -33.90
C PRO B 187 21.01 32.87 -33.49
N GLU B 188 20.11 33.59 -34.14
CA GLU B 188 19.92 34.99 -33.87
C GLU B 188 19.33 35.32 -32.51
N ARG B 189 18.63 34.37 -31.85
CA ARG B 189 17.97 34.76 -30.57
C ARG B 189 18.39 33.84 -29.38
N TRP B 190 19.50 33.10 -29.50
CA TRP B 190 19.99 32.19 -28.42
C TRP B 190 21.25 32.83 -27.84
N GLY B 191 21.28 33.05 -26.52
CA GLY B 191 22.42 33.75 -25.87
C GLY B 191 23.38 32.63 -25.51
N GLY B 192 22.94 31.74 -24.62
CA GLY B 192 23.79 30.62 -24.26
C GLY B 192 23.37 29.96 -22.95
N LEU B 193 24.36 29.28 -22.36
CA LEU B 193 24.15 28.40 -21.23
C LEU B 193 25.21 28.77 -20.18
N ILE B 194 24.75 28.89 -18.93
CA ILE B 194 25.61 29.13 -17.82
C ILE B 194 25.29 28.25 -16.61
N ASP B 195 26.28 27.53 -16.09
CA ASP B 195 26.01 26.73 -14.91
C ASP B 195 26.61 27.38 -13.73
N LEU B 196 25.80 27.63 -12.73
CA LEU B 196 26.30 28.19 -11.47
C LEU B 196 26.60 27.09 -10.42
N PRO B 197 27.30 27.44 -9.33
CA PRO B 197 27.35 26.57 -8.12
C PRO B 197 25.93 26.46 -7.51
N SER B 198 25.58 25.30 -6.94
CA SER B 198 24.32 25.14 -6.22
C SER B 198 24.09 26.28 -5.24
N ASP B 199 25.07 26.53 -4.39
CA ASP B 199 24.86 27.69 -3.54
C ASP B 199 25.67 28.92 -3.96
N ALA B 200 25.36 29.42 -5.16
CA ALA B 200 26.11 30.57 -5.75
C ALA B 200 26.11 31.72 -4.77
N ASP B 201 27.29 32.32 -4.55
CA ASP B 201 27.42 33.52 -3.70
C ASP B 201 27.34 34.74 -4.60
N ARG B 202 27.34 35.96 -4.02
CA ARG B 202 27.25 37.10 -4.92
C ARG B 202 28.47 37.18 -5.89
N ALA B 203 29.66 36.75 -5.51
CA ALA B 203 30.71 36.79 -6.49
C ALA B 203 30.46 35.86 -7.71
N ALA B 204 29.84 34.67 -7.51
CA ALA B 204 29.57 33.79 -8.68
C ALA B 204 28.49 34.47 -9.56
N LEU B 205 27.47 35.05 -8.93
CA LEU B 205 26.45 35.82 -9.71
C LEU B 205 27.04 36.98 -10.51
N ASP B 206 28.00 37.72 -9.92
CA ASP B 206 28.65 38.81 -10.70
C ASP B 206 29.38 38.23 -11.92
N ARG B 207 30.08 37.11 -11.77
CA ARG B 207 30.72 36.44 -12.95
C ARG B 207 29.65 36.05 -14.01
N MET B 208 28.50 35.56 -13.57
CA MET B 208 27.40 35.29 -14.53
C MET B 208 27.04 36.57 -15.29
N THR B 209 26.88 37.73 -14.60
CA THR B 209 26.57 38.93 -15.34
C THR B 209 27.65 39.35 -16.31
N THR B 210 28.94 39.06 -16.03
CA THR B 210 29.96 39.30 -17.02
C THR B 210 29.69 38.50 -18.33
N VAL B 211 29.21 37.28 -18.19
CA VAL B 211 28.96 36.45 -19.40
C VAL B 211 27.70 37.07 -20.13
N LEU B 212 26.73 37.53 -19.34
CA LEU B 212 25.47 38.08 -19.92
C LEU B 212 25.74 39.39 -20.68
N ALA B 213 26.81 40.10 -20.31
CA ALA B 213 27.22 41.34 -20.94
C ALA B 213 27.65 41.11 -22.37
N GLY B 214 28.17 39.94 -22.66
CA GLY B 214 28.24 39.51 -24.06
C GLY B 214 29.64 39.67 -24.60
N GLY B 215 30.59 40.02 -23.75
CA GLY B 215 31.94 40.33 -24.18
C GLY B 215 32.99 39.22 -24.10
N THR B 216 32.63 38.11 -23.49
CA THR B 216 33.55 36.96 -23.36
C THR B 216 33.64 36.22 -24.66
N GLY B 217 32.57 36.28 -25.44
CA GLY B 217 32.46 35.54 -26.70
C GLY B 217 32.20 34.06 -26.49
N GLU B 218 31.84 33.68 -25.27
CA GLU B 218 31.53 32.26 -25.01
C GLU B 218 30.04 32.11 -24.77
N ASP B 219 29.47 30.96 -25.13
CA ASP B 219 28.03 30.69 -24.92
C ASP B 219 27.80 29.42 -24.12
N GLN B 220 28.86 28.79 -23.55
CA GLN B 220 28.69 27.51 -22.79
C GLN B 220 29.65 27.57 -21.65
N VAL B 221 29.19 28.10 -20.50
CA VAL B 221 30.08 28.56 -19.46
C VAL B 221 29.71 27.98 -18.12
N ALA B 222 30.74 27.57 -17.36
CA ALA B 222 30.51 27.26 -15.93
C ALA B 222 31.16 28.27 -15.04
N VAL B 223 30.47 28.61 -13.98
CA VAL B 223 30.94 29.51 -12.98
C VAL B 223 31.30 28.67 -11.73
N ARG B 224 32.55 28.76 -11.32
CA ARG B 224 33.09 27.96 -10.18
C ARG B 224 33.94 28.79 -9.25
N ALA B 225 34.47 28.19 -8.20
CA ALA B 225 35.31 29.02 -7.33
C ALA B 225 36.60 29.44 -8.09
N SER B 226 37.04 28.63 -9.05
CA SER B 226 38.20 29.05 -9.81
C SER B 226 37.97 30.23 -10.75
N GLY B 227 36.71 30.58 -11.05
CA GLY B 227 36.48 31.66 -12.03
C GLY B 227 35.45 31.27 -13.03
N LEU B 228 35.70 31.58 -14.28
CA LEU B 228 34.70 31.30 -15.32
C LEU B 228 35.41 30.28 -16.17
N LEU B 229 34.70 29.27 -16.63
CA LEU B 229 35.30 28.32 -17.54
C LEU B 229 34.43 28.07 -18.69
N ALA B 230 35.02 27.81 -19.88
CA ALA B 230 34.19 27.62 -21.07
C ALA B 230 34.46 26.28 -21.68
N ARG B 231 33.41 25.70 -22.29
CA ARG B 231 33.40 24.31 -22.70
C ARG B 231 34.20 24.13 -24.01
N ARG B 232 35.04 23.09 -24.07
CA ARG B 232 35.96 22.87 -25.21
C ARG B 232 35.97 21.38 -25.54
N LEU B 233 35.94 21.06 -26.84
CA LEU B 233 36.13 19.68 -27.29
C LEU B 233 37.64 19.49 -27.59
N VAL B 234 38.28 18.53 -26.95
CA VAL B 234 39.78 18.39 -27.08
C VAL B 234 40.10 16.96 -27.34
N ARG B 235 41.37 16.66 -27.72
CA ARG B 235 41.74 15.22 -27.85
C ARG B 235 41.77 14.53 -26.51
N ALA B 236 41.36 13.27 -26.46
CA ALA B 236 41.36 12.51 -25.20
C ALA B 236 42.48 11.50 -25.18
N SER B 237 43.73 12.01 -25.20
CA SER B 237 44.95 11.15 -25.38
C SER B 237 45.12 10.26 -24.12
N LEU B 238 45.57 9.04 -24.29
CA LEU B 238 45.73 8.14 -23.13
C LEU B 238 47.20 8.23 -22.60
N PRO B 239 47.42 8.46 -21.27
CA PRO B 239 48.72 8.50 -20.56
C PRO B 239 49.52 7.30 -20.96
N ALA B 240 50.80 7.49 -21.29
CA ALA B 240 51.46 6.42 -22.13
C ALA B 240 51.53 5.09 -21.38
N HIS B 241 51.81 5.15 -20.09
CA HIS B 241 51.66 3.99 -19.23
C HIS B 241 50.26 3.36 -19.33
N GLY B 242 49.35 3.80 -18.46
CA GLY B 242 47.96 3.42 -18.49
C GLY B 242 47.82 2.04 -17.92
N THR B 243 48.16 1.08 -18.76
CA THR B 243 47.89 -0.36 -18.56
C THR B 243 46.38 -0.60 -18.47
N ALA B 244 45.87 -1.30 -19.48
CA ALA B 244 44.50 -1.75 -19.51
C ALA B 244 44.24 -2.60 -18.27
N SER B 245 42.99 -2.67 -17.86
CA SER B 245 42.57 -3.71 -16.97
C SER B 245 41.19 -4.19 -17.39
N PRO B 246 40.83 -5.42 -17.01
CA PRO B 246 39.58 -6.03 -17.53
C PRO B 246 38.32 -5.31 -17.04
N TRP B 247 37.30 -5.17 -17.87
CA TRP B 247 36.04 -4.55 -17.40
C TRP B 247 34.90 -5.57 -17.39
N TRP B 248 35.25 -6.84 -17.62
CA TRP B 248 34.30 -7.92 -17.39
C TRP B 248 35.14 -9.16 -16.99
N GLN B 249 34.49 -10.07 -16.28
CA GLN B 249 35.10 -11.38 -15.96
C GLN B 249 34.40 -12.49 -16.74
N ALA B 250 35.19 -13.39 -17.31
CA ALA B 250 34.63 -14.43 -18.18
C ALA B 250 33.61 -15.29 -17.42
N ASP B 251 33.83 -15.44 -16.11
CA ASP B 251 32.89 -16.23 -15.30
C ASP B 251 31.52 -15.60 -15.15
N GLY B 252 31.46 -14.27 -15.25
CA GLY B 252 30.25 -13.50 -14.93
C GLY B 252 29.27 -13.37 -16.05
N THR B 253 28.21 -12.58 -15.82
CA THR B 253 27.25 -12.27 -16.86
C THR B 253 27.47 -10.85 -17.35
N VAL B 254 27.48 -10.71 -18.67
CA VAL B 254 27.37 -9.41 -19.29
C VAL B 254 25.95 -9.28 -19.86
N LEU B 255 25.29 -8.20 -19.47
CA LEU B 255 24.01 -7.80 -20.05
C LEU B 255 24.20 -6.74 -21.16
N VAL B 256 23.64 -6.99 -22.34
CA VAL B 256 23.55 -6.08 -23.45
C VAL B 256 22.06 -5.77 -23.71
N THR B 257 21.64 -4.52 -23.49
CA THR B 257 20.26 -4.14 -23.79
C THR B 257 20.06 -3.70 -25.23
N GLY B 258 18.79 -3.62 -25.65
CA GLY B 258 18.44 -3.19 -27.00
C GLY B 258 19.07 -4.13 -28.04
N ALA B 259 19.12 -5.39 -27.72
CA ALA B 259 19.85 -6.36 -28.56
C ALA B 259 19.19 -6.69 -29.93
N GLU B 260 18.00 -6.14 -30.20
CA GLU B 260 17.35 -6.21 -31.53
C GLU B 260 17.98 -5.28 -32.60
N GLU B 261 18.75 -4.26 -32.17
CA GLU B 261 19.47 -3.34 -33.08
C GLU B 261 20.86 -3.88 -33.43
N PRO B 262 21.38 -3.55 -34.63
CA PRO B 262 22.61 -4.23 -35.02
C PRO B 262 23.77 -3.92 -34.08
N ALA B 263 23.82 -2.68 -33.54
CA ALA B 263 24.94 -2.27 -32.70
C ALA B 263 25.06 -3.15 -31.46
N ALA B 264 23.94 -3.49 -30.88
CA ALA B 264 23.92 -4.32 -29.70
C ALA B 264 24.28 -5.79 -30.09
N ALA B 265 23.71 -6.24 -31.21
CA ALA B 265 24.09 -7.54 -31.79
C ALA B 265 25.63 -7.65 -31.87
N GLU B 266 26.28 -6.70 -32.55
CA GLU B 266 27.73 -6.77 -32.67
C GLU B 266 28.47 -6.71 -31.33
N ALA B 267 27.99 -5.95 -30.35
CA ALA B 267 28.72 -5.84 -29.10
C ALA B 267 28.73 -7.19 -28.41
N ALA B 268 27.56 -7.83 -28.42
CA ALA B 268 27.32 -9.16 -27.94
C ALA B 268 28.29 -10.15 -28.63
N ARG B 269 28.34 -10.10 -29.97
CA ARG B 269 29.36 -10.86 -30.75
C ARG B 269 30.78 -10.63 -30.32
N ARG B 270 31.19 -9.37 -30.22
CA ARG B 270 32.57 -9.09 -29.84
C ARG B 270 32.86 -9.67 -28.48
N LEU B 271 31.93 -9.49 -27.52
CA LEU B 271 32.08 -10.06 -26.19
C LEU B 271 32.32 -11.59 -26.29
N ALA B 272 31.49 -12.27 -27.08
CA ALA B 272 31.61 -13.71 -27.27
C ALA B 272 33.02 -14.02 -27.85
N ARG B 273 33.33 -13.35 -28.96
CA ARG B 273 34.67 -13.44 -29.57
C ARG B 273 35.80 -13.35 -28.54
N ASP B 274 35.68 -12.43 -27.59
CA ASP B 274 36.74 -12.17 -26.64
C ASP B 274 36.76 -13.14 -25.46
N GLY B 275 35.85 -14.10 -25.44
CA GLY B 275 35.86 -15.13 -24.40
C GLY B 275 34.95 -14.88 -23.22
N ALA B 276 33.89 -14.09 -23.42
CA ALA B 276 32.87 -13.96 -22.38
C ALA B 276 32.01 -15.23 -22.37
N GLY B 277 31.77 -15.79 -21.18
CA GLY B 277 30.97 -17.03 -21.11
C GLY B 277 29.45 -16.93 -21.13
N HIS B 278 28.93 -15.81 -20.60
CA HIS B 278 27.52 -15.67 -20.22
C HIS B 278 27.00 -14.25 -20.50
N LEU B 279 25.98 -14.20 -21.37
CA LEU B 279 25.45 -12.99 -21.98
C LEU B 279 23.94 -12.96 -21.81
N LEU B 280 23.48 -11.88 -21.24
CA LEU B 280 22.09 -11.67 -21.08
C LEU B 280 21.72 -10.60 -22.06
N LEU B 281 20.81 -10.92 -22.96
CA LEU B 281 20.38 -10.07 -24.06
C LEU B 281 18.95 -9.67 -23.82
N HIS B 282 18.77 -8.39 -23.50
CA HIS B 282 17.48 -7.76 -23.39
C HIS B 282 17.11 -7.15 -24.74
N THR B 283 15.82 -7.25 -25.12
CA THR B 283 15.28 -6.59 -26.32
C THR B 283 14.09 -5.70 -25.91
N THR B 284 14.01 -4.53 -26.51
CA THR B 284 12.91 -3.64 -26.20
C THR B 284 11.61 -4.14 -26.91
N PRO B 285 10.44 -4.03 -26.26
CA PRO B 285 9.14 -4.31 -26.86
C PRO B 285 8.83 -3.51 -28.15
N SER B 286 7.61 -3.68 -28.65
CA SER B 286 7.06 -2.99 -29.83
C SER B 286 5.60 -3.37 -29.94
N GLY B 305 18.96 -17.65 -32.89
CA GLY B 305 19.56 -17.27 -34.15
C GLY B 305 20.90 -16.60 -33.90
N LEU B 306 20.82 -15.34 -33.46
CA LEU B 306 21.98 -14.63 -32.93
C LEU B 306 22.56 -15.44 -31.73
N VAL B 307 21.67 -16.02 -30.94
CA VAL B 307 22.01 -17.01 -29.91
C VAL B 307 22.91 -18.18 -30.41
N ALA B 308 22.64 -18.63 -31.65
CA ALA B 308 23.47 -19.62 -32.37
C ALA B 308 24.89 -19.15 -32.73
N GLU B 309 25.03 -17.91 -33.22
CA GLU B 309 26.37 -17.33 -33.45
C GLU B 309 27.22 -17.30 -32.17
N LEU B 310 26.59 -16.88 -31.06
CA LEU B 310 27.27 -16.69 -29.78
C LEU B 310 27.72 -18.00 -29.13
N ALA B 311 26.84 -19.01 -29.13
CA ALA B 311 27.19 -20.38 -28.68
C ALA B 311 28.42 -20.91 -29.46
N ASP B 312 28.39 -20.77 -30.79
CA ASP B 312 29.54 -21.13 -31.65
C ASP B 312 30.79 -20.36 -31.29
N LEU B 313 30.64 -19.15 -30.75
CA LEU B 313 31.80 -18.36 -30.32
C LEU B 313 32.30 -18.70 -28.93
N GLY B 314 31.43 -19.34 -28.16
CA GLY B 314 31.82 -19.84 -26.85
C GLY B 314 30.94 -19.33 -25.72
N ALA B 315 29.92 -18.55 -26.06
CA ALA B 315 29.15 -17.89 -25.03
C ALA B 315 27.71 -18.40 -24.95
N THR B 316 27.23 -18.66 -23.75
CA THR B 316 25.84 -19.07 -23.63
C THR B 316 24.95 -17.83 -23.30
N ALA B 317 24.13 -17.45 -24.27
CA ALA B 317 23.24 -16.29 -24.15
C ALA B 317 21.80 -16.69 -23.80
N THR B 318 21.13 -15.83 -23.04
CA THR B 318 19.71 -15.92 -22.72
C THR B 318 19.04 -14.63 -23.23
N VAL B 319 17.78 -14.71 -23.65
CA VAL B 319 17.10 -13.59 -24.25
C VAL B 319 15.85 -13.25 -23.45
N VAL B 320 15.76 -11.99 -23.03
CA VAL B 320 14.61 -11.51 -22.24
C VAL B 320 14.01 -10.26 -22.88
N THR B 321 12.73 -10.01 -22.59
CA THR B 321 11.98 -8.91 -23.16
C THR B 321 11.17 -8.26 -22.05
N CYS B 322 11.37 -6.95 -21.94
CA CYS B 322 10.58 -6.09 -21.06
C CYS B 322 10.95 -4.60 -21.29
N ASP B 323 10.22 -3.73 -20.59
CA ASP B 323 10.34 -2.31 -20.73
C ASP B 323 11.18 -1.81 -19.57
N LEU B 324 12.45 -1.53 -19.87
CA LEU B 324 13.40 -1.10 -18.86
C LEU B 324 13.10 0.26 -18.21
N THR B 325 12.11 0.96 -18.74
CA THR B 325 11.70 2.29 -18.19
C THR B 325 10.76 2.10 -17.00
N ASP B 326 10.32 0.86 -16.84
CA ASP B 326 9.53 0.41 -15.70
C ASP B 326 10.54 -0.09 -14.71
N ALA B 327 10.63 0.59 -13.58
CA ALA B 327 11.67 0.25 -12.62
C ALA B 327 11.43 -1.14 -12.01
N GLU B 328 10.15 -1.56 -11.98
CA GLU B 328 9.81 -2.91 -11.50
C GLU B 328 10.35 -4.04 -12.43
N ALA B 329 10.17 -3.89 -13.75
CA ALA B 329 10.78 -4.74 -14.76
C ALA B 329 12.31 -4.78 -14.63
N ALA B 330 12.91 -3.60 -14.45
CA ALA B 330 14.39 -3.48 -14.45
C ALA B 330 14.96 -4.29 -13.30
N ALA B 331 14.30 -4.16 -12.14
CA ALA B 331 14.58 -4.96 -10.95
C ALA B 331 14.49 -6.49 -11.18
N ARG B 332 13.43 -6.94 -11.86
CA ARG B 332 13.26 -8.35 -12.22
C ARG B 332 14.36 -8.87 -13.16
N LEU B 333 14.67 -8.12 -14.23
CA LEU B 333 15.75 -8.50 -15.16
C LEU B 333 17.05 -8.72 -14.39
N LEU B 334 17.42 -7.80 -13.51
CA LEU B 334 18.65 -7.95 -12.76
C LEU B 334 18.57 -9.15 -11.80
N ALA B 335 17.39 -9.40 -11.20
CA ALA B 335 17.17 -10.52 -10.26
C ALA B 335 17.22 -11.85 -11.00
N GLY B 336 16.91 -11.81 -12.30
CA GLY B 336 16.98 -12.98 -13.20
C GLY B 336 18.37 -13.41 -13.59
N VAL B 337 19.39 -12.60 -13.27
CA VAL B 337 20.77 -12.98 -13.54
C VAL B 337 21.16 -14.13 -12.60
N SER B 338 21.73 -15.16 -13.19
CA SER B 338 22.16 -16.37 -12.46
C SER B 338 23.12 -16.05 -11.31
N ASP B 339 22.93 -16.69 -10.16
CA ASP B 339 23.82 -16.48 -9.02
C ASP B 339 25.21 -17.08 -9.22
N ALA B 340 25.27 -18.11 -10.06
CA ALA B 340 26.56 -18.78 -10.38
C ALA B 340 27.41 -17.91 -11.31
N HIS B 341 26.74 -16.95 -11.97
CA HIS B 341 27.38 -16.00 -12.89
C HIS B 341 26.83 -14.57 -12.67
N PRO B 342 27.28 -13.89 -11.60
CA PRO B 342 26.77 -12.57 -11.24
C PRO B 342 27.14 -11.47 -12.26
N LEU B 343 26.21 -10.55 -12.48
CA LEU B 343 26.52 -9.38 -13.29
C LEU B 343 27.95 -8.83 -13.17
N SER B 344 28.61 -8.79 -14.32
CA SER B 344 29.95 -8.25 -14.38
C SER B 344 29.97 -6.88 -15.07
N ALA B 345 29.10 -6.67 -16.05
CA ALA B 345 29.04 -5.41 -16.79
C ALA B 345 27.74 -5.30 -17.54
N VAL B 346 27.37 -4.06 -17.87
CA VAL B 346 26.13 -3.79 -18.59
C VAL B 346 26.48 -2.88 -19.76
N LEU B 347 26.16 -3.30 -20.98
CA LEU B 347 26.25 -2.40 -22.14
C LEU B 347 24.83 -1.96 -22.48
N HIS B 348 24.50 -0.70 -22.12
CA HIS B 348 23.15 -0.19 -22.34
C HIS B 348 23.06 0.63 -23.64
N LEU B 349 22.30 0.10 -24.61
CA LEU B 349 22.08 0.73 -25.92
C LEU B 349 20.61 1.10 -26.03
N PRO B 350 20.19 2.25 -25.47
CA PRO B 350 18.80 2.63 -25.62
C PRO B 350 18.37 2.81 -27.08
N PRO B 351 17.09 2.60 -27.34
CA PRO B 351 16.64 2.55 -28.72
C PRO B 351 16.71 3.92 -29.42
N THR B 352 16.71 3.83 -30.75
CA THR B 352 16.74 4.96 -31.64
C THR B 352 15.44 5.78 -31.53
N VAL B 353 15.52 7.09 -31.70
CA VAL B 353 14.33 7.97 -31.61
C VAL B 353 14.31 8.91 -32.78
N ASP B 354 13.14 9.49 -33.04
CA ASP B 354 13.02 10.42 -34.16
C ASP B 354 13.44 11.87 -33.92
N SER B 355 14.18 12.44 -34.87
CA SER B 355 14.53 13.90 -34.95
C SER B 355 13.34 14.82 -35.23
N GLU B 356 13.37 16.04 -34.71
CA GLU B 356 12.35 17.04 -34.98
C GLU B 356 12.84 18.43 -34.56
N PRO B 357 12.70 19.42 -35.47
CA PRO B 357 13.10 20.80 -35.05
C PRO B 357 12.36 21.18 -33.79
N LEU B 358 13.05 21.91 -32.89
CA LEU B 358 12.45 22.45 -31.67
C LEU B 358 11.10 23.22 -31.92
N ALA B 359 11.08 24.05 -32.93
CA ALA B 359 9.89 24.86 -33.27
C ALA B 359 8.66 23.99 -33.61
N ALA B 360 8.88 22.77 -34.11
CA ALA B 360 7.76 21.89 -34.51
C ALA B 360 7.38 20.85 -33.44
N THR B 361 8.26 20.57 -32.47
CA THR B 361 7.90 19.59 -31.43
C THR B 361 7.08 20.22 -30.33
N ASP B 362 6.78 19.44 -29.32
CA ASP B 362 6.09 19.91 -28.12
C ASP B 362 6.66 19.16 -26.88
N ALA B 363 6.23 19.56 -25.69
CA ALA B 363 6.89 19.15 -24.45
C ALA B 363 6.70 17.67 -24.25
N ASP B 364 5.56 17.17 -24.77
CA ASP B 364 5.22 15.81 -24.53
C ASP B 364 6.08 14.98 -25.44
N ALA B 365 6.20 15.36 -26.70
CA ALA B 365 7.09 14.62 -27.60
C ALA B 365 8.53 14.60 -27.06
N LEU B 366 9.02 15.73 -26.51
CA LEU B 366 10.40 15.78 -25.95
C LEU B 366 10.58 14.84 -24.76
N ALA B 367 9.64 14.92 -23.82
CA ALA B 367 9.53 14.03 -22.65
C ALA B 367 9.62 12.55 -22.99
N ARG B 368 8.87 12.17 -24.03
CA ARG B 368 8.92 10.81 -24.50
C ARG B 368 10.26 10.42 -24.98
N VAL B 369 10.96 11.29 -25.71
CA VAL B 369 12.30 10.93 -26.20
C VAL B 369 13.25 10.83 -25.01
N VAL B 370 13.08 11.74 -24.04
CA VAL B 370 13.96 11.65 -22.92
C VAL B 370 13.82 10.30 -22.22
N THR B 371 12.57 9.87 -22.07
CA THR B 371 12.23 8.66 -21.37
C THR B 371 12.87 7.50 -22.14
N ALA B 372 12.73 7.51 -23.47
CA ALA B 372 13.27 6.44 -24.29
C ALA B 372 14.80 6.34 -24.22
N LYS B 373 15.48 7.46 -24.06
CA LYS B 373 16.95 7.51 -23.90
C LYS B 373 17.53 7.39 -22.49
N ALA B 374 16.84 7.93 -21.46
CA ALA B 374 17.42 8.18 -20.16
C ALA B 374 16.80 7.33 -19.01
N THR B 375 15.52 6.98 -19.06
CA THR B 375 14.88 6.42 -17.83
C THR B 375 15.40 5.03 -17.38
N ALA B 376 15.61 4.13 -18.34
CA ALA B 376 16.20 2.85 -18.00
C ALA B 376 17.65 3.01 -17.41
N ALA B 377 18.44 3.91 -17.98
CA ALA B 377 19.79 4.18 -17.45
C ALA B 377 19.73 4.64 -16.05
N LEU B 378 18.72 5.48 -15.76
CA LEU B 378 18.51 5.94 -14.41
C LEU B 378 18.21 4.79 -13.49
N HIS B 379 17.32 3.89 -13.95
CA HIS B 379 16.94 2.74 -13.13
C HIS B 379 18.14 1.80 -12.89
N LEU B 380 18.86 1.47 -13.98
CA LEU B 380 19.97 0.51 -13.85
C LEU B 380 20.98 1.00 -12.84
N ASP B 381 21.30 2.29 -12.94
CA ASP B 381 22.29 2.95 -12.11
C ASP B 381 21.84 2.83 -10.69
N ARG B 382 20.58 3.15 -10.41
CA ARG B 382 20.15 3.08 -9.00
C ARG B 382 20.10 1.65 -8.46
N LEU B 383 19.67 0.73 -9.32
CA LEU B 383 19.61 -0.67 -8.92
C LEU B 383 20.96 -1.30 -8.64
N LEU B 384 22.01 -0.74 -9.21
CA LEU B 384 23.34 -1.32 -9.09
C LEU B 384 24.16 -0.70 -7.97
N ARG B 385 23.66 0.34 -7.32
CA ARG B 385 24.47 0.94 -6.21
C ARG B 385 24.94 -0.01 -5.03
N GLU B 386 24.31 -1.16 -4.87
CA GLU B 386 24.63 -2.02 -3.70
C GLU B 386 25.50 -3.23 -4.03
N ALA B 387 25.90 -3.36 -5.31
CA ALA B 387 26.49 -4.64 -5.84
C ALA B 387 27.87 -5.14 -5.29
N PRO B 394 32.37 -4.31 -8.22
CA PRO B 394 31.35 -3.37 -8.80
C PRO B 394 31.20 -3.57 -10.30
N PRO B 395 30.03 -3.90 -10.79
CA PRO B 395 29.93 -4.05 -12.23
C PRO B 395 30.09 -2.70 -12.99
N VAL B 396 30.42 -2.79 -14.26
CA VAL B 396 30.62 -1.64 -15.08
C VAL B 396 29.26 -1.30 -15.77
N LEU B 397 28.84 -0.04 -15.77
CA LEU B 397 27.60 0.33 -16.44
C LEU B 397 28.00 1.26 -17.60
N VAL B 398 27.84 0.81 -18.85
CA VAL B 398 28.34 1.55 -20.02
C VAL B 398 27.12 2.17 -20.70
N LEU B 399 27.08 3.48 -20.88
CA LEU B 399 25.92 4.10 -21.49
C LEU B 399 26.32 4.50 -22.87
N PHE B 400 25.62 4.02 -23.90
CA PHE B 400 25.78 4.50 -25.25
C PHE B 400 25.04 5.82 -25.51
N SER B 401 25.80 6.90 -25.60
CA SER B 401 25.25 8.24 -25.77
C SER B 401 25.57 8.62 -27.18
N SER B 402 25.55 9.90 -27.48
CA SER B 402 25.66 10.25 -28.89
C SER B 402 26.34 11.57 -28.99
N VAL B 403 27.07 11.84 -30.07
CA VAL B 403 27.63 13.16 -30.25
C VAL B 403 26.57 14.29 -30.35
N ALA B 404 25.30 13.94 -30.57
CA ALA B 404 24.14 14.91 -30.43
C ALA B 404 24.16 15.68 -29.11
N ALA B 405 24.55 15.01 -28.04
CA ALA B 405 24.66 15.60 -26.70
C ALA B 405 26.01 16.30 -26.47
N ILE B 406 26.92 16.13 -27.45
CA ILE B 406 28.24 16.77 -27.37
C ILE B 406 28.32 18.09 -28.11
N TRP B 407 27.91 18.08 -29.38
CA TRP B 407 27.90 19.36 -30.17
C TRP B 407 26.57 19.70 -30.72
N GLY B 408 25.68 18.71 -30.79
CA GLY B 408 24.29 18.96 -31.18
C GLY B 408 24.17 18.99 -32.69
N GLY B 409 22.96 18.81 -33.22
CA GLY B 409 22.76 19.12 -34.63
C GLY B 409 21.33 19.45 -34.90
N ALA B 410 21.06 20.01 -36.10
CA ALA B 410 19.72 20.42 -36.47
C ALA B 410 18.74 19.24 -36.29
N GLY B 411 17.58 19.50 -35.71
CA GLY B 411 16.55 18.47 -35.53
C GLY B 411 16.77 17.46 -34.39
N GLN B 412 17.93 17.45 -33.71
CA GLN B 412 18.18 16.43 -32.71
C GLN B 412 17.96 16.96 -31.28
N GLY B 413 17.09 17.95 -31.16
CA GLY B 413 16.82 18.63 -29.86
C GLY B 413 16.50 17.68 -28.72
N ALA B 414 15.49 16.86 -28.91
CA ALA B 414 15.10 15.92 -27.85
C ALA B 414 16.14 14.81 -27.68
N TYR B 415 16.70 14.39 -28.81
CA TYR B 415 17.75 13.36 -28.83
C TYR B 415 18.90 13.87 -27.94
N ALA B 416 19.43 15.06 -28.25
CA ALA B 416 20.45 15.72 -27.42
C ALA B 416 20.09 15.79 -25.92
N ALA B 417 18.84 16.18 -25.61
CA ALA B 417 18.39 16.39 -24.25
C ALA B 417 18.51 15.05 -23.51
N GLY B 418 17.98 13.95 -24.10
CA GLY B 418 18.00 12.75 -23.32
C GLY B 418 19.42 12.14 -23.26
N THR B 419 20.22 12.33 -24.30
CA THR B 419 21.52 11.71 -24.35
C THR B 419 22.49 12.52 -23.45
N ALA B 420 22.17 13.82 -23.18
CA ALA B 420 23.01 14.67 -22.33
C ALA B 420 22.81 14.14 -20.88
N PHE B 421 21.67 13.54 -20.62
CA PHE B 421 21.42 12.92 -19.32
C PHE B 421 22.34 11.79 -19.04
N LEU B 422 22.63 10.96 -20.05
CA LEU B 422 23.60 9.88 -19.85
C LEU B 422 25.01 10.38 -19.48
N ASP B 423 25.49 11.42 -20.18
CA ASP B 423 26.80 11.96 -19.95
C ASP B 423 26.83 12.59 -18.60
N ALA B 424 25.71 13.17 -18.17
CA ALA B 424 25.71 13.78 -16.85
C ALA B 424 25.68 12.70 -15.72
N LEU B 425 24.97 11.61 -15.94
CA LEU B 425 25.03 10.47 -15.01
C LEU B 425 26.45 9.97 -14.73
N ALA B 426 27.30 9.97 -15.78
CA ALA B 426 28.72 9.68 -15.69
C ALA B 426 29.55 10.60 -14.88
N GLY B 427 29.12 11.86 -14.73
CA GLY B 427 29.76 12.84 -13.83
C GLY B 427 29.29 12.89 -12.36
N GLN B 428 28.36 12.02 -11.93
CA GLN B 428 27.89 12.10 -10.51
C GLN B 428 28.88 11.28 -9.68
N HIS B 429 28.95 11.61 -8.39
CA HIS B 429 29.87 10.92 -7.43
C HIS B 429 29.19 9.65 -6.95
N ARG B 430 29.92 8.54 -6.94
CA ARG B 430 29.38 7.23 -6.47
C ARG B 430 30.36 6.68 -5.45
N ALA B 431 29.91 6.38 -4.24
CA ALA B 431 30.89 5.82 -3.26
C ALA B 431 31.45 4.48 -3.68
N ASP B 432 30.62 3.60 -4.22
CA ASP B 432 31.07 2.20 -4.44
C ASP B 432 30.41 1.56 -5.64
N GLY B 433 30.46 2.22 -6.79
CA GLY B 433 29.93 1.61 -8.03
C GLY B 433 28.43 1.88 -8.21
N PRO B 434 27.89 1.53 -9.38
CA PRO B 434 28.70 0.92 -10.48
C PRO B 434 29.72 1.89 -11.10
N THR B 435 30.66 1.36 -11.89
CA THR B 435 31.59 2.23 -12.53
C THR B 435 30.93 2.67 -13.85
N VAL B 436 30.42 3.89 -13.84
CA VAL B 436 29.66 4.41 -15.02
C VAL B 436 30.57 5.06 -16.02
N THR B 437 30.49 4.59 -17.27
CA THR B 437 31.09 5.26 -18.42
C THR B 437 30.02 5.65 -19.40
N SER B 438 30.05 6.89 -19.86
CA SER B 438 29.19 7.34 -20.96
C SER B 438 30.06 7.56 -22.17
N VAL B 439 29.76 6.80 -23.21
CA VAL B 439 30.44 6.96 -24.48
C VAL B 439 29.49 7.62 -25.51
N ALA B 440 29.92 8.79 -26.01
CA ALA B 440 29.14 9.57 -26.96
C ALA B 440 29.67 9.21 -28.38
N TRP B 441 28.85 8.51 -29.14
CA TRP B 441 29.25 7.93 -30.42
C TRP B 441 28.84 8.80 -31.58
N SER B 442 29.65 8.80 -32.65
CA SER B 442 29.11 9.16 -33.96
C SER B 442 28.47 7.90 -34.50
N PRO B 443 27.50 8.06 -35.41
CA PRO B 443 26.74 6.92 -35.94
C PRO B 443 27.64 5.87 -36.58
N TRP B 444 27.32 4.62 -36.33
CA TRP B 444 28.09 3.53 -36.85
C TRP B 444 27.56 3.17 -38.24
N GLU B 445 28.42 2.57 -39.08
CA GLU B 445 28.01 1.83 -40.28
C GLU B 445 26.83 0.89 -40.03
N GLY B 446 25.85 0.91 -40.92
CA GLY B 446 24.70 -0.01 -40.82
C GLY B 446 23.50 0.49 -40.02
N SER B 447 23.70 1.52 -39.20
CA SER B 447 22.56 2.13 -38.49
C SER B 447 21.73 2.91 -39.51
N ARG B 448 20.44 3.16 -39.23
CA ARG B 448 19.61 3.75 -40.28
C ARG B 448 20.04 5.16 -40.74
N VAL B 449 20.65 5.93 -39.84
CA VAL B 449 21.03 7.31 -40.15
C VAL B 449 22.17 7.41 -41.19
N THR B 450 23.05 6.39 -41.24
CA THR B 450 24.20 6.41 -42.17
C THR B 450 23.86 5.96 -43.58
N GLU B 451 22.61 5.55 -43.76
CA GLU B 451 22.14 5.00 -45.02
C GLU B 451 21.30 6.04 -45.79
N GLY B 452 21.46 6.05 -47.11
CA GLY B 452 20.67 6.92 -47.98
C GLY B 452 21.09 8.36 -47.88
N ALA B 453 20.09 9.26 -47.86
CA ALA B 453 20.25 10.72 -47.91
C ALA B 453 20.74 11.41 -46.62
N THR B 454 20.35 10.84 -45.46
CA THR B 454 20.71 11.35 -44.11
C THR B 454 22.21 11.21 -43.79
N GLY B 455 23.04 11.89 -44.55
CA GLY B 455 24.45 11.53 -44.61
C GLY B 455 24.63 10.27 -45.41
N GLU B 456 24.88 10.33 -46.72
CA GLU B 456 25.28 11.51 -47.51
C GLU B 456 25.56 12.87 -46.89
N ARG B 457 24.55 13.43 -46.23
CA ARG B 457 24.69 14.69 -45.54
C ARG B 457 25.74 14.64 -44.39
N LEU B 458 25.69 13.61 -43.53
CA LEU B 458 26.71 13.54 -42.50
C LEU B 458 28.13 13.21 -43.01
N ARG B 459 28.26 12.44 -44.10
CA ARG B 459 29.57 12.28 -44.77
C ARG B 459 30.02 13.62 -45.36
N ARG B 460 29.09 14.35 -45.96
CA ARG B 460 29.36 15.71 -46.44
C ARG B 460 29.96 16.57 -45.31
N LEU B 461 29.17 16.75 -44.25
CA LEU B 461 29.54 17.48 -43.04
C LEU B 461 30.84 17.02 -42.33
N GLY B 462 31.38 15.85 -42.69
CA GLY B 462 32.67 15.40 -42.18
C GLY B 462 32.66 14.21 -41.24
N LEU B 463 31.49 13.68 -40.93
CA LEU B 463 31.43 12.47 -40.11
C LEU B 463 31.45 11.19 -40.95
N ARG B 464 32.54 10.45 -40.83
CA ARG B 464 32.66 9.16 -41.53
C ARG B 464 32.07 8.07 -40.64
N PRO B 465 31.10 7.30 -41.17
CA PRO B 465 30.53 6.27 -40.31
C PRO B 465 31.59 5.32 -39.74
N LEU B 466 31.36 4.85 -38.52
CA LEU B 466 32.29 4.04 -37.77
C LEU B 466 32.15 2.55 -38.08
N ALA B 467 33.22 1.91 -38.56
CA ALA B 467 33.18 0.47 -38.70
C ALA B 467 32.87 -0.18 -37.33
N PRO B 468 31.84 -1.05 -37.25
CA PRO B 468 31.52 -1.54 -35.91
C PRO B 468 32.67 -2.29 -35.20
N ALA B 469 33.47 -2.99 -36.00
CA ALA B 469 34.62 -3.72 -35.48
C ALA B 469 35.60 -2.74 -34.81
N THR B 470 35.86 -1.64 -35.50
CA THR B 470 36.82 -0.69 -34.98
C THR B 470 36.24 0.07 -33.74
N ALA B 471 34.96 0.45 -33.85
CA ALA B 471 34.22 1.14 -32.74
C ALA B 471 34.34 0.36 -31.43
N LEU B 472 34.13 -0.95 -31.53
CA LEU B 472 34.15 -1.86 -30.37
C LEU B 472 35.55 -2.07 -29.80
N THR B 473 36.59 -2.05 -30.66
CA THR B 473 37.98 -2.03 -30.15
C THR B 473 38.17 -0.72 -29.41
N ALA B 474 37.61 0.37 -29.94
CA ALA B 474 37.80 1.67 -29.29
C ALA B 474 37.06 1.67 -27.97
N LEU B 475 35.90 1.01 -27.90
CA LEU B 475 35.17 0.89 -26.61
C LEU B 475 35.99 0.09 -25.59
N ASP B 476 36.61 -0.95 -26.09
CA ASP B 476 37.30 -1.84 -25.17
C ASP B 476 38.46 -1.11 -24.56
N THR B 477 39.13 -0.27 -25.33
CA THR B 477 40.28 0.53 -24.89
C THR B 477 39.86 1.60 -23.84
N ALA B 478 38.80 2.34 -24.12
CA ALA B 478 38.20 3.26 -23.16
C ALA B 478 37.82 2.64 -21.82
N LEU B 479 37.13 1.50 -21.88
CA LEU B 479 36.62 0.87 -20.68
C LEU B 479 37.85 0.29 -19.98
N GLY B 480 38.82 -0.20 -20.77
CA GLY B 480 40.10 -0.74 -20.24
C GLY B 480 40.90 0.29 -19.43
N HIS B 481 40.85 1.55 -19.83
CA HIS B 481 41.60 2.57 -19.12
C HIS B 481 40.74 3.48 -18.26
N GLY B 482 39.52 3.07 -17.94
CA GLY B 482 38.71 3.78 -16.97
C GLY B 482 38.17 5.16 -17.37
N ASP B 483 38.00 5.40 -18.66
CA ASP B 483 37.24 6.58 -19.09
C ASP B 483 35.92 6.73 -18.30
N THR B 484 35.54 7.95 -18.02
CA THR B 484 34.28 8.29 -17.32
C THR B 484 33.37 8.69 -18.44
N ALA B 485 33.88 9.63 -19.24
CA ALA B 485 33.09 10.28 -20.27
C ALA B 485 33.99 10.52 -21.49
N VAL B 486 33.67 9.88 -22.61
CA VAL B 486 34.54 10.02 -23.78
C VAL B 486 33.68 10.09 -25.02
N THR B 487 34.14 10.84 -26.03
CA THR B 487 33.48 10.91 -27.33
C THR B 487 34.34 10.08 -28.31
N ILE B 488 33.68 9.20 -29.05
CA ILE B 488 34.37 8.40 -30.05
C ILE B 488 33.73 8.65 -31.39
N ALA B 489 34.50 9.31 -32.27
CA ALA B 489 34.01 9.83 -33.57
C ALA B 489 35.14 9.89 -34.57
N ASP B 490 34.80 9.56 -35.81
CA ASP B 490 35.69 9.74 -36.97
C ASP B 490 35.30 10.96 -37.73
N VAL B 491 36.16 11.97 -37.63
CA VAL B 491 35.77 13.29 -38.06
C VAL B 491 36.78 13.89 -38.99
N ASP B 492 36.29 14.26 -40.16
CA ASP B 492 37.05 15.09 -41.07
C ASP B 492 36.93 16.58 -40.63
N TRP B 493 37.90 17.05 -39.83
CA TRP B 493 37.78 18.38 -39.23
C TRP B 493 37.77 19.46 -40.30
N SER B 494 38.49 19.24 -41.41
CA SER B 494 38.58 20.25 -42.46
C SER B 494 37.21 20.62 -43.01
N SER B 495 36.28 19.68 -42.95
CA SER B 495 34.91 19.99 -43.38
C SER B 495 33.85 20.03 -42.23
N PHE B 496 34.13 19.35 -41.11
CA PHE B 496 33.22 19.42 -39.95
C PHE B 496 33.30 20.83 -39.28
N ALA B 497 34.51 21.33 -39.05
CA ALA B 497 34.69 22.58 -38.32
C ALA B 497 34.05 23.82 -38.95
N PRO B 498 34.25 24.08 -40.27
CA PRO B 498 33.61 25.28 -40.83
C PRO B 498 32.12 25.02 -40.93
N GLY B 499 31.74 23.87 -41.52
CA GLY B 499 30.36 23.42 -41.59
C GLY B 499 29.67 23.70 -40.26
N PHE B 500 30.37 23.39 -39.18
CA PHE B 500 29.84 23.57 -37.82
C PHE B 500 29.49 25.04 -37.46
N THR B 501 30.37 25.98 -37.80
CA THR B 501 30.20 27.40 -37.45
C THR B 501 29.77 28.39 -38.58
N THR B 502 28.83 27.94 -39.42
CA THR B 502 28.39 28.70 -40.57
C THR B 502 27.57 29.91 -40.15
N ALA B 503 26.53 29.67 -39.36
CA ALA B 503 25.69 30.73 -38.84
C ALA B 503 26.27 31.16 -37.55
N ARG B 504 26.63 30.16 -36.79
CA ARG B 504 26.75 30.35 -35.42
C ARG B 504 28.23 30.42 -35.11
N PRO B 505 28.78 31.62 -34.92
CA PRO B 505 30.14 31.55 -34.38
C PRO B 505 30.03 30.82 -33.04
N GLY B 506 30.98 29.96 -32.76
CA GLY B 506 30.99 29.17 -31.53
C GLY B 506 32.46 28.87 -31.23
N THR B 507 32.69 28.35 -30.04
CA THR B 507 34.07 28.23 -29.61
C THR B 507 34.34 26.86 -29.08
N LEU B 508 33.38 25.95 -29.22
CA LEU B 508 33.58 24.57 -28.76
C LEU B 508 34.86 24.01 -29.35
N LEU B 509 35.11 24.35 -30.63
CA LEU B 509 36.22 23.77 -31.35
C LEU B 509 37.51 24.62 -31.34
N ALA B 510 37.47 25.71 -30.59
CA ALA B 510 38.45 26.78 -30.63
C ALA B 510 39.86 26.34 -30.28
N ASP B 511 39.98 25.27 -29.50
CA ASP B 511 41.24 24.84 -28.90
C ASP B 511 41.69 23.54 -29.49
N LEU B 512 40.98 23.05 -30.49
CA LEU B 512 41.33 21.81 -31.13
C LEU B 512 42.27 22.07 -32.32
N PRO B 513 43.54 21.56 -32.26
CA PRO B 513 44.47 22.00 -33.30
C PRO B 513 43.98 21.85 -34.74
N GLU B 514 43.35 20.73 -35.06
CA GLU B 514 42.92 20.43 -36.44
C GLU B 514 41.72 21.25 -36.93
N ALA B 515 40.87 21.73 -36.02
CA ALA B 515 39.79 22.65 -36.36
C ALA B 515 40.30 24.09 -36.52
N ARG B 516 41.37 24.37 -35.79
CA ARG B 516 42.11 25.61 -35.89
C ARG B 516 43.25 25.36 -36.91
N VAL C 24 -42.32 -7.00 -3.92
CA VAL C 24 -41.64 -6.27 -2.81
C VAL C 24 -40.68 -5.24 -3.37
N GLN C 25 -40.08 -5.58 -4.51
CA GLN C 25 -39.16 -4.70 -5.21
C GLN C 25 -39.78 -3.45 -5.84
N ASP C 26 -41.11 -3.44 -6.05
CA ASP C 26 -41.78 -2.14 -6.40
C ASP C 26 -41.66 -1.01 -5.38
N SER C 27 -41.53 -1.36 -4.10
CA SER C 27 -41.23 -0.37 -3.08
C SER C 27 -39.72 -0.10 -3.03
N TRP C 28 -38.90 -0.74 -3.86
CA TRP C 28 -37.47 -0.38 -3.93
C TRP C 28 -37.14 0.77 -4.88
N ARG C 29 -38.16 1.27 -5.58
CA ARG C 29 -37.94 2.25 -6.68
C ARG C 29 -38.00 3.65 -6.22
N TYR C 30 -36.89 4.40 -6.42
CA TYR C 30 -36.77 5.82 -6.11
C TYR C 30 -36.11 6.58 -7.26
N ARG C 31 -36.28 7.89 -7.26
CA ARG C 31 -35.63 8.73 -8.30
C ARG C 31 -35.47 10.09 -7.72
N ILE C 32 -34.70 10.89 -8.42
CA ILE C 32 -34.44 12.22 -8.00
C ILE C 32 -35.41 13.09 -8.75
N ASP C 33 -36.14 13.90 -8.03
CA ASP C 33 -36.96 14.95 -8.61
C ASP C 33 -36.43 16.30 -8.14
N TRP C 34 -36.77 17.35 -8.87
CA TRP C 34 -36.37 18.72 -8.53
C TRP C 34 -37.66 19.41 -8.18
N LYS C 35 -37.74 19.91 -6.94
CA LYS C 35 -38.85 20.72 -6.44
C LYS C 35 -38.63 22.24 -6.62
N ARG C 36 -39.52 22.88 -7.37
CA ARG C 36 -39.39 24.29 -7.69
C ARG C 36 -39.91 25.09 -6.49
N LEU C 37 -39.08 26.01 -6.02
CA LEU C 37 -39.28 26.69 -4.75
C LEU C 37 -40.23 27.90 -4.99
N ALA C 38 -41.07 28.24 -3.99
CA ALA C 38 -41.93 29.45 -4.05
C ALA C 38 -41.11 30.68 -4.38
N GLY C 47 -29.97 39.18 2.13
CA GLY C 47 -28.92 39.42 1.13
C GLY C 47 -27.54 39.06 1.69
N LEU C 48 -26.51 39.36 0.92
CA LEU C 48 -25.14 39.01 1.35
C LEU C 48 -24.46 40.21 2.05
N SER C 49 -23.41 39.89 2.80
CA SER C 49 -22.54 40.87 3.44
C SER C 49 -21.23 40.15 3.74
N GLY C 50 -20.23 40.92 4.17
CA GLY C 50 -18.91 40.40 4.51
C GLY C 50 -18.13 40.03 3.26
N ARG C 51 -16.87 39.64 3.44
CA ARG C 51 -16.04 39.21 2.32
C ARG C 51 -16.37 37.77 1.87
N TRP C 52 -16.34 37.56 0.56
CA TRP C 52 -16.61 36.29 -0.07
C TRP C 52 -15.41 35.94 -0.87
N LEU C 53 -14.70 34.89 -0.50
CA LEU C 53 -13.56 34.48 -1.33
C LEU C 53 -14.10 33.76 -2.54
N VAL C 54 -13.67 34.13 -3.74
CA VAL C 54 -14.18 33.51 -4.97
C VAL C 54 -13.04 32.84 -5.64
N VAL C 55 -13.02 31.51 -5.57
CA VAL C 55 -11.88 30.75 -6.07
C VAL C 55 -12.14 30.40 -7.52
N VAL C 56 -11.31 30.92 -8.39
CA VAL C 56 -11.50 30.83 -9.81
C VAL C 56 -10.27 30.23 -10.43
N PRO C 57 -10.44 29.35 -11.40
CA PRO C 57 -9.28 28.91 -12.11
C PRO C 57 -8.65 30.13 -12.78
N GLU C 58 -7.35 30.05 -13.05
CA GLU C 58 -6.56 31.20 -13.40
C GLU C 58 -6.87 31.73 -14.78
N ASP C 59 -7.10 30.82 -15.72
CA ASP C 59 -7.26 31.16 -17.11
C ASP C 59 -8.68 31.53 -17.38
N ARG C 60 -9.52 31.48 -16.35
CA ARG C 60 -10.95 31.77 -16.50
C ARG C 60 -11.33 32.99 -15.63
N SER C 61 -10.28 33.70 -15.21
CA SER C 61 -10.39 34.94 -14.46
C SER C 61 -11.52 35.85 -15.01
N ALA C 62 -11.51 36.09 -16.33
CA ALA C 62 -12.41 37.05 -16.94
C ALA C 62 -13.87 36.62 -16.80
N GLU C 63 -14.13 35.35 -17.10
CA GLU C 63 -15.47 34.77 -16.94
C GLU C 63 -16.04 34.83 -15.51
N ALA C 64 -15.20 35.11 -14.51
CA ALA C 64 -15.71 35.30 -13.15
C ALA C 64 -16.35 36.65 -12.95
N ALA C 65 -16.19 37.54 -13.94
CA ALA C 65 -16.70 38.90 -13.85
C ALA C 65 -18.18 39.01 -13.51
N PRO C 66 -19.10 38.44 -14.33
CA PRO C 66 -20.54 38.56 -13.95
C PRO C 66 -20.91 38.03 -12.56
N VAL C 67 -20.18 37.04 -12.04
CA VAL C 67 -20.45 36.42 -10.75
C VAL C 67 -20.06 37.40 -9.63
N LEU C 68 -18.88 38.00 -9.77
CA LEU C 68 -18.44 39.05 -8.88
C LEU C 68 -19.49 40.16 -8.87
N ALA C 69 -19.95 40.58 -10.06
CA ALA C 69 -20.92 41.68 -10.18
C ALA C 69 -22.19 41.37 -9.42
N ALA C 70 -22.73 40.16 -9.66
CA ALA C 70 -23.87 39.60 -8.92
C ALA C 70 -23.68 39.61 -7.40
N LEU C 71 -22.53 39.09 -6.96
CA LEU C 71 -22.19 39.02 -5.55
C LEU C 71 -22.19 40.43 -4.90
N SER C 72 -21.45 41.36 -5.50
CA SER C 72 -21.37 42.73 -4.95
C SER C 72 -22.73 43.40 -5.02
N GLY C 73 -23.48 43.14 -6.09
CA GLY C 73 -24.84 43.66 -6.26
C GLY C 73 -25.87 43.07 -5.29
N ALA C 74 -25.45 42.06 -4.53
CA ALA C 74 -26.31 41.50 -3.51
C ALA C 74 -25.92 42.03 -2.11
N GLY C 75 -24.85 42.83 -2.06
CA GLY C 75 -24.36 43.35 -0.79
C GLY C 75 -23.10 42.68 -0.27
N ALA C 76 -22.58 41.69 -0.99
CA ALA C 76 -21.27 41.14 -0.61
C ALA C 76 -20.15 42.11 -0.93
N ASP C 77 -18.93 41.71 -0.56
CA ASP C 77 -17.69 42.40 -0.84
C ASP C 77 -16.82 41.25 -1.41
N PRO C 78 -17.01 40.92 -2.70
CA PRO C 78 -16.26 39.75 -3.20
C PRO C 78 -14.80 40.05 -3.44
N VAL C 79 -13.98 39.02 -3.39
CA VAL C 79 -12.58 39.10 -3.77
C VAL C 79 -12.26 37.84 -4.54
N GLN C 80 -11.50 38.02 -5.60
CA GLN C 80 -11.18 36.94 -6.45
C GLN C 80 -9.86 36.34 -5.98
N LEU C 81 -9.78 35.03 -6.01
CA LEU C 81 -8.51 34.37 -5.93
C LEU C 81 -8.38 33.57 -7.21
N ASP C 82 -7.52 34.04 -8.10
CA ASP C 82 -7.15 33.23 -9.23
C ASP C 82 -6.09 32.24 -8.70
N VAL C 83 -6.36 30.95 -8.93
CA VAL C 83 -5.62 29.85 -8.35
C VAL C 83 -5.26 28.95 -9.51
N SER C 84 -4.15 28.23 -9.46
CA SER C 84 -3.84 27.25 -10.51
C SER C 84 -4.49 25.88 -10.21
N PRO C 85 -5.29 25.35 -11.15
CA PRO C 85 -5.95 24.09 -10.71
C PRO C 85 -5.02 22.85 -10.69
N LEU C 86 -3.79 23.02 -11.17
CA LEU C 86 -2.79 21.95 -11.12
C LEU C 86 -1.83 22.21 -9.99
N GLY C 87 -1.94 23.38 -9.35
CA GLY C 87 -1.10 23.72 -8.20
C GLY C 87 -1.42 22.86 -6.98
N ASP C 88 -0.47 22.69 -6.07
CA ASP C 88 -0.64 21.73 -4.95
C ASP C 88 -1.40 22.34 -3.76
N ARG C 89 -1.68 21.49 -2.80
CA ARG C 89 -2.50 21.81 -1.67
C ARG C 89 -1.81 22.82 -0.76
N GLN C 90 -0.48 22.65 -0.59
CA GLN C 90 0.28 23.51 0.32
C GLN C 90 0.17 24.95 -0.17
N ARG C 91 0.41 25.15 -1.46
CA ARG C 91 0.43 26.51 -1.94
C ARG C 91 -0.97 27.12 -1.96
N LEU C 92 -2.01 26.29 -2.18
CA LEU C 92 -3.41 26.77 -2.02
C LEU C 92 -3.69 27.15 -0.57
N ALA C 93 -3.17 26.34 0.36
CA ALA C 93 -3.32 26.57 1.81
C ALA C 93 -2.70 27.91 2.18
N ALA C 94 -1.58 28.22 1.55
CA ALA C 94 -0.86 29.45 1.79
C ALA C 94 -1.69 30.66 1.35
N THR C 95 -2.25 30.60 0.12
CA THR C 95 -2.98 31.77 -0.45
C THR C 95 -4.35 32.04 0.17
N LEU C 96 -4.88 31.02 0.83
CA LEU C 96 -6.18 31.11 1.46
C LEU C 96 -6.00 31.71 2.85
N GLY C 97 -4.94 31.23 3.54
CA GLY C 97 -4.55 31.80 4.82
C GLY C 97 -4.27 33.30 4.71
N GLU C 98 -3.74 33.71 3.55
CA GLU C 98 -3.32 35.08 3.30
C GLU C 98 -4.48 35.99 2.96
N ALA C 99 -5.41 35.42 2.19
CA ALA C 99 -6.65 36.09 1.85
C ALA C 99 -7.47 36.28 3.12
N LEU C 100 -7.42 35.30 4.02
CA LEU C 100 -8.13 35.37 5.29
C LEU C 100 -7.50 36.44 6.23
N ALA C 101 -6.16 36.43 6.31
CA ALA C 101 -5.43 37.45 7.10
C ALA C 101 -5.89 38.84 6.66
N ALA C 102 -5.84 39.09 5.36
CA ALA C 102 -6.27 40.34 4.72
C ALA C 102 -7.72 40.73 5.01
N ALA C 103 -8.50 39.75 5.45
CA ALA C 103 -9.92 39.94 5.75
C ALA C 103 -10.16 40.22 7.22
N GLY C 104 -9.13 40.00 8.04
CA GLY C 104 -9.22 40.21 9.48
C GLY C 104 -9.50 38.96 10.30
N GLY C 105 -9.27 37.80 9.69
CA GLY C 105 -9.39 36.50 10.36
C GLY C 105 -10.69 35.77 10.14
N ALA C 106 -11.63 36.45 9.47
CA ALA C 106 -12.95 35.89 9.24
C ALA C 106 -13.43 36.33 7.87
N VAL C 107 -14.02 35.39 7.16
CA VAL C 107 -14.61 35.61 5.85
C VAL C 107 -16.05 35.08 5.97
N ASP C 108 -16.93 35.53 5.09
CA ASP C 108 -18.35 35.20 5.20
C ASP C 108 -18.78 33.96 4.38
N GLY C 109 -18.16 33.77 3.22
CA GLY C 109 -18.43 32.62 2.32
C GLY C 109 -17.25 32.33 1.41
N VAL C 110 -17.14 31.10 0.91
CA VAL C 110 -16.17 30.80 -0.15
C VAL C 110 -16.98 30.19 -1.26
N LEU C 111 -16.84 30.75 -2.44
CA LEU C 111 -17.58 30.36 -3.62
C LEU C 111 -16.60 29.79 -4.61
N SER C 112 -16.79 28.52 -4.99
CA SER C 112 -15.83 27.88 -5.90
C SER C 112 -16.31 27.58 -7.30
N LEU C 113 -15.55 28.10 -8.27
CA LEU C 113 -15.86 28.00 -9.68
C LEU C 113 -14.86 27.03 -10.29
N LEU C 114 -14.21 26.27 -9.41
CA LEU C 114 -13.11 25.46 -9.87
C LEU C 114 -13.68 24.38 -10.75
N ALA C 115 -14.90 23.97 -10.47
CA ALA C 115 -15.58 22.97 -11.33
C ALA C 115 -15.70 23.38 -12.85
N TRP C 116 -15.69 24.67 -13.12
CA TRP C 116 -15.77 25.16 -14.52
C TRP C 116 -14.58 24.73 -15.30
N ASP C 117 -13.50 24.34 -14.61
CA ASP C 117 -12.37 23.80 -15.35
C ASP C 117 -12.43 22.32 -15.70
N GLU C 118 -12.79 22.12 -16.96
CA GLU C 118 -13.05 20.81 -17.54
C GLU C 118 -11.91 20.28 -18.39
N SER C 119 -10.70 20.91 -18.37
CA SER C 119 -9.60 20.39 -19.19
C SER C 119 -9.02 19.12 -18.55
N ALA C 120 -8.46 18.26 -19.40
CA ALA C 120 -7.77 17.04 -19.01
C ALA C 120 -6.62 17.32 -18.05
N HIS C 121 -6.43 16.40 -17.13
CA HIS C 121 -5.32 16.42 -16.21
C HIS C 121 -4.24 15.60 -16.90
N PRO C 122 -3.00 16.13 -16.85
CA PRO C 122 -1.97 15.35 -17.59
C PRO C 122 -1.68 13.91 -17.04
N GLY C 123 -1.92 13.66 -15.77
CA GLY C 123 -1.66 12.34 -15.24
C GLY C 123 -2.82 11.35 -15.34
N HIS C 124 -3.93 11.72 -15.97
CA HIS C 124 -5.11 10.87 -15.85
C HIS C 124 -6.00 10.98 -17.05
N PRO C 125 -6.68 9.87 -17.46
CA PRO C 125 -7.62 9.98 -18.60
C PRO C 125 -8.95 10.66 -18.19
N ALA C 126 -9.77 10.94 -19.20
CA ALA C 126 -11.14 11.44 -19.00
C ALA C 126 -11.89 10.32 -18.26
N PRO C 127 -12.87 10.68 -17.43
CA PRO C 127 -13.48 12.01 -17.46
C PRO C 127 -13.05 12.85 -16.29
N PHE C 128 -12.17 12.33 -15.45
CA PHE C 128 -11.58 13.19 -14.45
C PHE C 128 -10.99 14.45 -15.10
N THR C 129 -11.09 15.61 -14.43
CA THR C 129 -10.66 16.83 -15.06
C THR C 129 -9.82 17.61 -14.07
N ARG C 130 -9.06 18.55 -14.58
CA ARG C 130 -8.39 19.41 -13.63
C ARG C 130 -9.31 19.98 -12.55
N GLY C 131 -10.55 20.42 -12.84
CA GLY C 131 -11.35 21.06 -11.75
C GLY C 131 -11.94 20.05 -10.72
N THR C 132 -11.99 18.78 -11.08
CA THR C 132 -12.42 17.75 -10.14
C THR C 132 -11.38 17.66 -9.05
N GLY C 133 -10.13 17.44 -9.45
CA GLY C 133 -8.99 17.35 -8.51
C GLY C 133 -8.83 18.65 -7.74
N ALA C 134 -8.94 19.77 -8.43
CA ALA C 134 -8.78 21.08 -7.84
C ALA C 134 -9.78 21.29 -6.75
N THR C 135 -10.98 20.77 -6.95
CA THR C 135 -12.06 20.95 -5.99
C THR C 135 -11.77 20.24 -4.63
N LEU C 136 -11.34 18.99 -4.71
CA LEU C 136 -10.93 18.27 -3.49
C LEU C 136 -9.73 18.98 -2.84
N THR C 137 -8.77 19.41 -3.66
CA THR C 137 -7.54 20.05 -3.12
C THR C 137 -7.93 21.32 -2.34
N LEU C 138 -8.93 22.04 -2.87
CA LEU C 138 -9.56 23.18 -2.16
C LEU C 138 -10.14 22.82 -0.85
N VAL C 139 -10.99 21.78 -0.86
CA VAL C 139 -11.62 21.29 0.33
C VAL C 139 -10.56 21.09 1.44
N GLN C 140 -9.43 20.50 1.05
CA GLN C 140 -8.36 20.14 1.96
C GLN C 140 -7.61 21.38 2.45
N ALA C 141 -7.31 22.30 1.52
CA ALA C 141 -6.59 23.53 1.87
C ALA C 141 -7.36 24.51 2.81
N LEU C 142 -8.70 24.53 2.73
CA LEU C 142 -9.52 25.39 3.59
C LEU C 142 -9.41 24.94 5.04
N GLU C 143 -9.37 23.62 5.25
CA GLU C 143 -8.96 23.05 6.53
C GLU C 143 -7.53 23.43 6.95
N ASP C 144 -6.54 23.25 6.09
CA ASP C 144 -5.16 23.69 6.39
C ASP C 144 -5.06 25.14 6.87
N ALA C 145 -5.74 26.06 6.17
CA ALA C 145 -5.70 27.52 6.44
C ALA C 145 -6.58 27.94 7.64
N GLY C 146 -7.50 27.07 8.01
CA GLY C 146 -8.38 27.30 9.13
C GLY C 146 -9.43 28.29 8.72
N VAL C 147 -9.85 28.19 7.45
CA VAL C 147 -10.95 29.02 6.95
C VAL C 147 -12.19 28.24 7.28
N ALA C 148 -13.00 28.81 8.17
CA ALA C 148 -14.21 28.18 8.70
C ALA C 148 -15.46 28.48 7.90
N ALA C 149 -15.43 29.56 7.14
CA ALA C 149 -16.60 29.98 6.38
C ALA C 149 -17.14 28.88 5.39
N PRO C 150 -18.49 28.89 5.09
CA PRO C 150 -19.14 27.84 4.25
C PRO C 150 -18.61 27.79 2.80
N LEU C 151 -18.35 26.60 2.25
CA LEU C 151 -17.88 26.47 0.86
C LEU C 151 -19.00 26.12 -0.07
N TRP C 152 -19.22 26.92 -1.10
CA TRP C 152 -20.23 26.55 -2.11
C TRP C 152 -19.49 26.25 -3.38
N CYS C 153 -19.78 25.13 -4.01
CA CYS C 153 -19.31 24.88 -5.34
C CYS C 153 -20.38 25.14 -6.39
N VAL C 154 -20.06 25.94 -7.40
CA VAL C 154 -20.99 26.31 -8.48
C VAL C 154 -20.67 25.49 -9.67
N THR C 155 -21.72 24.98 -10.35
CA THR C 155 -21.51 24.23 -11.58
C THR C 155 -22.43 24.81 -12.65
N HIS C 156 -22.23 24.39 -13.91
CA HIS C 156 -23.22 24.63 -14.97
C HIS C 156 -23.36 23.34 -15.73
N GLY C 157 -24.58 22.99 -16.08
CA GLY C 157 -24.76 21.80 -16.88
C GLY C 157 -24.62 20.48 -16.14
N ALA C 158 -24.58 20.49 -14.81
CA ALA C 158 -24.15 19.27 -14.10
C ALA C 158 -25.32 18.32 -13.82
N VAL C 159 -26.52 18.84 -13.77
CA VAL C 159 -27.66 17.96 -13.39
C VAL C 159 -28.79 18.21 -14.35
N SER C 160 -29.71 17.27 -14.42
CA SER C 160 -30.93 17.40 -15.25
C SER C 160 -32.15 17.57 -14.36
N VAL C 161 -32.92 18.63 -14.56
CA VAL C 161 -34.14 18.81 -13.78
C VAL C 161 -35.41 18.25 -14.38
N GLY C 162 -35.27 17.52 -15.43
CA GLY C 162 -36.39 16.85 -16.05
C GLY C 162 -35.91 16.31 -17.35
N ARG C 163 -36.71 15.50 -18.07
CA ARG C 163 -36.18 14.78 -19.29
C ARG C 163 -35.78 15.68 -20.46
N ALA C 164 -36.31 16.89 -20.51
CA ALA C 164 -35.98 17.85 -21.62
C ALA C 164 -34.85 18.84 -21.17
N ASP C 165 -34.33 18.67 -19.96
CA ASP C 165 -33.27 19.56 -19.45
C ASP C 165 -32.01 18.76 -19.42
N HIS C 166 -31.17 18.83 -20.47
CA HIS C 166 -30.23 17.71 -20.57
C HIS C 166 -28.90 18.05 -19.87
N VAL C 167 -28.25 17.00 -19.37
CA VAL C 167 -26.89 17.22 -18.80
C VAL C 167 -25.90 17.57 -19.95
N THR C 168 -25.16 18.65 -19.76
CA THR C 168 -24.16 19.08 -20.70
C THR C 168 -22.72 19.01 -20.12
N SER C 169 -22.61 18.81 -18.80
CA SER C 169 -21.32 18.81 -18.18
C SER C 169 -21.32 17.66 -17.11
N PRO C 170 -21.27 16.44 -17.57
CA PRO C 170 -21.39 15.35 -16.65
C PRO C 170 -20.09 15.26 -15.75
N ALA C 171 -18.95 15.75 -16.19
CA ALA C 171 -17.78 15.66 -15.35
C ALA C 171 -18.04 16.59 -14.18
N GLN C 172 -18.77 17.70 -14.40
CA GLN C 172 -19.11 18.53 -13.22
C GLN C 172 -20.02 17.85 -12.23
N ALA C 173 -20.77 16.83 -12.67
CA ALA C 173 -21.66 16.17 -11.74
C ALA C 173 -20.74 15.42 -10.72
N MET C 174 -19.48 15.15 -11.07
CA MET C 174 -18.57 14.50 -10.13
C MET C 174 -18.38 15.34 -8.89
N VAL C 175 -18.38 16.65 -9.06
CA VAL C 175 -18.37 17.62 -7.97
C VAL C 175 -19.55 17.50 -7.04
N TRP C 176 -20.76 17.23 -7.59
CA TRP C 176 -21.94 16.98 -6.76
C TRP C 176 -21.77 15.70 -5.98
N GLY C 177 -21.38 14.61 -6.64
CA GLY C 177 -21.16 13.36 -5.91
C GLY C 177 -20.22 13.56 -4.69
N MET C 178 -19.09 14.24 -4.86
CA MET C 178 -18.10 14.23 -3.83
C MET C 178 -18.55 15.27 -2.82
N GLY C 179 -19.29 16.25 -3.31
CA GLY C 179 -19.70 17.37 -2.49
C GLY C 179 -20.72 16.90 -1.49
N ARG C 180 -21.61 16.02 -1.92
CA ARG C 180 -22.55 15.47 -0.93
C ARG C 180 -21.76 14.74 0.19
N VAL C 181 -20.65 14.05 -0.13
CA VAL C 181 -19.77 13.43 0.90
C VAL C 181 -19.05 14.44 1.81
N ALA C 182 -18.53 15.50 1.19
CA ALA C 182 -17.96 16.61 1.91
C ALA C 182 -18.96 17.19 2.88
N ALA C 183 -20.25 17.23 2.52
CA ALA C 183 -21.24 17.78 3.47
C ALA C 183 -21.40 16.86 4.69
N LEU C 184 -21.19 15.57 4.53
CA LEU C 184 -21.30 14.68 5.70
C LEU C 184 -19.99 14.64 6.56
N GLU C 185 -18.84 14.77 5.90
CA GLU C 185 -17.55 14.70 6.52
C GLU C 185 -17.12 16.01 7.11
N HIS C 186 -17.53 17.13 6.49
CA HIS C 186 -17.14 18.49 6.97
C HIS C 186 -18.35 19.41 7.09
N PRO C 187 -19.38 18.94 7.84
CA PRO C 187 -20.70 19.54 7.93
C PRO C 187 -20.80 21.02 8.31
N GLU C 188 -19.89 21.53 9.14
CA GLU C 188 -19.95 22.93 9.58
C GLU C 188 -19.39 23.91 8.54
N ARG C 189 -18.41 23.45 7.76
CA ARG C 189 -17.76 24.31 6.78
C ARG C 189 -18.23 24.04 5.32
N TRP C 190 -19.27 23.21 5.16
CA TRP C 190 -19.84 22.97 3.79
C TRP C 190 -21.10 23.75 3.61
N GLY C 191 -21.15 24.66 2.62
CA GLY C 191 -22.40 25.41 2.37
C GLY C 191 -23.34 24.66 1.40
N GLY C 192 -22.86 24.41 0.18
CA GLY C 192 -23.63 23.56 -0.76
C GLY C 192 -23.18 23.57 -2.22
N LEU C 193 -24.09 23.11 -3.09
CA LEU C 193 -23.85 22.94 -4.51
C LEU C 193 -24.98 23.69 -5.26
N ILE C 194 -24.66 24.43 -6.31
CA ILE C 194 -25.65 25.22 -7.02
C ILE C 194 -25.35 25.07 -8.53
N ASP C 195 -26.32 24.59 -9.33
CA ASP C 195 -25.99 24.36 -10.75
C ASP C 195 -26.72 25.44 -11.53
N LEU C 196 -25.96 26.18 -12.34
CA LEU C 196 -26.50 27.27 -13.16
C LEU C 196 -26.77 26.89 -14.65
N PRO C 197 -27.63 27.63 -15.36
CA PRO C 197 -27.62 27.44 -16.84
C PRO C 197 -26.27 27.77 -17.46
N SER C 198 -25.94 27.08 -18.54
CA SER C 198 -24.73 27.28 -19.30
C SER C 198 -24.45 28.74 -19.55
N ASP C 199 -25.43 29.45 -20.13
CA ASP C 199 -25.13 30.86 -20.47
C ASP C 199 -25.29 31.83 -19.30
N ALA C 200 -26.14 31.46 -18.34
CA ALA C 200 -26.52 32.27 -17.15
C ALA C 200 -26.62 33.77 -17.44
N ASP C 201 -27.85 34.25 -17.63
CA ASP C 201 -28.06 35.69 -17.63
C ASP C 201 -28.07 36.16 -16.19
N ARG C 202 -28.24 37.47 -16.01
CA ARG C 202 -28.09 38.05 -14.68
C ARG C 202 -29.23 37.69 -13.72
N ALA C 203 -30.43 37.45 -14.24
CA ALA C 203 -31.51 36.98 -13.36
C ALA C 203 -31.14 35.63 -12.71
N ALA C 204 -30.51 34.75 -13.49
CA ALA C 204 -30.02 33.44 -13.00
C ALA C 204 -28.95 33.58 -11.89
N LEU C 205 -28.06 34.54 -12.06
CA LEU C 205 -27.03 34.75 -11.04
C LEU C 205 -27.59 35.38 -9.76
N ASP C 206 -28.64 36.16 -9.91
CA ASP C 206 -29.30 36.76 -8.74
C ASP C 206 -29.92 35.65 -7.91
N ARG C 207 -30.62 34.71 -8.58
CA ARG C 207 -31.17 33.58 -7.86
C ARG C 207 -30.03 32.80 -7.16
N MET C 208 -28.87 32.69 -7.78
CA MET C 208 -27.70 32.11 -7.11
C MET C 208 -27.42 32.84 -5.77
N THR C 209 -27.37 34.17 -5.83
CA THR C 209 -27.06 34.96 -4.62
C THR C 209 -28.00 34.62 -3.45
N THR C 210 -29.31 34.50 -3.73
CA THR C 210 -30.36 34.05 -2.77
C THR C 210 -30.07 32.73 -2.01
N VAL C 211 -29.69 31.70 -2.73
CA VAL C 211 -29.20 30.50 -2.08
C VAL C 211 -27.97 30.80 -1.19
N LEU C 212 -27.03 31.59 -1.70
CA LEU C 212 -25.79 31.87 -0.94
C LEU C 212 -26.09 32.61 0.36
N ALA C 213 -27.22 33.32 0.37
CA ALA C 213 -27.69 34.10 1.51
C ALA C 213 -28.00 33.26 2.73
N GLY C 214 -28.43 32.03 2.45
CA GLY C 214 -28.81 31.08 3.49
C GLY C 214 -30.30 30.96 3.72
N GLY C 215 -31.09 31.75 3.01
CA GLY C 215 -32.52 31.83 3.32
C GLY C 215 -33.40 30.68 2.82
N THR C 216 -32.88 29.80 1.95
CA THR C 216 -33.70 28.78 1.26
C THR C 216 -33.84 27.44 1.98
N GLY C 217 -32.99 27.19 2.98
CA GLY C 217 -32.94 25.89 3.65
C GLY C 217 -32.26 24.78 2.81
N GLU C 218 -31.94 25.13 1.56
CA GLU C 218 -31.44 24.18 0.56
C GLU C 218 -29.92 24.18 0.39
N ASP C 219 -29.32 23.01 0.20
CA ASP C 219 -27.85 22.99 -0.07
C ASP C 219 -27.57 22.21 -1.36
N GLN C 220 -28.63 21.86 -2.11
CA GLN C 220 -28.50 21.17 -3.44
C GLN C 220 -29.51 21.79 -4.39
N VAL C 221 -29.06 22.74 -5.23
CA VAL C 221 -30.00 23.63 -5.98
C VAL C 221 -29.64 23.86 -7.45
N ALA C 222 -30.67 23.82 -8.31
CA ALA C 222 -30.48 24.10 -9.74
C ALA C 222 -31.21 25.41 -10.03
N VAL C 223 -30.59 26.30 -10.83
CA VAL C 223 -31.21 27.58 -11.27
C VAL C 223 -31.56 27.40 -12.78
N ARG C 224 -32.82 27.57 -13.15
CA ARG C 224 -33.28 27.30 -14.49
C ARG C 224 -34.18 28.44 -14.92
N ALA C 225 -34.58 28.42 -16.18
CA ALA C 225 -35.54 29.44 -16.64
C ALA C 225 -36.80 29.46 -15.72
N SER C 226 -37.21 28.30 -15.20
CA SER C 226 -38.38 28.19 -14.31
C SER C 226 -38.19 28.76 -12.87
N GLY C 227 -36.94 28.98 -12.41
CA GLY C 227 -36.63 29.54 -11.08
C GLY C 227 -35.64 28.73 -10.26
N LEU C 228 -35.87 28.55 -8.99
CA LEU C 228 -34.95 27.72 -8.21
C LEU C 228 -35.55 26.41 -7.98
N LEU C 229 -34.71 25.39 -7.91
CA LEU C 229 -35.18 24.01 -7.74
C LEU C 229 -34.25 23.24 -6.84
N ALA C 230 -34.85 22.48 -5.94
CA ALA C 230 -34.15 21.85 -4.91
C ALA C 230 -34.28 20.32 -5.08
N ARG C 231 -33.16 19.64 -4.92
CA ARG C 231 -33.04 18.18 -5.11
C ARG C 231 -33.82 17.35 -4.07
N ARG C 232 -34.58 16.38 -4.57
CA ARG C 232 -35.45 15.51 -3.76
C ARG C 232 -35.38 14.08 -4.17
N LEU C 233 -35.41 13.19 -3.16
CA LEU C 233 -35.54 11.77 -3.46
C LEU C 233 -37.02 11.38 -3.29
N VAL C 234 -37.62 10.78 -4.29
CA VAL C 234 -39.06 10.44 -4.18
C VAL C 234 -39.27 9.09 -4.73
N ARG C 235 -40.47 8.56 -4.53
CA ARG C 235 -40.76 7.23 -5.02
C ARG C 235 -40.88 7.21 -6.53
N ALA C 236 -40.45 6.13 -7.13
CA ALA C 236 -40.47 6.07 -8.63
C ALA C 236 -41.55 5.13 -9.18
N SER C 237 -42.84 5.42 -8.84
CA SER C 237 -43.93 4.49 -9.22
C SER C 237 -44.03 4.43 -10.74
N LEU C 238 -44.27 3.26 -11.29
CA LEU C 238 -44.34 3.13 -12.73
C LEU C 238 -45.79 3.39 -13.14
N PRO C 239 -46.03 4.22 -14.16
CA PRO C 239 -47.39 4.58 -14.51
C PRO C 239 -48.18 3.50 -15.26
N GLY C 242 -48.23 1.48 -18.69
CA GLY C 242 -47.05 1.48 -19.57
C GLY C 242 -46.78 0.05 -19.95
N THR C 243 -46.28 -0.19 -21.18
CA THR C 243 -45.97 -1.59 -21.57
C THR C 243 -44.49 -1.82 -21.46
N ALA C 244 -44.16 -2.92 -20.80
CA ALA C 244 -42.83 -3.48 -20.75
C ALA C 244 -42.41 -3.87 -22.18
N SER C 245 -41.25 -3.36 -22.59
CA SER C 245 -40.65 -3.68 -23.88
C SER C 245 -39.35 -4.43 -23.66
N PRO C 246 -39.07 -5.45 -24.49
CA PRO C 246 -37.82 -6.19 -24.26
C PRO C 246 -36.61 -5.28 -24.37
N TRP C 247 -35.55 -5.58 -23.63
CA TRP C 247 -34.39 -4.74 -23.67
C TRP C 247 -33.16 -5.42 -24.17
N TRP C 248 -33.32 -6.70 -24.53
CA TRP C 248 -32.31 -7.45 -25.27
C TRP C 248 -33.05 -8.37 -26.27
N GLN C 249 -32.31 -8.96 -27.19
CA GLN C 249 -32.94 -9.76 -28.20
C GLN C 249 -32.26 -11.10 -28.28
N ALA C 250 -33.09 -12.13 -28.47
CA ALA C 250 -32.75 -13.57 -28.39
C ALA C 250 -31.50 -14.01 -29.15
N ASP C 251 -31.37 -13.51 -30.38
CA ASP C 251 -30.30 -13.87 -31.29
C ASP C 251 -29.19 -12.82 -31.26
N GLY C 252 -29.29 -11.83 -30.37
CA GLY C 252 -28.25 -10.83 -30.27
C GLY C 252 -27.26 -11.25 -29.22
N THR C 253 -26.15 -10.51 -29.10
CA THR C 253 -25.21 -10.75 -28.01
C THR C 253 -25.44 -9.75 -26.86
N VAL C 254 -25.32 -10.20 -25.63
CA VAL C 254 -25.38 -9.28 -24.49
C VAL C 254 -24.03 -9.32 -23.87
N LEU C 255 -23.43 -8.14 -23.67
CA LEU C 255 -22.13 -8.00 -23.02
C LEU C 255 -22.27 -7.74 -21.52
N VAL C 256 -21.49 -8.47 -20.72
CA VAL C 256 -21.52 -8.23 -19.29
C VAL C 256 -20.09 -8.03 -18.85
N THR C 257 -19.78 -6.89 -18.20
CA THR C 257 -18.39 -6.54 -17.81
C THR C 257 -18.11 -6.81 -16.32
N GLY C 258 -16.85 -6.99 -15.96
CA GLY C 258 -16.48 -7.31 -14.56
C GLY C 258 -17.12 -8.60 -14.16
N ALA C 259 -17.17 -9.55 -15.08
CA ALA C 259 -17.80 -10.83 -14.89
C ALA C 259 -17.11 -11.75 -13.85
N GLU C 260 -15.98 -11.30 -13.25
CA GLU C 260 -15.32 -12.02 -12.15
C GLU C 260 -15.97 -11.67 -10.82
N GLU C 261 -16.84 -10.65 -10.82
CA GLU C 261 -17.56 -10.32 -9.61
C GLU C 261 -18.88 -11.09 -9.50
N PRO C 262 -19.32 -11.40 -8.25
CA PRO C 262 -20.59 -12.11 -8.01
C PRO C 262 -21.85 -11.47 -8.64
N ALA C 263 -22.02 -10.17 -8.44
CA ALA C 263 -23.17 -9.44 -9.08
C ALA C 263 -23.22 -9.69 -10.58
N ALA C 264 -22.08 -9.54 -11.25
CA ALA C 264 -21.98 -9.71 -12.71
C ALA C 264 -22.24 -11.13 -13.22
N ALA C 265 -21.63 -12.11 -12.57
CA ALA C 265 -21.99 -13.51 -12.76
C ALA C 265 -23.49 -13.81 -12.63
N GLU C 266 -24.13 -13.28 -11.61
CA GLU C 266 -25.53 -13.55 -11.39
C GLU C 266 -26.41 -12.87 -12.46
N ALA C 267 -25.98 -11.69 -12.94
CA ALA C 267 -26.67 -11.02 -14.06
C ALA C 267 -26.64 -11.95 -15.24
N ALA C 268 -25.45 -12.47 -15.58
CA ALA C 268 -25.32 -13.38 -16.75
C ALA C 268 -26.15 -14.66 -16.60
N ARG C 269 -26.11 -15.26 -15.40
CA ARG C 269 -26.92 -16.46 -15.09
C ARG C 269 -28.37 -16.12 -15.33
N ARG C 270 -28.81 -14.92 -14.90
CA ARG C 270 -30.22 -14.57 -15.03
C ARG C 270 -30.53 -14.39 -16.51
N LEU C 271 -29.65 -13.72 -17.23
CA LEU C 271 -29.78 -13.57 -18.69
C LEU C 271 -29.93 -14.93 -19.38
N ALA C 272 -29.08 -15.86 -19.00
CA ALA C 272 -29.19 -17.21 -19.55
C ALA C 272 -30.57 -17.81 -19.23
N ARG C 273 -30.99 -17.75 -17.96
CA ARG C 273 -32.27 -18.33 -17.53
C ARG C 273 -33.40 -17.74 -18.37
N ASP C 274 -33.41 -16.42 -18.47
CA ASP C 274 -34.41 -15.64 -19.24
C ASP C 274 -34.47 -15.94 -20.72
N GLY C 275 -33.43 -16.62 -21.22
CA GLY C 275 -33.35 -17.08 -22.61
C GLY C 275 -32.51 -16.25 -23.57
N ALA C 276 -31.60 -15.44 -23.05
CA ALA C 276 -30.62 -14.79 -23.91
C ALA C 276 -29.67 -15.85 -24.44
N GLY C 277 -29.37 -15.78 -25.73
CA GLY C 277 -28.64 -16.86 -26.37
C GLY C 277 -27.16 -16.64 -26.31
N HIS C 278 -26.74 -15.48 -26.76
CA HIS C 278 -25.32 -15.20 -26.93
C HIS C 278 -24.85 -14.16 -25.91
N LEU C 279 -23.78 -14.51 -25.19
CA LEU C 279 -23.26 -13.73 -24.06
C LEU C 279 -21.75 -13.53 -24.11
N LEU C 280 -21.29 -12.27 -24.00
CA LEU C 280 -19.87 -11.93 -24.00
C LEU C 280 -19.50 -11.45 -22.63
N LEU C 281 -18.46 -12.04 -22.05
CA LEU C 281 -18.13 -11.76 -20.68
C LEU C 281 -16.74 -11.20 -20.63
N HIS C 282 -16.61 -10.02 -20.05
CA HIS C 282 -15.33 -9.37 -19.94
C HIS C 282 -14.99 -9.52 -18.50
N THR C 283 -13.74 -9.85 -18.23
CA THR C 283 -13.20 -9.76 -16.90
C THR C 283 -12.17 -8.66 -16.83
N THR C 284 -12.04 -8.06 -15.64
CA THR C 284 -11.06 -7.01 -15.45
C THR C 284 -9.66 -7.66 -15.46
N PRO C 285 -8.67 -7.00 -16.10
CA PRO C 285 -7.34 -7.61 -15.91
C PRO C 285 -6.91 -7.44 -14.45
N SER C 286 -6.26 -8.48 -13.90
CA SER C 286 -5.80 -8.46 -12.52
C SER C 286 -4.46 -7.71 -12.36
N GLY C 287 -4.31 -7.03 -11.21
CA GLY C 287 -3.13 -6.20 -10.95
C GLY C 287 -1.98 -7.08 -10.47
N GLY C 302 -10.34 -16.19 -17.15
CA GLY C 302 -10.82 -17.40 -17.81
C GLY C 302 -11.62 -18.21 -16.82
N LEU C 303 -12.94 -18.03 -16.85
CA LEU C 303 -13.89 -18.67 -15.90
C LEU C 303 -14.65 -19.82 -16.52
N ALA C 304 -14.06 -21.01 -16.44
CA ALA C 304 -14.61 -22.24 -17.03
C ALA C 304 -15.99 -22.60 -16.46
N GLY C 305 -16.08 -22.60 -15.12
CA GLY C 305 -17.30 -23.01 -14.41
C GLY C 305 -18.51 -22.20 -14.82
N LEU C 306 -18.29 -20.89 -14.98
CA LEU C 306 -19.32 -19.95 -15.39
C LEU C 306 -19.80 -20.27 -16.81
N VAL C 307 -18.88 -20.33 -17.78
CA VAL C 307 -19.24 -20.68 -19.17
C VAL C 307 -20.04 -21.97 -19.23
N ALA C 308 -19.48 -23.05 -18.66
CA ALA C 308 -20.18 -24.34 -18.48
C ALA C 308 -21.54 -24.19 -17.81
N GLU C 309 -21.56 -23.52 -16.65
CA GLU C 309 -22.83 -23.15 -16.01
C GLU C 309 -23.80 -22.50 -17.01
N LEU C 310 -23.30 -21.49 -17.73
CA LEU C 310 -24.15 -20.74 -18.66
C LEU C 310 -24.57 -21.61 -19.82
N ALA C 311 -23.67 -22.48 -20.29
CA ALA C 311 -23.98 -23.46 -21.35
C ALA C 311 -25.18 -24.32 -20.99
N ASP C 312 -25.18 -24.86 -19.77
CA ASP C 312 -26.27 -25.72 -19.24
C ASP C 312 -27.62 -25.01 -19.19
N LEU C 313 -27.60 -23.72 -18.84
CA LEU C 313 -28.80 -22.89 -18.82
C LEU C 313 -29.28 -22.55 -20.24
N GLY C 314 -28.43 -22.76 -21.25
CA GLY C 314 -28.85 -22.70 -22.64
C GLY C 314 -28.15 -21.63 -23.45
N ALA C 315 -27.20 -20.94 -22.83
CA ALA C 315 -26.56 -19.77 -23.43
C ALA C 315 -25.12 -20.05 -23.79
N THR C 316 -24.66 -19.49 -24.91
CA THR C 316 -23.29 -19.67 -25.36
C THR C 316 -22.49 -18.44 -24.95
N ALA C 317 -21.44 -18.68 -24.18
CA ALA C 317 -20.71 -17.59 -23.58
C ALA C 317 -19.22 -17.67 -23.86
N THR C 318 -18.62 -16.50 -24.01
CA THR C 318 -17.25 -16.35 -24.42
C THR C 318 -16.61 -15.38 -23.43
N VAL C 319 -15.32 -15.59 -23.11
CA VAL C 319 -14.59 -14.74 -22.14
C VAL C 319 -13.43 -13.98 -22.78
N VAL C 320 -13.24 -12.73 -22.36
CA VAL C 320 -12.23 -11.82 -22.90
C VAL C 320 -11.71 -10.92 -21.76
N THR C 321 -10.45 -10.52 -21.82
CA THR C 321 -9.82 -9.75 -20.75
C THR C 321 -9.01 -8.63 -21.42
N CYS C 322 -9.36 -7.41 -21.06
CA CYS C 322 -8.65 -6.21 -21.54
C CYS C 322 -9.06 -5.06 -20.64
N ASP C 323 -8.23 -4.04 -20.63
CA ASP C 323 -8.47 -2.84 -19.87
C ASP C 323 -9.47 -1.95 -20.63
N LEU C 324 -10.75 -1.99 -20.26
CA LEU C 324 -11.79 -1.16 -20.95
C LEU C 324 -11.61 0.32 -20.74
N THR C 325 -10.74 0.72 -19.81
CA THR C 325 -10.47 2.12 -19.61
C THR C 325 -9.50 2.63 -20.70
N ASP C 326 -9.15 1.68 -21.59
CA ASP C 326 -8.35 1.90 -22.76
C ASP C 326 -9.32 1.88 -23.95
N ALA C 327 -9.47 3.04 -24.57
CA ALA C 327 -10.47 3.23 -25.61
C ALA C 327 -10.23 2.33 -26.78
N GLU C 328 -8.97 2.07 -27.15
CA GLU C 328 -8.84 1.21 -28.32
C GLU C 328 -9.15 -0.22 -27.87
N ALA C 329 -8.82 -0.56 -26.63
CA ALA C 329 -9.12 -1.93 -26.13
C ALA C 329 -10.65 -2.11 -26.06
N ALA C 330 -11.32 -1.07 -25.62
CA ALA C 330 -12.77 -1.07 -25.68
C ALA C 330 -13.28 -1.26 -27.12
N ALA C 331 -12.58 -0.72 -28.11
CA ALA C 331 -13.08 -0.83 -29.48
C ALA C 331 -12.87 -2.23 -29.98
N ARG C 332 -11.74 -2.80 -29.59
CA ARG C 332 -11.40 -4.14 -29.99
C ARG C 332 -12.43 -5.18 -29.52
N LEU C 333 -12.85 -5.09 -28.24
CA LEU C 333 -13.94 -5.88 -27.69
C LEU C 333 -15.24 -5.77 -28.53
N LEU C 334 -15.66 -4.54 -28.79
CA LEU C 334 -16.88 -4.38 -29.57
C LEU C 334 -16.76 -4.93 -30.99
N ALA C 335 -15.57 -4.80 -31.60
CA ALA C 335 -15.35 -5.35 -32.95
C ALA C 335 -15.43 -6.88 -32.94
N GLY C 336 -14.97 -7.49 -31.82
CA GLY C 336 -15.00 -8.94 -31.60
C GLY C 336 -16.36 -9.64 -31.59
N VAL C 337 -17.43 -8.87 -31.56
CA VAL C 337 -18.80 -9.39 -31.55
C VAL C 337 -19.12 -9.83 -32.99
N SER C 338 -19.81 -10.95 -33.12
CA SER C 338 -20.14 -11.52 -34.43
C SER C 338 -21.12 -10.65 -35.19
N ASP C 339 -21.13 -10.78 -36.51
CA ASP C 339 -22.13 -10.12 -37.38
C ASP C 339 -23.47 -10.87 -37.30
N ALA C 340 -23.40 -12.17 -37.00
CA ALA C 340 -24.59 -13.03 -36.89
C ALA C 340 -25.45 -12.71 -35.65
N HIS C 341 -24.77 -12.25 -34.60
CA HIS C 341 -25.38 -11.98 -33.31
C HIS C 341 -24.90 -10.59 -32.83
N PRO C 342 -25.44 -9.52 -33.43
CA PRO C 342 -24.95 -8.17 -33.12
C PRO C 342 -25.36 -7.69 -31.69
N LEU C 343 -24.49 -6.90 -31.05
CA LEU C 343 -24.74 -6.28 -29.74
C LEU C 343 -26.17 -5.78 -29.54
N SER C 344 -26.74 -6.18 -28.41
CA SER C 344 -28.09 -5.91 -28.09
C SER C 344 -28.17 -5.03 -26.82
N ALA C 345 -27.29 -5.31 -25.85
CA ALA C 345 -27.28 -4.65 -24.56
C ALA C 345 -25.96 -4.88 -23.92
N VAL C 346 -25.62 -3.97 -23.02
CA VAL C 346 -24.40 -4.06 -22.25
C VAL C 346 -24.78 -3.86 -20.82
N LEU C 347 -24.38 -4.78 -19.95
CA LEU C 347 -24.48 -4.54 -18.54
C LEU C 347 -23.07 -4.28 -18.04
N HIS C 348 -22.87 -3.07 -17.57
CA HIS C 348 -21.54 -2.63 -17.19
C HIS C 348 -21.41 -2.50 -15.69
N LEU C 349 -20.61 -3.39 -15.08
CA LEU C 349 -20.43 -3.38 -13.62
C LEU C 349 -18.97 -3.12 -13.34
N PRO C 350 -18.64 -1.83 -13.10
CA PRO C 350 -17.26 -1.45 -12.96
C PRO C 350 -16.76 -1.93 -11.60
N PRO C 351 -15.45 -2.14 -11.46
CA PRO C 351 -14.88 -2.74 -10.23
C PRO C 351 -15.19 -1.90 -8.98
N THR C 352 -15.40 -2.57 -7.85
CA THR C 352 -15.56 -1.92 -6.57
C THR C 352 -14.25 -1.18 -6.23
N VAL C 353 -14.33 -0.09 -5.44
CA VAL C 353 -13.18 0.76 -5.21
C VAL C 353 -13.01 1.01 -3.74
N ASP C 354 -11.84 1.49 -3.33
CA ASP C 354 -11.60 1.73 -1.91
C ASP C 354 -12.08 3.10 -1.39
N SER C 355 -12.69 3.06 -0.20
CA SER C 355 -13.09 4.26 0.57
C SER C 355 -11.90 4.94 1.28
N GLU C 356 -11.83 6.28 1.20
CA GLU C 356 -10.96 7.07 2.08
C GLU C 356 -11.72 8.36 2.42
N PRO C 357 -11.68 8.81 3.71
CA PRO C 357 -12.23 10.15 3.96
C PRO C 357 -11.48 11.20 3.15
N LEU C 358 -12.14 12.31 2.84
CA LEU C 358 -11.61 13.33 1.90
C LEU C 358 -10.32 13.93 2.46
N ALA C 359 -10.28 14.08 3.78
CA ALA C 359 -9.10 14.67 4.40
C ALA C 359 -7.88 13.74 4.25
N ALA C 360 -8.11 12.42 4.10
CA ALA C 360 -7.00 11.41 3.93
C ALA C 360 -6.48 11.20 2.52
N THR C 361 -7.34 11.27 1.49
CA THR C 361 -6.87 11.06 0.11
C THR C 361 -6.06 12.19 -0.52
N ASP C 362 -5.72 11.98 -1.78
CA ASP C 362 -5.23 13.08 -2.58
C ASP C 362 -5.94 13.04 -3.92
N ALA C 363 -5.76 14.13 -4.68
CA ALA C 363 -6.41 14.26 -5.96
C ALA C 363 -6.02 13.07 -6.87
N ASP C 364 -4.82 12.51 -6.76
CA ASP C 364 -4.50 11.40 -7.64
C ASP C 364 -5.25 10.10 -7.24
N ALA C 365 -5.46 9.88 -5.94
CA ALA C 365 -6.18 8.66 -5.53
C ALA C 365 -7.66 8.79 -5.99
N LEU C 366 -8.25 9.96 -5.78
CA LEU C 366 -9.61 10.27 -6.32
C LEU C 366 -9.73 9.99 -7.81
N ALA C 367 -8.67 10.29 -8.58
CA ALA C 367 -8.76 10.27 -10.06
C ALA C 367 -8.74 8.81 -10.50
N ARG C 368 -7.90 8.01 -9.82
CA ARG C 368 -7.86 6.56 -10.01
C ARG C 368 -9.24 5.93 -9.76
N VAL C 369 -10.00 6.40 -8.77
CA VAL C 369 -11.32 5.76 -8.53
C VAL C 369 -12.35 6.23 -9.60
N VAL C 370 -12.34 7.54 -9.89
CA VAL C 370 -13.15 8.12 -10.97
C VAL C 370 -12.85 7.30 -12.21
N THR C 371 -11.56 7.06 -12.48
CA THR C 371 -11.21 6.24 -13.66
C THR C 371 -11.75 4.76 -13.67
N ALA C 372 -11.48 3.99 -12.62
CA ALA C 372 -12.04 2.65 -12.44
C ALA C 372 -13.56 2.56 -12.54
N LYS C 373 -14.27 3.62 -12.09
CA LYS C 373 -15.71 3.67 -12.03
C LYS C 373 -16.32 4.23 -13.35
N ALA C 374 -15.65 5.18 -13.98
CA ALA C 374 -16.31 6.01 -15.02
C ALA C 374 -15.69 5.95 -16.41
N THR C 375 -14.39 5.66 -16.48
CA THR C 375 -13.73 5.76 -17.79
C THR C 375 -14.23 4.84 -18.85
N ALA C 376 -14.32 3.57 -18.51
CA ALA C 376 -14.84 2.59 -19.41
C ALA C 376 -16.31 2.95 -19.83
N ALA C 377 -17.10 3.50 -18.95
CA ALA C 377 -18.48 3.83 -19.33
C ALA C 377 -18.48 4.90 -20.39
N LEU C 378 -17.61 5.91 -20.21
CA LEU C 378 -17.46 6.98 -21.18
C LEU C 378 -17.11 6.41 -22.56
N HIS C 379 -16.10 5.54 -22.62
CA HIS C 379 -15.72 4.87 -23.88
C HIS C 379 -16.83 4.04 -24.48
N LEU C 380 -17.51 3.24 -23.66
CA LEU C 380 -18.58 2.38 -24.15
C LEU C 380 -19.68 3.25 -24.80
N ASP C 381 -20.16 4.26 -24.06
CA ASP C 381 -21.10 5.28 -24.61
C ASP C 381 -20.66 5.76 -26.00
N ARG C 382 -19.41 6.25 -26.09
CA ARG C 382 -18.97 6.95 -27.35
C ARG C 382 -18.91 5.99 -28.46
N LEU C 383 -18.43 4.78 -28.18
CA LEU C 383 -18.36 3.78 -29.22
C LEU C 383 -19.75 3.29 -29.61
N LEU C 384 -20.75 3.46 -28.75
CA LEU C 384 -22.03 2.91 -29.15
C LEU C 384 -22.83 3.91 -29.99
N ARG C 385 -22.35 5.14 -30.15
CA ARG C 385 -23.15 6.19 -30.82
C ARG C 385 -23.62 5.94 -32.27
N GLU C 386 -23.01 4.98 -32.96
CA GLU C 386 -23.31 4.66 -34.39
C GLU C 386 -24.05 3.35 -34.67
N ALA C 387 -24.25 2.54 -33.62
CA ALA C 387 -24.97 1.26 -33.71
C ALA C 387 -26.43 1.37 -34.21
N GLY C 391 -29.72 0.81 -39.86
CA GLY C 391 -30.95 1.03 -39.08
C GLY C 391 -31.43 -0.19 -38.29
N GLY C 392 -32.25 0.06 -37.26
CA GLY C 392 -32.56 -1.01 -36.33
C GLY C 392 -31.90 -0.83 -34.96
N ARG C 393 -32.52 -1.47 -33.97
CA ARG C 393 -32.47 -1.16 -32.53
C ARG C 393 -31.16 -0.62 -31.90
N PRO C 394 -31.20 0.61 -31.30
CA PRO C 394 -30.01 1.05 -30.54
C PRO C 394 -29.77 0.10 -29.34
N PRO C 395 -28.52 -0.36 -29.12
CA PRO C 395 -28.27 -1.22 -27.97
C PRO C 395 -28.54 -0.44 -26.66
N VAL C 396 -28.79 -1.17 -25.60
CA VAL C 396 -29.12 -0.58 -24.33
C VAL C 396 -27.83 -0.59 -23.48
N LEU C 397 -27.37 0.54 -23.00
CA LEU C 397 -26.15 0.57 -22.14
C LEU C 397 -26.56 0.75 -20.65
N VAL C 398 -26.30 -0.25 -19.81
CA VAL C 398 -26.80 -0.18 -18.45
C VAL C 398 -25.61 0.03 -17.54
N LEU C 399 -25.66 1.14 -16.80
CA LEU C 399 -24.59 1.48 -15.86
C LEU C 399 -24.98 1.17 -14.42
N PHE C 400 -24.17 0.31 -13.80
CA PHE C 400 -24.36 0.00 -12.39
C PHE C 400 -23.73 1.06 -11.53
N SER C 401 -24.57 1.93 -11.04
CA SER C 401 -24.12 2.97 -10.18
C SER C 401 -24.48 2.61 -8.74
N SER C 402 -24.54 3.59 -7.85
CA SER C 402 -24.49 3.27 -6.44
C SER C 402 -25.23 4.37 -5.73
N VAL C 403 -25.96 4.06 -4.69
CA VAL C 403 -26.55 5.13 -3.87
C VAL C 403 -25.51 6.05 -3.23
N ALA C 404 -24.20 5.71 -3.23
CA ALA C 404 -23.17 6.70 -2.84
C ALA C 404 -23.31 8.02 -3.65
N ALA C 405 -23.58 7.87 -4.95
CA ALA C 405 -23.81 9.02 -5.85
C ALA C 405 -25.14 9.72 -5.59
N ILE C 406 -26.03 9.08 -4.82
CA ILE C 406 -27.40 9.58 -4.68
C ILE C 406 -27.53 10.35 -3.39
N TRP C 407 -27.29 9.69 -2.24
CA TRP C 407 -27.27 10.41 -0.98
C TRP C 407 -25.89 10.64 -0.45
N GLY C 408 -24.97 9.71 -0.73
CA GLY C 408 -23.58 9.83 -0.27
C GLY C 408 -23.34 9.14 1.08
N GLY C 409 -22.06 8.96 1.45
CA GLY C 409 -21.73 8.45 2.80
C GLY C 409 -20.30 8.73 3.22
N ALA C 410 -20.10 8.73 4.55
CA ALA C 410 -18.82 8.95 5.15
C ALA C 410 -17.78 8.02 4.56
N GLY C 411 -16.76 8.62 3.99
CA GLY C 411 -15.65 7.87 3.43
C GLY C 411 -15.81 7.45 1.98
N GLN C 412 -16.90 7.81 1.34
CA GLN C 412 -17.19 7.36 -0.03
C GLN C 412 -16.99 8.45 -1.10
N GLY C 413 -16.14 9.45 -0.83
CA GLY C 413 -15.94 10.60 -1.71
C GLY C 413 -15.55 10.28 -3.13
N ALA C 414 -14.40 9.65 -3.30
CA ALA C 414 -13.99 9.13 -4.58
C ALA C 414 -15.11 8.27 -5.24
N TYR C 415 -15.68 7.32 -4.50
CA TYR C 415 -16.72 6.39 -4.98
C TYR C 415 -17.96 7.14 -5.53
N ALA C 416 -18.40 8.14 -4.78
CA ALA C 416 -19.55 8.95 -5.11
C ALA C 416 -19.28 9.81 -6.37
N ALA C 417 -18.07 10.32 -6.46
CA ALA C 417 -17.71 11.16 -7.60
C ALA C 417 -17.74 10.37 -8.91
N GLY C 418 -17.13 9.20 -8.92
CA GLY C 418 -17.09 8.35 -10.13
C GLY C 418 -18.49 7.85 -10.49
N THR C 419 -19.27 7.60 -9.47
CA THR C 419 -20.58 6.97 -9.65
C THR C 419 -21.54 8.06 -10.09
N ALA C 420 -21.38 9.29 -9.57
CA ALA C 420 -22.21 10.41 -10.04
C ALA C 420 -22.04 10.78 -11.51
N PHE C 421 -20.85 10.52 -12.05
CA PHE C 421 -20.65 10.63 -13.47
C PHE C 421 -21.51 9.69 -14.29
N LEU C 422 -21.67 8.46 -13.84
CA LEU C 422 -22.58 7.49 -14.47
C LEU C 422 -24.03 7.97 -14.54
N ASP C 423 -24.54 8.50 -13.42
CA ASP C 423 -25.89 9.01 -13.40
C ASP C 423 -26.02 10.18 -14.37
N ALA C 424 -24.97 10.97 -14.44
CA ALA C 424 -24.99 12.13 -15.29
C ALA C 424 -24.94 11.72 -16.73
N LEU C 425 -24.24 10.64 -17.07
CA LEU C 425 -24.21 10.21 -18.45
C LEU C 425 -25.62 9.96 -18.97
N ALA C 426 -26.44 9.39 -18.10
CA ALA C 426 -27.81 9.03 -18.45
C ALA C 426 -28.74 10.19 -18.72
N GLY C 427 -28.45 11.36 -18.09
CA GLY C 427 -29.08 12.64 -18.41
C GLY C 427 -28.67 13.39 -19.66
N GLN C 428 -27.60 13.00 -20.38
CA GLN C 428 -27.15 13.63 -21.68
C GLN C 428 -28.18 13.33 -22.81
N HIS C 429 -28.25 14.23 -23.79
CA HIS C 429 -29.06 13.95 -24.97
C HIS C 429 -28.29 13.14 -25.99
N ARG C 430 -28.98 12.12 -26.55
CA ARG C 430 -28.38 11.30 -27.62
C ARG C 430 -29.45 11.19 -28.69
N ALA C 431 -29.06 11.52 -29.92
CA ALA C 431 -30.02 11.54 -31.06
C ALA C 431 -30.48 10.18 -31.43
N ASP C 432 -29.62 9.17 -31.24
CA ASP C 432 -29.91 7.82 -31.74
C ASP C 432 -29.12 6.73 -31.00
N GLY C 433 -29.15 6.78 -29.69
CA GLY C 433 -28.48 5.69 -28.99
C GLY C 433 -27.02 5.92 -28.62
N PRO C 434 -26.46 5.03 -27.75
CA PRO C 434 -27.29 4.00 -27.16
C PRO C 434 -28.31 4.59 -26.14
N THR C 435 -29.32 3.79 -25.79
CA THR C 435 -30.26 4.10 -24.75
C THR C 435 -29.60 3.79 -23.39
N VAL C 436 -29.24 4.82 -22.63
CA VAL C 436 -28.46 4.66 -21.38
C VAL C 436 -29.37 4.68 -20.13
N THR C 437 -29.10 3.76 -19.21
CA THR C 437 -29.87 3.66 -18.00
C THR C 437 -28.82 3.55 -16.91
N SER C 438 -28.84 4.45 -15.95
CA SER C 438 -27.99 4.30 -14.78
C SER C 438 -28.83 3.86 -13.55
N VAL C 439 -28.42 2.77 -12.88
CA VAL C 439 -29.22 2.32 -11.76
C VAL C 439 -28.33 2.44 -10.59
N ALA C 440 -28.77 3.25 -9.64
CA ALA C 440 -28.01 3.44 -8.44
C ALA C 440 -28.48 2.38 -7.44
N TRP C 441 -27.64 1.38 -7.20
CA TRP C 441 -27.99 0.31 -6.27
C TRP C 441 -27.50 0.50 -4.86
N SER C 442 -28.35 0.16 -3.86
CA SER C 442 -27.78 -0.21 -2.53
C SER C 442 -27.03 -1.54 -2.58
N PRO C 443 -26.18 -1.84 -1.56
CA PRO C 443 -25.35 -3.08 -1.72
C PRO C 443 -26.18 -4.34 -1.84
N TRP C 444 -25.66 -5.28 -2.61
CA TRP C 444 -26.32 -6.56 -2.76
C TRP C 444 -25.76 -7.48 -1.68
N GLU C 445 -26.61 -8.42 -1.26
CA GLU C 445 -26.19 -9.55 -0.42
C GLU C 445 -24.98 -10.18 -1.01
N GLY C 446 -24.02 -10.50 -0.13
CA GLY C 446 -22.77 -11.12 -0.55
C GLY C 446 -21.76 -10.15 -1.17
N SER C 447 -21.92 -8.84 -0.95
CA SER C 447 -20.88 -7.90 -1.38
C SER C 447 -20.00 -7.59 -0.19
N ARG C 448 -18.69 -7.41 -0.45
CA ARG C 448 -17.68 -7.05 0.57
C ARG C 448 -18.26 -6.13 1.61
N VAL C 449 -19.11 -5.22 1.14
CA VAL C 449 -19.66 -4.12 1.95
C VAL C 449 -20.71 -4.57 2.99
N THR C 450 -21.45 -5.64 2.69
CA THR C 450 -22.49 -6.06 3.64
C THR C 450 -21.97 -6.85 4.86
N GLU C 451 -20.64 -7.05 4.90
CA GLU C 451 -20.00 -7.99 5.82
C GLU C 451 -19.40 -7.32 7.07
N GLY C 452 -19.36 -8.07 8.17
CA GLY C 452 -18.82 -7.58 9.45
C GLY C 452 -19.38 -6.24 9.90
N ALA C 453 -18.48 -5.39 10.38
CA ALA C 453 -18.85 -4.15 11.04
C ALA C 453 -19.65 -3.19 10.13
N THR C 454 -19.02 -2.69 9.05
CA THR C 454 -19.73 -1.88 8.05
C THR C 454 -21.09 -2.47 7.65
N GLY C 455 -21.14 -3.79 7.53
CA GLY C 455 -22.35 -4.52 7.19
C GLY C 455 -23.37 -4.32 8.28
N GLU C 456 -22.96 -4.55 9.51
CA GLU C 456 -23.85 -4.40 10.66
C GLU C 456 -24.34 -2.94 10.82
N ARG C 457 -23.52 -1.99 10.39
CA ARG C 457 -23.81 -0.54 10.43
C ARG C 457 -24.82 -0.07 9.35
N LEU C 458 -24.69 -0.60 8.12
CA LEU C 458 -25.74 -0.49 7.12
C LEU C 458 -27.10 -1.00 7.64
N ARG C 459 -27.15 -2.23 8.19
CA ARG C 459 -28.44 -2.80 8.65
C ARG C 459 -29.03 -1.93 9.71
N ARG C 460 -28.15 -1.26 10.46
CA ARG C 460 -28.50 -0.35 11.53
C ARG C 460 -29.06 0.95 10.99
N LEU C 461 -28.29 1.60 10.11
CA LEU C 461 -28.78 2.79 9.39
C LEU C 461 -29.96 2.50 8.46
N GLY C 462 -30.40 1.25 8.39
CA GLY C 462 -31.67 0.90 7.77
C GLY C 462 -31.65 0.35 6.35
N LEU C 463 -30.48 0.08 5.79
CA LEU C 463 -30.34 -0.49 4.44
C LEU C 463 -30.26 -2.04 4.42
N ARG C 464 -31.25 -2.71 3.82
CA ARG C 464 -31.19 -4.18 3.77
C ARG C 464 -30.51 -4.66 2.51
N PRO C 465 -29.37 -5.32 2.65
CA PRO C 465 -28.76 -5.95 1.47
C PRO C 465 -29.82 -6.58 0.54
N LEU C 466 -29.67 -6.33 -0.77
CA LEU C 466 -30.64 -6.76 -1.74
C LEU C 466 -30.33 -8.18 -2.07
N ALA C 467 -31.33 -9.04 -2.09
CA ALA C 467 -31.18 -10.39 -2.69
C ALA C 467 -30.88 -10.28 -4.20
N PRO C 468 -29.82 -10.98 -4.69
CA PRO C 468 -29.44 -10.87 -6.10
C PRO C 468 -30.55 -11.23 -7.08
N ALA C 469 -31.41 -12.18 -6.72
CA ALA C 469 -32.57 -12.54 -7.56
C ALA C 469 -33.64 -11.44 -7.65
N THR C 470 -33.94 -10.82 -6.52
CA THR C 470 -34.92 -9.78 -6.48
C THR C 470 -34.41 -8.49 -7.15
N ALA C 471 -33.13 -8.17 -6.92
CA ALA C 471 -32.46 -7.03 -7.62
C ALA C 471 -32.48 -7.16 -9.12
N LEU C 472 -32.18 -8.37 -9.62
CA LEU C 472 -32.26 -8.59 -11.06
C LEU C 472 -33.64 -8.48 -11.63
N THR C 473 -34.64 -8.94 -10.90
CA THR C 473 -35.99 -8.75 -11.33
C THR C 473 -36.36 -7.25 -11.40
N ALA C 474 -35.99 -6.50 -10.37
CA ALA C 474 -36.17 -5.03 -10.33
C ALA C 474 -35.35 -4.34 -11.44
N LEU C 475 -34.13 -4.80 -11.71
CA LEU C 475 -33.41 -4.30 -12.90
C LEU C 475 -34.25 -4.50 -14.17
N ASP C 476 -34.75 -5.75 -14.36
CA ASP C 476 -35.50 -6.09 -15.58
C ASP C 476 -36.73 -5.17 -15.77
N THR C 477 -37.50 -4.97 -14.70
CA THR C 477 -38.66 -4.04 -14.70
C THR C 477 -38.25 -2.60 -15.08
N ALA C 478 -37.12 -2.13 -14.53
CA ALA C 478 -36.64 -0.78 -14.82
C ALA C 478 -36.29 -0.66 -16.31
N LEU C 479 -35.57 -1.65 -16.84
CA LEU C 479 -35.13 -1.50 -18.20
C LEU C 479 -36.28 -1.72 -19.18
N GLY C 480 -37.20 -2.59 -18.79
CA GLY C 480 -38.41 -2.92 -19.56
C GLY C 480 -39.31 -1.73 -19.71
N HIS C 481 -39.32 -0.85 -18.68
CA HIS C 481 -40.13 0.29 -18.75
C HIS C 481 -39.43 1.59 -19.11
N GLY C 482 -38.19 1.52 -19.52
CA GLY C 482 -37.45 2.69 -20.05
C GLY C 482 -36.97 3.74 -19.07
N ASP C 483 -36.69 3.31 -17.83
CA ASP C 483 -35.97 4.20 -16.92
C ASP C 483 -34.69 4.72 -17.50
N THR C 484 -34.45 5.99 -17.17
CA THR C 484 -33.23 6.65 -17.50
C THR C 484 -32.26 6.63 -16.32
N ALA C 485 -32.69 7.12 -15.15
CA ALA C 485 -31.92 7.14 -13.88
C ALA C 485 -32.90 6.73 -12.76
N VAL C 486 -32.61 5.60 -12.10
CA VAL C 486 -33.49 5.09 -11.08
C VAL C 486 -32.57 4.57 -9.99
N THR C 487 -33.07 4.67 -8.76
CA THR C 487 -32.31 4.20 -7.59
C THR C 487 -33.07 3.00 -7.11
N ILE C 488 -32.40 1.89 -6.85
CA ILE C 488 -33.05 0.66 -6.38
C ILE C 488 -32.41 0.29 -5.04
N ALA C 489 -33.18 0.44 -3.97
CA ALA C 489 -32.71 0.32 -2.61
C ALA C 489 -33.83 -0.17 -1.66
N ASP C 490 -33.46 -1.04 -0.72
CA ASP C 490 -34.40 -1.58 0.24
C ASP C 490 -34.12 -0.79 1.50
N VAL C 491 -35.00 0.16 1.77
CA VAL C 491 -34.72 1.17 2.82
C VAL C 491 -35.79 1.15 3.91
N ASP C 492 -35.32 1.09 5.16
CA ASP C 492 -36.19 1.18 6.33
C ASP C 492 -35.98 2.61 6.82
N TRP C 493 -36.94 3.43 6.41
CA TRP C 493 -36.92 4.87 6.49
C TRP C 493 -36.99 5.35 7.92
N SER C 494 -37.76 4.64 8.75
CA SER C 494 -37.84 4.89 10.20
C SER C 494 -36.62 4.34 10.89
N SER C 495 -35.45 4.82 10.47
CA SER C 495 -34.09 4.48 10.93
C SER C 495 -33.00 5.02 9.96
N PHE C 496 -33.23 4.93 8.64
CA PHE C 496 -32.35 5.61 7.68
C PHE C 496 -32.48 7.13 7.74
N ALA C 497 -33.73 7.62 7.84
CA ALA C 497 -34.02 9.04 7.76
C ALA C 497 -33.52 9.87 8.93
N PRO C 498 -33.85 9.47 10.20
CA PRO C 498 -33.20 10.00 11.41
C PRO C 498 -31.67 9.86 11.39
N GLY C 499 -31.15 8.74 10.88
CA GLY C 499 -29.70 8.56 10.85
C GLY C 499 -29.06 9.55 9.91
N PHE C 500 -29.90 10.04 8.99
CA PHE C 500 -29.45 10.89 7.89
C PHE C 500 -29.57 12.40 8.23
N THR C 501 -30.46 12.80 9.13
CA THR C 501 -30.65 14.24 9.45
C THR C 501 -29.99 14.71 10.76
N THR C 502 -28.94 14.01 11.22
CA THR C 502 -28.38 14.30 12.57
C THR C 502 -27.24 15.33 12.53
N ALA C 503 -26.01 14.86 12.28
CA ALA C 503 -24.85 15.76 12.26
C ALA C 503 -24.98 16.80 11.16
N ARG C 504 -25.74 16.46 10.12
CA ARG C 504 -25.98 17.36 8.98
C ARG C 504 -27.50 17.51 8.66
N PRO C 505 -28.11 18.70 8.98
CA PRO C 505 -29.51 19.11 8.61
C PRO C 505 -29.76 19.24 7.09
N GLY C 506 -30.80 18.60 6.58
CA GLY C 506 -30.88 18.37 5.14
C GLY C 506 -32.30 18.18 4.64
N THR C 507 -32.46 18.25 3.33
CA THR C 507 -33.83 18.30 2.75
C THR C 507 -34.06 17.31 1.64
N LEU C 508 -33.07 16.48 1.33
CA LEU C 508 -33.24 15.51 0.25
C LEU C 508 -34.41 14.57 0.47
N LEU C 509 -34.68 14.24 1.75
CA LEU C 509 -35.78 13.37 2.13
C LEU C 509 -37.04 14.09 2.52
N ALA C 510 -37.02 15.43 2.48
CA ALA C 510 -38.11 16.21 3.03
C ALA C 510 -39.48 16.01 2.37
N ASP C 511 -39.50 15.38 1.18
CA ASP C 511 -40.79 15.11 0.49
C ASP C 511 -41.16 13.65 0.36
N LEU C 512 -40.41 12.76 0.96
CA LEU C 512 -40.76 11.38 0.96
C LEU C 512 -41.75 11.13 2.13
N PRO C 513 -43.02 10.72 1.81
CA PRO C 513 -43.99 10.47 2.90
C PRO C 513 -43.40 9.58 4.01
N GLU C 514 -42.77 8.50 3.63
CA GLU C 514 -42.16 7.59 4.61
C GLU C 514 -41.10 8.29 5.50
N ALA C 515 -40.34 9.24 4.93
CA ALA C 515 -39.46 10.09 5.72
C ALA C 515 -40.32 11.22 6.28
N SER D 27 -20.35 -45.76 -0.86
CA SER D 27 -20.02 -44.75 -1.89
C SER D 27 -19.20 -43.54 -1.37
N TRP D 28 -19.52 -43.01 -0.17
CA TRP D 28 -18.80 -41.82 0.39
C TRP D 28 -17.47 -42.20 1.11
N ARG D 29 -17.12 -43.51 1.08
CA ARG D 29 -16.04 -44.07 1.93
C ARG D 29 -14.71 -44.19 1.26
N TYR D 30 -13.70 -43.48 1.78
CA TYR D 30 -12.31 -43.74 1.31
C TYR D 30 -11.28 -43.97 2.39
N ARG D 31 -10.09 -44.42 1.99
CA ARG D 31 -9.00 -44.44 2.95
C ARG D 31 -7.68 -44.22 2.24
N ILE D 32 -6.64 -44.01 3.04
CA ILE D 32 -5.28 -43.89 2.59
C ILE D 32 -4.69 -45.30 2.58
N ASP D 33 -4.36 -45.81 1.41
CA ASP D 33 -3.61 -47.06 1.33
C ASP D 33 -2.15 -46.75 1.02
N TRP D 34 -1.23 -47.52 1.62
CA TRP D 34 0.19 -47.48 1.32
C TRP D 34 0.56 -48.65 0.38
N LYS D 35 0.88 -48.26 -0.85
CA LYS D 35 1.10 -49.18 -1.97
C LYS D 35 2.57 -49.35 -2.35
N ARG D 36 2.99 -50.61 -2.30
CA ARG D 36 4.35 -51.03 -2.60
C ARG D 36 4.79 -50.45 -3.96
N LEU D 37 6.05 -50.00 -4.07
CA LEU D 37 6.56 -49.47 -5.35
C LEU D 37 7.21 -50.51 -6.31
N ALA D 38 7.64 -50.07 -7.50
CA ALA D 38 8.19 -51.00 -8.49
C ALA D 38 9.66 -51.36 -8.21
N GLY D 47 20.47 -42.32 -10.74
CA GLY D 47 20.66 -41.85 -9.37
C GLY D 47 20.73 -40.34 -9.23
N LEU D 48 21.54 -39.87 -8.27
CA LEU D 48 21.56 -38.48 -7.84
C LEU D 48 22.65 -37.64 -8.50
N SER D 49 22.73 -36.34 -8.12
CA SER D 49 23.75 -35.39 -8.63
C SER D 49 23.74 -33.96 -8.06
N GLY D 50 24.87 -33.54 -7.47
CA GLY D 50 25.08 -32.12 -7.21
C GLY D 50 25.14 -31.70 -5.75
N ARG D 51 25.08 -30.40 -5.53
CA ARG D 51 25.00 -29.85 -4.19
C ARG D 51 23.56 -30.09 -3.67
N TRP D 52 23.44 -30.78 -2.54
CA TRP D 52 22.16 -30.80 -1.82
C TRP D 52 22.30 -30.04 -0.52
N LEU D 53 21.33 -29.19 -0.20
CA LEU D 53 21.38 -28.50 1.09
C LEU D 53 20.60 -29.30 2.12
N VAL D 54 21.29 -29.77 3.16
CA VAL D 54 20.67 -30.50 4.23
C VAL D 54 20.43 -29.56 5.40
N VAL D 55 19.18 -29.19 5.63
CA VAL D 55 18.86 -28.28 6.75
C VAL D 55 18.55 -29.01 8.05
N VAL D 56 19.31 -28.67 9.09
CA VAL D 56 19.30 -29.42 10.31
C VAL D 56 19.19 -28.49 11.51
N PRO D 57 18.37 -28.89 12.51
CA PRO D 57 18.46 -28.28 13.83
C PRO D 57 19.87 -28.43 14.44
N GLU D 58 20.36 -27.36 15.06
CA GLU D 58 21.56 -27.42 15.88
C GLU D 58 21.20 -28.37 17.03
N ASP D 59 22.20 -29.00 17.64
CA ASP D 59 21.98 -30.04 18.69
C ASP D 59 21.47 -31.35 18.07
N ARG D 60 20.83 -31.24 16.92
CA ARG D 60 20.52 -32.41 16.11
C ARG D 60 21.60 -32.62 15.03
N SER D 61 22.74 -31.95 15.23
CA SER D 61 23.94 -32.18 14.45
C SER D 61 24.37 -33.64 14.59
N ALA D 62 23.78 -34.32 15.57
CA ALA D 62 23.94 -35.77 15.81
C ALA D 62 23.67 -36.61 14.55
N GLU D 63 22.37 -36.81 14.26
CA GLU D 63 21.87 -37.35 12.98
C GLU D 63 22.30 -36.35 11.89
N ALA D 64 21.72 -36.41 10.70
CA ALA D 64 22.30 -35.72 9.55
C ALA D 64 23.59 -36.39 9.07
N ALA D 65 24.49 -36.77 9.99
CA ALA D 65 25.73 -37.43 9.61
C ALA D 65 25.46 -38.71 8.80
N PRO D 66 24.58 -39.61 9.31
CA PRO D 66 24.32 -40.78 8.46
C PRO D 66 23.59 -40.41 7.17
N VAL D 67 22.75 -39.36 7.24
CA VAL D 67 22.09 -38.77 6.06
C VAL D 67 23.06 -38.24 4.98
N LEU D 68 24.14 -37.59 5.40
CA LEU D 68 25.13 -37.07 4.45
C LEU D 68 25.88 -38.22 3.75
N ALA D 69 26.24 -39.24 4.52
CA ALA D 69 26.97 -40.38 3.97
C ALA D 69 26.15 -41.04 2.88
N ALA D 70 24.82 -41.07 3.08
CA ALA D 70 23.93 -41.70 2.09
C ALA D 70 23.70 -40.86 0.85
N LEU D 71 23.59 -39.54 1.01
CA LEU D 71 23.47 -38.64 -0.15
C LEU D 71 24.78 -38.67 -0.98
N SER D 72 25.90 -38.45 -0.30
CA SER D 72 27.19 -38.47 -0.99
C SER D 72 27.51 -39.91 -1.45
N GLY D 73 27.07 -40.91 -0.66
CA GLY D 73 27.10 -42.33 -1.07
C GLY D 73 26.28 -42.68 -2.31
N ALA D 74 25.33 -41.83 -2.68
CA ALA D 74 24.50 -42.04 -3.87
C ALA D 74 24.97 -41.13 -5.01
N GLY D 75 26.03 -40.38 -4.77
CA GLY D 75 26.61 -39.44 -5.73
C GLY D 75 26.03 -38.03 -5.65
N ALA D 76 26.37 -37.30 -4.58
CA ALA D 76 25.99 -35.90 -4.38
C ALA D 76 26.95 -35.22 -3.41
N ASP D 77 27.05 -33.90 -3.50
CA ASP D 77 27.89 -33.13 -2.58
C ASP D 77 27.07 -32.35 -1.52
N PRO D 78 26.79 -32.97 -0.36
CA PRO D 78 25.92 -32.40 0.65
C PRO D 78 26.62 -31.43 1.64
N VAL D 79 25.97 -30.31 1.97
CA VAL D 79 26.42 -29.43 3.08
C VAL D 79 25.37 -29.23 4.18
N GLN D 80 25.69 -29.71 5.37
CA GLN D 80 24.86 -29.60 6.55
C GLN D 80 24.81 -28.15 7.00
N LEU D 81 23.62 -27.57 6.97
CA LEU D 81 23.40 -26.22 7.48
C LEU D 81 22.69 -26.26 8.82
N ASP D 82 23.44 -26.04 9.89
CA ASP D 82 22.88 -26.05 11.23
C ASP D 82 22.16 -24.74 11.55
N VAL D 83 20.84 -24.82 11.68
CA VAL D 83 19.98 -23.66 11.94
C VAL D 83 19.32 -23.77 13.32
N SER D 84 19.07 -22.64 13.98
CA SER D 84 18.19 -22.65 15.15
C SER D 84 16.73 -22.76 14.68
N PRO D 85 16.00 -23.83 15.14
CA PRO D 85 14.58 -23.95 14.75
C PRO D 85 13.77 -22.68 15.08
N LEU D 86 14.09 -22.06 16.22
CA LEU D 86 13.54 -20.77 16.62
C LEU D 86 14.00 -19.58 15.75
N GLY D 87 14.84 -19.84 14.75
CA GLY D 87 15.22 -18.83 13.75
C GLY D 87 14.01 -18.14 13.14
N ASP D 88 14.24 -17.01 12.48
CA ASP D 88 13.16 -16.33 11.79
C ASP D 88 13.44 -16.26 10.28
N ARG D 89 12.42 -15.90 9.51
CA ARG D 89 12.52 -15.79 8.05
C ARG D 89 13.92 -15.27 7.51
N GLN D 90 14.23 -14.01 7.81
CA GLN D 90 15.44 -13.33 7.36
C GLN D 90 16.75 -14.11 7.49
N ARG D 91 17.13 -14.43 8.73
CA ARG D 91 18.39 -15.13 9.05
C ARG D 91 18.60 -16.43 8.28
N LEU D 92 17.48 -17.14 8.05
CA LEU D 92 17.50 -18.41 7.32
C LEU D 92 17.57 -18.11 5.83
N ALA D 93 16.83 -17.09 5.37
CA ALA D 93 16.97 -16.59 4.00
C ALA D 93 18.41 -16.09 3.74
N ALA D 94 19.07 -15.67 4.83
CA ALA D 94 20.45 -15.23 4.77
C ALA D 94 21.39 -16.42 4.76
N THR D 95 21.22 -17.37 5.68
CA THR D 95 22.11 -18.56 5.74
C THR D 95 21.99 -19.41 4.47
N LEU D 96 20.78 -19.42 3.89
CA LEU D 96 20.54 -19.98 2.57
C LEU D 96 21.17 -19.13 1.48
N GLY D 97 21.23 -17.81 1.70
CA GLY D 97 21.95 -16.88 0.81
C GLY D 97 23.43 -17.21 0.71
N GLU D 98 24.13 -17.15 1.85
CA GLU D 98 25.52 -17.57 2.00
C GLU D 98 25.75 -18.91 1.33
N ALA D 99 25.14 -19.97 1.89
CA ALA D 99 25.16 -21.31 1.31
C ALA D 99 24.96 -21.38 -0.21
N LEU D 100 24.05 -20.55 -0.75
CA LEU D 100 23.77 -20.54 -2.20
C LEU D 100 24.90 -19.90 -3.03
N ALA D 101 25.25 -18.66 -2.70
CA ALA D 101 26.39 -17.98 -3.35
C ALA D 101 27.72 -18.69 -3.07
N ALA D 102 27.95 -19.01 -1.79
CA ALA D 102 29.18 -19.65 -1.31
C ALA D 102 29.27 -21.12 -1.71
N ALA D 103 28.65 -21.45 -2.86
CA ALA D 103 28.67 -22.76 -3.50
C ALA D 103 28.30 -22.60 -4.98
N GLY D 104 28.38 -21.36 -5.50
CA GLY D 104 28.02 -21.05 -6.90
C GLY D 104 26.57 -21.37 -7.24
N GLY D 105 25.66 -20.52 -6.77
CA GLY D 105 24.20 -20.71 -6.80
C GLY D 105 23.45 -21.48 -7.89
N ALA D 106 23.75 -22.77 -8.02
CA ALA D 106 22.99 -23.67 -8.89
C ALA D 106 22.66 -25.01 -8.19
N VAL D 107 22.23 -24.90 -6.93
CA VAL D 107 21.92 -26.03 -6.05
C VAL D 107 20.85 -26.94 -6.62
N ASP D 108 20.99 -28.24 -6.39
CA ASP D 108 20.05 -29.23 -6.97
C ASP D 108 18.85 -29.69 -6.10
N GLY D 109 19.03 -29.81 -4.78
CA GLY D 109 17.85 -30.01 -3.90
C GLY D 109 18.06 -29.49 -2.49
N VAL D 110 16.96 -29.33 -1.74
CA VAL D 110 17.05 -29.12 -0.27
C VAL D 110 16.53 -30.40 0.48
N LEU D 111 17.16 -30.74 1.59
CA LEU D 111 16.66 -31.83 2.40
C LEU D 111 16.48 -31.30 3.80
N SER D 112 15.21 -31.19 4.20
CA SER D 112 14.91 -30.75 5.53
C SER D 112 14.83 -31.87 6.55
N LEU D 113 15.60 -31.78 7.61
CA LEU D 113 15.43 -32.65 8.79
C LEU D 113 14.84 -31.84 9.97
N LEU D 114 14.29 -30.68 9.63
CA LEU D 114 13.74 -29.81 10.65
C LEU D 114 12.60 -30.46 11.51
N ALA D 115 11.79 -31.35 10.92
CA ALA D 115 10.64 -32.04 11.65
C ALA D 115 11.15 -32.91 12.80
N TRP D 116 12.43 -33.26 12.76
CA TRP D 116 13.09 -34.05 13.81
C TRP D 116 13.17 -33.37 15.17
N ASP D 117 13.15 -32.05 15.17
CA ASP D 117 13.13 -31.32 16.42
C ASP D 117 11.71 -31.31 16.95
N GLU D 118 11.46 -32.13 17.95
CA GLU D 118 10.13 -32.26 18.53
C GLU D 118 10.04 -31.65 19.91
N SER D 119 10.91 -30.70 20.21
CA SER D 119 10.90 -30.05 21.54
C SER D 119 9.89 -28.94 21.49
N ALA D 120 9.39 -28.52 22.66
CA ALA D 120 8.26 -27.58 22.69
C ALA D 120 8.75 -26.24 22.17
N HIS D 121 7.86 -25.51 21.50
CA HIS D 121 8.10 -24.11 21.18
C HIS D 121 7.74 -23.23 22.39
N PRO D 122 8.60 -22.24 22.71
CA PRO D 122 8.37 -21.31 23.86
C PRO D 122 6.96 -20.81 24.09
N GLY D 123 6.26 -20.34 23.07
CA GLY D 123 4.95 -19.69 23.31
C GLY D 123 3.67 -20.52 23.31
N HIS D 124 3.75 -21.82 23.09
CA HIS D 124 2.58 -22.64 22.66
C HIS D 124 2.59 -24.02 23.25
N PRO D 125 1.41 -24.61 23.44
CA PRO D 125 1.38 -25.95 24.02
C PRO D 125 1.62 -27.00 22.93
N ALA D 126 1.91 -28.23 23.35
CA ALA D 126 1.96 -29.36 22.45
C ALA D 126 0.58 -29.51 21.79
N PRO D 127 0.51 -30.09 20.58
CA PRO D 127 1.53 -30.82 19.94
C PRO D 127 2.44 -30.02 19.05
N PHE D 128 2.18 -28.72 18.85
CA PHE D 128 3.10 -27.94 17.96
C PHE D 128 4.53 -28.12 18.50
N THR D 129 5.51 -28.25 17.61
CA THR D 129 6.92 -28.45 18.00
C THR D 129 7.79 -27.34 17.33
N ARG D 130 9.03 -27.18 17.82
CA ARG D 130 9.90 -26.16 17.24
C ARG D 130 10.11 -26.52 15.77
N GLY D 131 10.28 -27.82 15.54
CA GLY D 131 10.23 -28.44 14.20
C GLY D 131 9.13 -28.07 13.18
N THR D 132 7.87 -28.02 13.62
CA THR D 132 6.77 -27.58 12.76
C THR D 132 6.94 -26.10 12.42
N GLY D 133 7.33 -25.28 13.42
CA GLY D 133 7.58 -23.84 13.18
C GLY D 133 8.81 -23.67 12.29
N ALA D 134 9.86 -24.45 12.59
CA ALA D 134 11.08 -24.39 11.77
C ALA D 134 10.78 -24.76 10.31
N THR D 135 9.91 -25.75 10.07
CA THR D 135 9.56 -26.17 8.70
C THR D 135 8.85 -25.07 7.87
N LEU D 136 7.90 -24.39 8.50
CA LEU D 136 7.26 -23.25 7.83
C LEU D 136 8.30 -22.16 7.55
N THR D 137 9.17 -21.89 8.52
CA THR D 137 10.16 -20.82 8.39
C THR D 137 11.07 -21.18 7.21
N LEU D 138 11.45 -22.45 7.09
CA LEU D 138 12.19 -22.91 5.88
C LEU D 138 11.45 -22.77 4.57
N VAL D 139 10.15 -23.05 4.55
CA VAL D 139 9.35 -23.00 3.30
C VAL D 139 9.27 -21.56 2.82
N GLN D 140 9.20 -20.62 3.74
CA GLN D 140 9.11 -19.20 3.34
C GLN D 140 10.50 -18.66 2.91
N ALA D 141 11.50 -18.95 3.73
CA ALA D 141 12.85 -18.47 3.56
C ALA D 141 13.59 -19.02 2.31
N LEU D 142 13.08 -20.10 1.71
CA LEU D 142 13.64 -20.63 0.47
C LEU D 142 13.33 -19.72 -0.71
N GLU D 143 12.08 -19.26 -0.78
CA GLU D 143 11.64 -18.38 -1.87
C GLU D 143 12.22 -16.96 -1.75
N ASP D 144 12.39 -16.48 -0.52
CA ASP D 144 13.05 -15.17 -0.23
C ASP D 144 14.53 -15.12 -0.63
N ALA D 145 15.23 -16.24 -0.45
CA ALA D 145 16.60 -16.41 -0.92
C ALA D 145 16.65 -16.92 -2.38
N GLY D 146 15.49 -17.02 -3.01
CA GLY D 146 15.37 -17.25 -4.44
C GLY D 146 15.73 -18.62 -4.99
N VAL D 147 16.00 -19.57 -4.08
CA VAL D 147 16.40 -20.95 -4.41
C VAL D 147 15.25 -21.64 -5.10
N ALA D 148 15.51 -22.26 -6.27
CA ALA D 148 14.47 -22.85 -7.09
C ALA D 148 14.45 -24.37 -7.02
N ALA D 149 15.51 -24.94 -6.42
CA ALA D 149 15.65 -26.38 -6.25
C ALA D 149 14.49 -26.93 -5.39
N PRO D 150 14.08 -28.19 -5.62
CA PRO D 150 13.03 -28.92 -4.87
C PRO D 150 13.31 -29.14 -3.35
N LEU D 151 12.28 -28.88 -2.51
CA LEU D 151 12.34 -29.09 -1.07
C LEU D 151 11.85 -30.48 -0.76
N TRP D 152 12.63 -31.26 -0.01
CA TRP D 152 12.16 -32.57 0.39
C TRP D 152 12.21 -32.65 1.91
N CYS D 153 11.04 -32.90 2.52
CA CYS D 153 10.94 -32.87 3.96
C CYS D 153 10.94 -34.31 4.44
N VAL D 154 11.83 -34.65 5.36
CA VAL D 154 11.92 -36.02 5.84
C VAL D 154 11.47 -36.09 7.27
N THR D 155 10.68 -37.12 7.60
CA THR D 155 10.25 -37.37 8.97
C THR D 155 10.62 -38.81 9.39
N HIS D 156 10.49 -39.12 10.67
CA HIS D 156 10.53 -40.55 11.00
C HIS D 156 9.40 -40.75 11.95
N GLY D 157 8.78 -41.93 11.92
CA GLY D 157 7.63 -42.32 12.75
C GLY D 157 6.38 -41.49 12.52
N ALA D 158 6.25 -40.82 11.37
CA ALA D 158 5.15 -39.85 11.14
C ALA D 158 3.86 -40.41 10.59
N VAL D 159 4.00 -41.46 9.78
CA VAL D 159 2.87 -42.17 9.21
C VAL D 159 2.85 -43.69 9.54
N SER D 160 1.65 -44.24 9.53
CA SER D 160 1.54 -45.69 9.76
C SER D 160 1.13 -46.28 8.43
N VAL D 161 1.90 -47.21 7.87
CA VAL D 161 1.43 -47.92 6.67
C VAL D 161 0.44 -49.12 6.96
N GLY D 162 -0.05 -49.26 8.22
CA GLY D 162 -0.90 -50.39 8.60
C GLY D 162 -0.88 -50.72 10.10
N ARG D 163 -1.77 -51.65 10.51
CA ARG D 163 -1.94 -51.99 11.94
C ARG D 163 -0.65 -52.24 12.74
N ALA D 164 0.34 -52.80 12.10
CA ALA D 164 1.56 -53.18 12.83
C ALA D 164 2.66 -52.11 12.81
N ASP D 165 2.39 -51.02 12.09
CA ASP D 165 3.28 -49.85 12.00
C ASP D 165 2.76 -48.74 12.91
N HIS D 166 3.12 -48.75 14.19
CA HIS D 166 2.71 -47.68 15.10
C HIS D 166 3.34 -46.31 14.69
N VAL D 167 2.58 -45.21 14.87
CA VAL D 167 3.10 -43.89 14.58
C VAL D 167 3.80 -43.57 15.86
N THR D 168 5.06 -43.21 15.77
CA THR D 168 5.74 -42.93 17.01
C THR D 168 5.81 -41.43 17.24
N SER D 169 5.76 -40.67 16.15
CA SER D 169 5.92 -39.22 16.22
C SER D 169 4.74 -38.51 15.54
N PRO D 170 3.52 -38.58 16.14
CA PRO D 170 2.35 -37.90 15.59
C PRO D 170 2.64 -36.42 15.23
N ALA D 171 3.58 -35.77 15.91
CA ALA D 171 3.62 -34.30 15.78
C ALA D 171 4.37 -34.09 14.47
N GLN D 172 5.18 -35.06 14.05
CA GLN D 172 5.80 -34.94 12.72
C GLN D 172 4.78 -35.05 11.58
N ALA D 173 3.66 -35.71 11.75
CA ALA D 173 2.69 -35.80 10.66
C ALA D 173 2.18 -34.44 10.29
N MET D 174 2.32 -33.42 11.17
CA MET D 174 1.75 -32.13 10.78
C MET D 174 2.54 -31.49 9.65
N VAL D 175 3.81 -31.88 9.57
CA VAL D 175 4.66 -31.48 8.42
C VAL D 175 4.10 -32.12 7.17
N TRP D 176 3.61 -33.37 7.19
CA TRP D 176 2.95 -33.87 5.98
C TRP D 176 1.70 -33.07 5.61
N GLY D 177 0.85 -32.75 6.59
CA GLY D 177 -0.35 -31.96 6.27
C GLY D 177 -0.07 -30.57 5.67
N MET D 178 0.85 -29.82 6.29
CA MET D 178 1.23 -28.50 5.80
C MET D 178 2.00 -28.67 4.50
N GLY D 179 2.80 -29.73 4.45
CA GLY D 179 3.62 -30.08 3.30
C GLY D 179 2.76 -30.30 2.07
N ARG D 180 1.64 -31.01 2.19
CA ARG D 180 0.72 -31.18 1.06
C ARG D 180 0.19 -29.84 0.68
N VAL D 181 0.00 -28.92 1.63
CA VAL D 181 -0.42 -27.59 1.20
C VAL D 181 0.77 -26.85 0.49
N ALA D 182 2.01 -27.00 1.00
CA ALA D 182 3.19 -26.36 0.42
C ALA D 182 3.28 -26.73 -1.08
N ALA D 183 2.99 -27.99 -1.38
CA ALA D 183 2.90 -28.55 -2.73
C ALA D 183 1.90 -27.89 -3.69
N LEU D 184 0.81 -27.37 -3.17
CA LEU D 184 -0.21 -26.75 -4.02
C LEU D 184 0.00 -25.23 -4.15
N GLU D 185 0.68 -24.68 -3.15
CA GLU D 185 0.98 -23.25 -3.09
C GLU D 185 2.29 -22.87 -3.79
N HIS D 186 3.29 -23.74 -3.75
CA HIS D 186 4.55 -23.41 -4.43
C HIS D 186 5.06 -24.66 -5.22
N PRO D 187 4.26 -25.09 -6.21
CA PRO D 187 4.53 -26.40 -6.80
C PRO D 187 5.95 -26.57 -7.42
N GLU D 188 6.48 -25.50 -8.00
CA GLU D 188 7.72 -25.63 -8.80
C GLU D 188 8.98 -25.85 -7.92
N ARG D 189 8.86 -25.55 -6.62
CA ARG D 189 10.01 -25.71 -5.71
C ARG D 189 9.77 -26.67 -4.55
N TRP D 190 8.68 -27.44 -4.67
CA TRP D 190 8.29 -28.45 -3.71
C TRP D 190 8.54 -29.81 -4.29
N GLY D 191 9.26 -30.63 -3.55
CA GLY D 191 9.62 -31.97 -4.05
C GLY D 191 8.67 -33.00 -3.49
N GLY D 192 8.69 -33.19 -2.19
CA GLY D 192 7.88 -34.25 -1.59
C GLY D 192 8.24 -34.48 -0.16
N LEU D 193 7.65 -35.54 0.36
CA LEU D 193 7.71 -35.87 1.75
C LEU D 193 8.15 -37.33 1.73
N ILE D 194 8.99 -37.71 2.70
CA ILE D 194 9.43 -39.10 2.88
C ILE D 194 9.50 -39.44 4.35
N ASP D 195 8.92 -40.57 4.70
CA ASP D 195 8.90 -41.06 6.08
C ASP D 195 9.85 -42.23 6.30
N LEU D 196 10.94 -41.98 7.02
CA LEU D 196 11.87 -43.02 7.45
C LEU D 196 11.43 -43.82 8.73
N PRO D 197 11.97 -45.03 8.93
CA PRO D 197 11.72 -45.65 10.24
C PRO D 197 12.45 -44.87 11.34
N SER D 198 11.86 -44.84 12.54
CA SER D 198 12.40 -44.07 13.63
C SER D 198 13.88 -44.41 13.84
N ASP D 199 14.26 -45.65 13.57
CA ASP D 199 15.62 -46.13 13.79
C ASP D 199 16.55 -46.07 12.50
N ALA D 200 16.05 -45.48 11.41
CA ALA D 200 16.65 -45.46 10.03
C ALA D 200 18.03 -46.11 9.83
N ASP D 201 18.05 -47.35 9.35
CA ASP D 201 19.32 -47.99 8.99
C ASP D 201 19.85 -47.54 7.62
N ARG D 202 21.03 -48.02 7.24
CA ARG D 202 21.72 -47.52 6.04
C ARG D 202 20.98 -47.77 4.71
N ALA D 203 20.32 -48.90 4.58
CA ALA D 203 19.62 -49.24 3.33
C ALA D 203 18.26 -48.56 3.27
N ALA D 204 17.82 -48.02 4.40
CA ALA D 204 16.58 -47.22 4.44
C ALA D 204 16.91 -45.81 3.92
N LEU D 205 18.07 -45.29 4.32
CA LEU D 205 18.56 -44.04 3.80
C LEU D 205 18.88 -44.18 2.30
N ASP D 206 19.37 -45.36 1.93
CA ASP D 206 19.73 -45.60 0.53
C ASP D 206 18.46 -45.62 -0.33
N ARG D 207 17.42 -46.35 0.12
CA ARG D 207 16.04 -46.18 -0.41
C ARG D 207 15.55 -44.71 -0.52
N MET D 208 15.81 -43.89 0.50
CA MET D 208 15.44 -42.48 0.42
C MET D 208 16.07 -41.77 -0.77
N THR D 209 17.41 -41.85 -0.92
CA THR D 209 18.11 -41.31 -2.14
C THR D 209 17.44 -41.75 -3.48
N THR D 210 17.01 -43.00 -3.56
CA THR D 210 16.24 -43.51 -4.71
C THR D 210 15.07 -42.54 -5.00
N VAL D 211 14.27 -42.24 -3.97
CA VAL D 211 13.20 -41.23 -4.12
C VAL D 211 13.71 -39.81 -4.46
N LEU D 212 14.73 -39.33 -3.76
CA LEU D 212 15.25 -37.98 -3.97
C LEU D 212 15.86 -37.77 -5.38
N ALA D 213 16.08 -38.87 -6.10
CA ALA D 213 16.53 -38.87 -7.51
C ALA D 213 15.54 -38.20 -8.43
N GLY D 214 14.26 -38.22 -8.04
CA GLY D 214 13.23 -37.66 -8.85
C GLY D 214 12.82 -38.58 -9.98
N GLY D 215 13.23 -39.84 -9.92
CA GLY D 215 12.83 -40.79 -10.97
C GLY D 215 11.77 -41.81 -10.59
N THR D 216 11.08 -41.61 -9.44
CA THR D 216 10.01 -42.55 -9.03
C THR D 216 8.63 -42.08 -9.45
N GLY D 217 8.48 -40.77 -9.65
CA GLY D 217 7.19 -40.19 -9.95
C GLY D 217 6.28 -40.10 -8.72
N GLU D 218 6.88 -40.10 -7.53
CA GLU D 218 6.13 -40.06 -6.26
C GLU D 218 6.63 -38.92 -5.41
N ASP D 219 5.70 -38.23 -4.77
CA ASP D 219 6.08 -37.20 -3.80
C ASP D 219 5.63 -37.51 -2.35
N GLN D 220 5.01 -38.66 -2.12
CA GLN D 220 4.62 -39.03 -0.76
C GLN D 220 4.90 -40.49 -0.50
N VAL D 221 6.11 -40.73 0.04
CA VAL D 221 6.63 -42.06 0.18
C VAL D 221 6.98 -42.42 1.61
N ALA D 222 6.56 -43.61 2.06
CA ALA D 222 7.13 -44.22 3.26
C ALA D 222 8.27 -45.20 2.94
N VAL D 223 9.33 -45.23 3.77
CA VAL D 223 10.46 -46.19 3.61
C VAL D 223 10.42 -47.15 4.78
N ARG D 224 10.33 -48.44 4.46
CA ARG D 224 10.23 -49.46 5.50
C ARG D 224 11.25 -50.61 5.18
N ALA D 225 11.50 -51.47 6.16
CA ALA D 225 12.54 -52.52 6.05
C ALA D 225 12.25 -53.40 4.84
N SER D 226 10.98 -53.42 4.46
CA SER D 226 10.47 -54.21 3.34
C SER D 226 10.63 -53.54 1.96
N GLY D 227 11.04 -52.28 1.92
CA GLY D 227 11.16 -51.52 0.65
C GLY D 227 10.30 -50.25 0.67
N LEU D 228 10.13 -49.63 -0.50
CA LEU D 228 9.27 -48.42 -0.72
C LEU D 228 7.74 -48.57 -0.82
N LEU D 229 7.02 -47.62 -0.19
CA LEU D 229 5.56 -47.54 -0.21
C LEU D 229 5.07 -46.13 -0.58
N ALA D 230 4.06 -46.08 -1.45
CA ALA D 230 3.51 -44.81 -1.94
C ALA D 230 2.11 -44.60 -1.41
N ARG D 231 1.81 -43.34 -1.06
CA ARG D 231 0.50 -42.91 -0.56
C ARG D 231 -0.62 -42.91 -1.60
N ARG D 232 -1.69 -43.62 -1.33
CA ARG D 232 -2.80 -43.73 -2.27
C ARG D 232 -4.16 -43.48 -1.60
N LEU D 233 -5.04 -42.71 -2.24
CA LEU D 233 -6.48 -42.68 -1.84
C LEU D 233 -7.36 -43.69 -2.64
N VAL D 234 -7.95 -44.67 -1.96
CA VAL D 234 -8.83 -45.66 -2.60
C VAL D 234 -10.16 -45.77 -1.86
N ARG D 235 -11.15 -46.34 -2.57
CA ARG D 235 -12.49 -46.56 -2.01
C ARG D 235 -12.37 -47.55 -0.88
N ALA D 236 -13.12 -47.35 0.20
CA ALA D 236 -13.02 -48.23 1.35
C ALA D 236 -14.07 -49.35 1.33
N SER D 237 -13.60 -50.59 1.36
CA SER D 237 -14.44 -51.78 1.20
C SER D 237 -15.16 -52.14 2.49
N LEU D 238 -16.09 -53.09 2.37
CA LEU D 238 -16.79 -53.64 3.52
C LEU D 238 -16.62 -55.16 3.60
N GLY D 242 -17.11 -60.16 8.85
CA GLY D 242 -17.30 -58.90 9.58
C GLY D 242 -18.74 -58.43 9.67
N THR D 243 -19.39 -58.67 10.83
CA THR D 243 -20.67 -58.01 11.17
C THR D 243 -20.29 -56.74 11.93
N ALA D 244 -21.01 -55.67 11.64
CA ALA D 244 -20.90 -54.43 12.38
C ALA D 244 -21.10 -54.68 13.88
N SER D 245 -20.12 -54.34 14.71
CA SER D 245 -20.36 -54.31 16.17
C SER D 245 -20.62 -52.87 16.76
N PRO D 246 -21.33 -52.78 17.94
CA PRO D 246 -21.53 -51.50 18.63
C PRO D 246 -20.27 -50.78 19.04
N TRP D 247 -20.34 -49.48 18.91
CA TRP D 247 -19.27 -48.62 19.32
C TRP D 247 -19.68 -47.74 20.46
N TRP D 248 -20.92 -47.87 20.89
CA TRP D 248 -21.33 -47.25 22.16
C TRP D 248 -22.29 -48.20 22.84
N GLN D 249 -22.50 -47.99 24.13
CA GLN D 249 -23.36 -48.93 24.93
C GLN D 249 -24.52 -48.06 25.53
N ALA D 250 -25.77 -48.55 25.55
CA ALA D 250 -26.91 -47.77 26.03
C ALA D 250 -26.74 -47.26 27.48
N ASP D 251 -26.12 -48.09 28.32
CA ASP D 251 -25.92 -47.73 29.70
C ASP D 251 -24.67 -46.93 29.92
N GLY D 252 -23.88 -46.73 28.85
CA GLY D 252 -22.68 -45.88 28.95
C GLY D 252 -23.00 -44.41 28.67
N THR D 253 -22.03 -43.56 28.95
CA THR D 253 -22.11 -42.16 28.65
C THR D 253 -21.37 -41.89 27.39
N VAL D 254 -22.04 -41.16 26.47
CA VAL D 254 -21.28 -40.64 25.36
C VAL D 254 -21.07 -39.17 25.50
N LEU D 255 -19.81 -38.78 25.34
CA LEU D 255 -19.37 -37.44 25.38
C LEU D 255 -19.30 -36.88 23.98
N VAL D 256 -19.96 -35.72 23.79
CA VAL D 256 -19.93 -35.01 22.50
C VAL D 256 -19.39 -33.61 22.79
N THR D 257 -18.27 -33.26 22.18
CA THR D 257 -17.73 -31.94 22.41
C THR D 257 -18.12 -30.97 21.24
N GLY D 258 -17.96 -29.65 21.50
CA GLY D 258 -18.34 -28.59 20.56
C GLY D 258 -19.84 -28.57 20.33
N ALA D 259 -20.63 -28.91 21.36
CA ALA D 259 -22.07 -29.19 21.26
C ALA D 259 -22.90 -27.94 20.93
N GLU D 260 -22.23 -26.79 20.92
CA GLU D 260 -22.88 -25.52 20.59
C GLU D 260 -22.96 -25.39 19.09
N GLU D 261 -22.26 -26.27 18.39
CA GLU D 261 -22.33 -26.33 16.90
C GLU D 261 -23.31 -27.39 16.34
N PRO D 262 -23.94 -27.09 15.19
CA PRO D 262 -25.00 -28.02 14.89
C PRO D 262 -24.55 -29.42 14.42
N ALA D 263 -23.32 -29.65 13.91
CA ALA D 263 -22.96 -31.04 13.63
C ALA D 263 -22.99 -31.85 14.95
N ALA D 264 -22.59 -31.21 16.05
CA ALA D 264 -22.44 -31.96 17.31
C ALA D 264 -23.85 -32.15 17.89
N ALA D 265 -24.75 -31.17 17.71
CA ALA D 265 -26.12 -31.30 18.18
C ALA D 265 -26.87 -32.37 17.36
N GLU D 266 -26.59 -32.42 16.08
CA GLU D 266 -27.17 -33.51 15.23
C GLU D 266 -26.63 -34.93 15.58
N ALA D 267 -25.34 -35.00 15.86
CA ALA D 267 -24.71 -36.26 16.32
C ALA D 267 -25.41 -36.67 17.63
N ALA D 268 -25.57 -35.74 18.59
CA ALA D 268 -26.27 -36.00 19.81
C ALA D 268 -27.68 -36.56 19.63
N ARG D 269 -28.49 -35.90 18.79
CA ARG D 269 -29.88 -36.31 18.52
C ARG D 269 -29.88 -37.66 17.98
N ARG D 270 -28.93 -37.95 17.10
CA ARG D 270 -28.92 -39.30 16.47
C ARG D 270 -28.55 -40.46 17.47
N LEU D 271 -27.60 -40.22 18.36
CA LEU D 271 -27.25 -41.14 19.47
C LEU D 271 -28.45 -41.38 20.32
N ALA D 272 -29.17 -40.31 20.66
CA ALA D 272 -30.37 -40.49 21.44
C ALA D 272 -31.40 -41.36 20.68
N ARG D 273 -31.61 -41.06 19.43
CA ARG D 273 -32.59 -41.80 18.69
C ARG D 273 -32.27 -43.27 18.49
N ASP D 274 -31.00 -43.55 18.28
CA ASP D 274 -30.45 -44.91 18.14
C ASP D 274 -30.50 -45.68 19.45
N GLY D 275 -30.73 -45.02 20.60
CA GLY D 275 -30.85 -45.73 21.92
C GLY D 275 -29.76 -45.48 22.96
N ALA D 276 -28.97 -44.39 22.78
CA ALA D 276 -28.02 -44.03 23.82
C ALA D 276 -28.76 -43.34 24.98
N GLY D 277 -28.59 -43.86 26.19
CA GLY D 277 -29.34 -43.36 27.36
C GLY D 277 -28.71 -42.17 28.03
N HIS D 278 -27.43 -41.93 27.79
CA HIS D 278 -26.68 -41.00 28.56
C HIS D 278 -25.66 -40.19 27.73
N LEU D 279 -25.80 -38.84 27.72
CA LEU D 279 -24.98 -37.96 26.91
C LEU D 279 -24.34 -36.86 27.79
N LEU D 280 -23.06 -36.53 27.50
CA LEU D 280 -22.43 -35.46 28.25
C LEU D 280 -22.04 -34.50 27.13
N LEU D 281 -22.59 -33.29 27.22
CA LEU D 281 -22.36 -32.31 26.17
C LEU D 281 -21.38 -31.26 26.65
N HIS D 282 -20.28 -31.11 25.95
CA HIS D 282 -19.30 -30.06 26.28
C HIS D 282 -19.46 -28.89 25.30
N THR D 283 -19.46 -27.65 25.81
CA THR D 283 -19.39 -26.47 24.94
C THR D 283 -18.09 -25.73 25.24
N THR D 284 -17.49 -25.19 24.21
CA THR D 284 -16.31 -24.34 24.32
C THR D 284 -16.71 -23.01 25.02
N PRO D 285 -15.96 -22.52 26.05
CA PRO D 285 -16.45 -21.26 26.64
C PRO D 285 -16.42 -20.09 25.64
N SER D 286 -17.40 -19.21 25.84
CA SER D 286 -17.60 -17.96 25.12
C SER D 286 -18.83 -17.21 25.70
N SER D 301 -24.02 -20.14 26.44
CA SER D 301 -24.62 -21.45 26.17
C SER D 301 -25.32 -21.88 27.44
N GLY D 302 -26.53 -22.38 27.27
CA GLY D 302 -27.14 -23.25 28.27
C GLY D 302 -27.36 -24.57 27.56
N LEU D 303 -27.78 -24.50 26.28
CA LEU D 303 -28.31 -25.67 25.49
C LEU D 303 -29.56 -26.32 26.16
N ALA D 304 -30.29 -25.56 26.98
CA ALA D 304 -31.39 -26.12 27.74
C ALA D 304 -32.43 -26.76 26.76
N GLY D 305 -32.75 -26.09 25.66
CA GLY D 305 -33.74 -26.65 24.73
C GLY D 305 -33.24 -27.98 24.15
N LEU D 306 -31.95 -28.06 23.91
CA LEU D 306 -31.37 -29.28 23.36
C LEU D 306 -31.37 -30.39 24.44
N VAL D 307 -31.13 -30.04 25.70
CA VAL D 307 -31.22 -31.05 26.80
C VAL D 307 -32.65 -31.62 26.88
N ALA D 308 -33.65 -30.70 26.79
CA ALA D 308 -35.05 -31.08 26.95
C ALA D 308 -35.40 -31.97 25.77
N GLU D 309 -34.97 -31.58 24.59
CA GLU D 309 -35.20 -32.35 23.39
C GLU D 309 -34.60 -33.78 23.48
N LEU D 310 -33.32 -33.88 23.85
CA LEU D 310 -32.70 -35.20 23.98
C LEU D 310 -33.49 -36.01 24.98
N ALA D 311 -34.05 -35.35 26.00
CA ALA D 311 -34.87 -36.09 26.96
C ALA D 311 -36.07 -36.80 26.28
N ASP D 312 -36.77 -36.10 25.34
CA ASP D 312 -37.94 -36.66 24.75
C ASP D 312 -37.47 -37.76 23.80
N LEU D 313 -36.31 -37.58 23.28
CA LEU D 313 -35.72 -38.62 22.38
C LEU D 313 -35.24 -39.89 23.14
N GLY D 314 -35.14 -39.77 24.46
CA GLY D 314 -34.82 -40.94 25.31
C GLY D 314 -33.47 -40.86 26.07
N ALA D 315 -32.73 -39.76 25.95
CA ALA D 315 -31.39 -39.67 26.53
C ALA D 315 -31.36 -38.65 27.66
N THR D 316 -30.72 -38.96 28.79
CA THR D 316 -30.39 -37.93 29.81
C THR D 316 -29.08 -37.23 29.48
N ALA D 317 -29.16 -35.93 29.24
CA ALA D 317 -28.02 -35.19 28.80
C ALA D 317 -27.78 -34.11 29.84
N THR D 318 -26.50 -33.88 30.12
CA THR D 318 -25.96 -32.82 30.91
C THR D 318 -24.98 -32.01 30.08
N VAL D 319 -24.78 -30.73 30.44
CA VAL D 319 -23.87 -29.78 29.71
C VAL D 319 -22.76 -29.29 30.65
N VAL D 320 -21.50 -29.30 30.19
CA VAL D 320 -20.40 -28.78 31.00
C VAL D 320 -19.66 -27.84 30.07
N THR D 321 -19.04 -26.79 30.60
CA THR D 321 -18.37 -25.80 29.73
C THR D 321 -16.94 -25.67 30.32
N CYS D 322 -15.94 -25.90 29.48
CA CYS D 322 -14.58 -25.66 29.88
C CYS D 322 -13.65 -25.66 28.68
N ASP D 323 -12.40 -25.27 28.91
CA ASP D 323 -11.44 -25.22 27.84
C ASP D 323 -10.71 -26.54 27.77
N LEU D 324 -11.02 -27.40 26.81
CA LEU D 324 -10.35 -28.67 26.68
C LEU D 324 -8.87 -28.63 26.31
N THR D 325 -8.33 -27.45 26.01
CA THR D 325 -6.92 -27.42 25.65
C THR D 325 -6.12 -27.29 26.93
N ASP D 326 -6.83 -27.16 28.05
CA ASP D 326 -6.22 -27.16 29.39
C ASP D 326 -6.42 -28.61 29.87
N ALA D 327 -5.32 -29.32 30.13
CA ALA D 327 -5.39 -30.72 30.49
C ALA D 327 -6.00 -30.90 31.85
N GLU D 328 -5.81 -29.94 32.79
CA GLU D 328 -6.50 -30.03 34.06
C GLU D 328 -8.02 -30.02 33.87
N ALA D 329 -8.52 -29.10 33.05
CA ALA D 329 -9.98 -29.09 32.79
C ALA D 329 -10.54 -30.37 32.07
N ALA D 330 -9.76 -30.88 31.09
CA ALA D 330 -10.19 -32.08 30.46
C ALA D 330 -10.18 -33.26 31.43
N ALA D 331 -9.17 -33.36 32.29
CA ALA D 331 -9.19 -34.43 33.26
C ALA D 331 -10.45 -34.26 34.21
N ARG D 332 -10.77 -33.03 34.58
CA ARG D 332 -11.94 -32.79 35.39
C ARG D 332 -13.24 -33.18 34.67
N LEU D 333 -13.37 -32.89 33.37
CA LEU D 333 -14.49 -33.44 32.60
C LEU D 333 -14.65 -34.95 32.73
N LEU D 334 -13.55 -35.66 32.53
CA LEU D 334 -13.59 -37.11 32.54
C LEU D 334 -13.87 -37.66 33.98
N ALA D 335 -13.37 -36.97 35.03
CA ALA D 335 -13.59 -37.43 36.40
C ALA D 335 -15.05 -37.28 36.75
N GLY D 336 -15.73 -36.34 36.11
CA GLY D 336 -17.13 -36.02 36.40
C GLY D 336 -18.16 -36.97 35.86
N VAL D 337 -17.75 -37.88 34.95
CA VAL D 337 -18.72 -38.82 34.32
C VAL D 337 -19.13 -39.85 35.41
N SER D 338 -20.39 -40.20 35.43
CA SER D 338 -20.92 -41.18 36.41
C SER D 338 -20.23 -42.56 36.48
N ASP D 339 -19.95 -43.04 37.68
CA ASP D 339 -19.49 -44.44 37.82
C ASP D 339 -20.52 -45.48 37.38
N ALA D 340 -21.83 -45.23 37.59
CA ALA D 340 -22.91 -46.13 37.02
C ALA D 340 -23.03 -46.15 35.50
N HIS D 341 -22.53 -45.08 34.89
CA HIS D 341 -22.67 -44.87 33.45
C HIS D 341 -21.34 -44.46 32.87
N PRO D 342 -20.36 -45.36 32.96
CA PRO D 342 -18.98 -44.98 32.55
C PRO D 342 -18.82 -44.64 31.04
N LEU D 343 -17.77 -43.88 30.71
CA LEU D 343 -17.66 -43.34 29.35
C LEU D 343 -17.58 -44.52 28.33
N SER D 344 -18.32 -44.37 27.24
CA SER D 344 -18.41 -45.46 26.23
C SER D 344 -17.74 -44.99 24.92
N ALA D 345 -17.99 -43.73 24.58
CA ALA D 345 -17.45 -43.11 23.36
C ALA D 345 -17.32 -41.61 23.54
N VAL D 346 -16.46 -40.99 22.74
CA VAL D 346 -16.29 -39.53 22.69
C VAL D 346 -16.31 -39.23 21.23
N LEU D 347 -17.16 -38.26 20.85
CA LEU D 347 -17.17 -37.57 19.56
C LEU D 347 -16.56 -36.18 19.79
N HIS D 348 -15.36 -36.00 19.25
CA HIS D 348 -14.62 -34.77 19.47
C HIS D 348 -14.67 -33.96 18.19
N LEU D 349 -15.33 -32.81 18.31
CA LEU D 349 -15.60 -31.89 17.13
C LEU D 349 -14.87 -30.60 17.47
N PRO D 350 -13.59 -30.52 17.16
CA PRO D 350 -12.89 -29.24 17.45
C PRO D 350 -13.40 -28.09 16.54
N PRO D 351 -13.16 -26.86 16.95
CA PRO D 351 -13.78 -25.76 16.23
C PRO D 351 -13.15 -25.39 14.86
N THR D 352 -13.97 -24.72 14.07
CA THR D 352 -13.62 -24.01 12.86
C THR D 352 -12.36 -23.13 13.08
N VAL D 353 -11.40 -23.13 12.15
CA VAL D 353 -10.18 -22.26 12.20
C VAL D 353 -10.12 -21.46 10.87
N ASP D 354 -9.31 -20.41 10.80
CA ASP D 354 -9.20 -19.70 9.53
C ASP D 354 -8.00 -20.01 8.61
N SER D 355 -8.27 -19.96 7.31
CA SER D 355 -7.25 -20.20 6.29
C SER D 355 -6.33 -18.96 6.11
N GLU D 356 -5.14 -19.18 5.55
CA GLU D 356 -4.09 -18.14 5.31
C GLU D 356 -2.95 -18.83 4.52
N PRO D 357 -2.52 -18.25 3.37
CA PRO D 357 -1.45 -18.82 2.55
C PRO D 357 -0.15 -19.01 3.32
N LEU D 358 0.60 -20.05 3.05
CA LEU D 358 1.85 -20.24 3.79
C LEU D 358 2.80 -19.03 3.65
N ALA D 359 2.90 -18.47 2.43
CA ALA D 359 3.73 -17.26 2.19
C ALA D 359 3.46 -16.10 3.19
N ALA D 360 2.19 -15.96 3.60
CA ALA D 360 1.75 -14.86 4.44
C ALA D 360 1.70 -15.18 5.97
N THR D 361 1.82 -16.45 6.37
CA THR D 361 1.62 -16.74 7.79
C THR D 361 2.89 -16.67 8.62
N ASP D 362 2.73 -16.89 9.92
CA ASP D 362 3.84 -17.03 10.85
C ASP D 362 3.58 -18.18 11.84
N ALA D 363 4.61 -18.53 12.59
CA ALA D 363 4.55 -19.67 13.46
C ALA D 363 3.48 -19.45 14.51
N ASP D 364 3.33 -18.23 14.99
CA ASP D 364 2.35 -18.01 16.00
C ASP D 364 0.94 -18.34 15.53
N ALA D 365 0.57 -17.88 14.34
CA ALA D 365 -0.74 -18.13 13.81
C ALA D 365 -0.92 -19.61 13.49
N LEU D 366 0.13 -20.21 12.95
CA LEU D 366 0.02 -21.61 12.61
C LEU D 366 -0.12 -22.44 13.88
N ALA D 367 0.64 -22.09 14.92
CA ALA D 367 0.51 -22.77 16.22
C ALA D 367 -0.85 -22.58 16.89
N ARG D 368 -1.46 -21.41 16.78
CA ARG D 368 -2.80 -21.21 17.33
C ARG D 368 -3.84 -22.11 16.67
N VAL D 369 -3.66 -22.38 15.41
CA VAL D 369 -4.58 -23.22 14.71
C VAL D 369 -4.34 -24.69 15.09
N VAL D 370 -3.06 -25.10 15.23
CA VAL D 370 -2.74 -26.49 15.63
C VAL D 370 -3.30 -26.74 17.02
N THR D 371 -3.18 -25.74 17.90
CA THR D 371 -3.67 -25.84 19.26
C THR D 371 -5.18 -26.04 19.16
N ALA D 372 -5.85 -25.26 18.33
CA ALA D 372 -7.30 -25.26 18.27
C ALA D 372 -7.81 -26.54 17.73
N LYS D 373 -7.03 -27.19 16.83
CA LYS D 373 -7.48 -28.42 16.14
C LYS D 373 -7.06 -29.69 16.87
N ALA D 374 -5.96 -29.66 17.60
CA ALA D 374 -5.30 -30.90 18.06
C ALA D 374 -4.95 -31.01 19.52
N THR D 375 -4.92 -29.92 20.30
CA THR D 375 -4.40 -29.98 21.71
C THR D 375 -5.38 -30.76 22.61
N ALA D 376 -6.66 -30.41 22.55
CA ALA D 376 -7.73 -31.11 23.25
C ALA D 376 -7.70 -32.58 22.91
N ALA D 377 -7.61 -32.90 21.62
CA ALA D 377 -7.38 -34.34 21.24
C ALA D 377 -6.20 -35.06 21.88
N LEU D 378 -5.01 -34.48 21.75
CA LEU D 378 -3.84 -34.94 22.47
C LEU D 378 -4.12 -35.21 23.96
N HIS D 379 -4.79 -34.29 24.69
CA HIS D 379 -5.10 -34.48 26.07
C HIS D 379 -6.09 -35.65 26.33
N LEU D 380 -7.13 -35.70 25.50
CA LEU D 380 -8.09 -36.77 25.52
C LEU D 380 -7.44 -38.12 25.33
N ASP D 381 -6.63 -38.22 24.29
CA ASP D 381 -5.96 -39.49 23.98
C ASP D 381 -5.14 -39.91 25.23
N ARG D 382 -4.26 -39.03 25.70
CA ARG D 382 -3.49 -39.36 26.91
C ARG D 382 -4.28 -39.72 28.18
N LEU D 383 -5.22 -38.86 28.63
CA LEU D 383 -5.99 -39.11 29.86
C LEU D 383 -6.82 -40.42 29.76
N LEU D 384 -7.36 -40.69 28.58
CA LEU D 384 -8.14 -41.92 28.47
C LEU D 384 -7.27 -43.18 28.54
N ARG D 385 -6.06 -43.08 28.01
CA ARG D 385 -5.11 -44.18 28.09
C ARG D 385 -4.66 -44.42 29.53
N GLU D 386 -4.49 -43.33 30.27
CA GLU D 386 -4.04 -43.31 31.65
C GLU D 386 -5.13 -43.81 32.55
N ALA D 387 -6.35 -43.89 32.06
CA ALA D 387 -7.46 -44.48 32.83
C ALA D 387 -7.75 -45.98 32.55
N ALA D 388 -7.16 -46.52 31.49
CA ALA D 388 -7.37 -47.91 31.09
C ALA D 388 -6.51 -48.92 31.90
N PRO D 394 -12.27 -49.18 27.76
CA PRO D 394 -11.73 -49.11 26.41
C PRO D 394 -12.76 -48.20 25.62
N PRO D 395 -12.90 -46.92 25.98
CA PRO D 395 -13.94 -46.20 25.23
C PRO D 395 -13.46 -45.95 23.78
N VAL D 396 -14.40 -45.71 22.85
CA VAL D 396 -14.04 -45.25 21.50
C VAL D 396 -13.82 -43.71 21.46
N LEU D 397 -12.72 -43.29 20.86
CA LEU D 397 -12.43 -41.86 20.77
C LEU D 397 -12.46 -41.53 19.31
N VAL D 398 -13.48 -40.80 18.93
CA VAL D 398 -13.73 -40.44 17.53
C VAL D 398 -13.28 -39.00 17.28
N LEU D 399 -12.33 -38.86 16.37
CA LEU D 399 -11.85 -37.59 16.04
C LEU D 399 -12.39 -37.05 14.68
N PHE D 400 -12.98 -35.86 14.73
CA PHE D 400 -13.60 -35.27 13.55
C PHE D 400 -12.56 -34.45 12.78
N SER D 401 -11.95 -35.05 11.76
CA SER D 401 -10.90 -34.39 11.09
C SER D 401 -11.44 -33.88 9.74
N SER D 402 -10.56 -33.59 8.83
CA SER D 402 -10.96 -32.97 7.57
C SER D 402 -10.17 -33.54 6.43
N VAL D 403 -10.75 -33.47 5.22
CA VAL D 403 -10.00 -33.71 4.00
C VAL D 403 -8.85 -32.69 3.74
N ALA D 404 -8.89 -31.51 4.36
CA ALA D 404 -7.66 -30.65 4.35
C ALA D 404 -6.42 -31.49 4.74
N ALA D 405 -6.59 -32.45 5.66
CA ALA D 405 -5.45 -33.34 6.08
C ALA D 405 -5.18 -34.49 5.11
N ILE D 406 -6.10 -34.73 4.19
CA ILE D 406 -6.00 -35.89 3.34
C ILE D 406 -5.31 -35.49 2.04
N TRP D 407 -5.87 -34.46 1.43
CA TRP D 407 -5.37 -33.90 0.16
C TRP D 407 -4.94 -32.44 0.10
N GLY D 408 -5.35 -31.64 1.08
CA GLY D 408 -4.91 -30.26 1.12
C GLY D 408 -5.75 -29.42 0.19
N GLY D 409 -5.76 -28.11 0.43
CA GLY D 409 -6.38 -27.12 -0.44
C GLY D 409 -5.70 -25.78 -0.11
N ALA D 410 -5.88 -24.78 -1.02
CA ALA D 410 -5.08 -23.56 -1.00
C ALA D 410 -5.35 -22.76 0.25
N GLY D 411 -4.28 -22.42 0.97
CA GLY D 411 -4.40 -21.65 2.23
C GLY D 411 -5.12 -22.36 3.38
N GLN D 412 -5.06 -23.70 3.38
CA GLN D 412 -5.46 -24.49 4.52
C GLN D 412 -4.22 -25.10 5.18
N GLY D 413 -3.06 -24.51 4.99
CA GLY D 413 -1.81 -25.05 5.53
C GLY D 413 -1.92 -25.43 7.00
N ALA D 414 -2.30 -24.47 7.83
CA ALA D 414 -2.40 -24.62 9.24
C ALA D 414 -3.49 -25.60 9.64
N TYR D 415 -4.65 -25.46 9.02
CA TYR D 415 -5.79 -26.37 9.20
C TYR D 415 -5.39 -27.74 8.85
N ALA D 416 -4.65 -27.92 7.75
CA ALA D 416 -4.27 -29.30 7.34
C ALA D 416 -3.19 -29.79 8.32
N ALA D 417 -2.31 -28.92 8.80
CA ALA D 417 -1.33 -29.43 9.78
C ALA D 417 -2.02 -29.98 11.04
N GLY D 418 -2.97 -29.21 11.63
CA GLY D 418 -3.62 -29.57 12.94
C GLY D 418 -4.51 -30.81 12.81
N THR D 419 -5.09 -30.94 11.62
CA THR D 419 -6.02 -32.05 11.34
C THR D 419 -5.18 -33.31 10.96
N ALA D 420 -3.98 -33.11 10.41
CA ALA D 420 -3.11 -34.28 10.22
C ALA D 420 -2.68 -34.93 11.48
N PHE D 421 -2.60 -34.16 12.57
CA PHE D 421 -2.21 -34.73 13.86
C PHE D 421 -3.31 -35.68 14.34
N LEU D 422 -4.59 -35.36 14.04
CA LEU D 422 -5.76 -36.20 14.43
C LEU D 422 -5.68 -37.53 13.71
N ASP D 423 -5.40 -37.51 12.40
CA ASP D 423 -5.17 -38.84 11.71
C ASP D 423 -3.94 -39.56 12.25
N ALA D 424 -2.89 -38.83 12.60
CA ALA D 424 -1.70 -39.49 13.21
C ALA D 424 -1.95 -40.18 14.54
N LEU D 425 -2.76 -39.53 15.39
CA LEU D 425 -3.27 -40.18 16.63
C LEU D 425 -3.87 -41.53 16.32
N ALA D 426 -4.62 -41.67 15.24
CA ALA D 426 -5.30 -42.90 14.95
C ALA D 426 -4.31 -44.03 14.62
N GLY D 427 -3.07 -43.67 14.32
CA GLY D 427 -2.10 -44.69 13.86
C GLY D 427 -1.14 -45.17 14.91
N GLN D 428 -1.26 -44.65 16.11
CA GLN D 428 -0.42 -45.04 17.20
C GLN D 428 -0.97 -46.36 17.68
N HIS D 429 -0.15 -47.30 18.13
CA HIS D 429 -0.95 -48.30 18.82
C HIS D 429 -1.19 -48.09 20.35
N ARG D 430 -2.21 -48.74 20.85
CA ARG D 430 -2.55 -48.62 22.24
C ARG D 430 -2.54 -50.03 22.75
N ALA D 431 -1.86 -50.24 23.87
CA ALA D 431 -1.98 -51.53 24.56
C ALA D 431 -3.43 -51.57 25.03
N ASP D 432 -3.84 -50.68 25.94
CA ASP D 432 -5.18 -50.88 26.53
C ASP D 432 -6.35 -50.14 25.84
N GLY D 433 -6.03 -49.18 24.95
CA GLY D 433 -7.07 -48.28 24.38
C GLY D 433 -6.72 -46.90 24.85
N PRO D 434 -7.55 -45.87 24.51
CA PRO D 434 -8.82 -45.99 23.79
C PRO D 434 -8.63 -46.42 22.31
N THR D 435 -9.69 -46.97 21.73
CA THR D 435 -9.72 -47.18 20.29
C THR D 435 -10.01 -45.87 19.54
N VAL D 436 -9.01 -45.35 18.85
CA VAL D 436 -9.16 -44.05 18.20
C VAL D 436 -9.56 -44.27 16.74
N THR D 437 -10.53 -43.52 16.27
CA THR D 437 -10.84 -43.47 14.86
C THR D 437 -10.81 -41.94 14.50
N SER D 438 -10.13 -41.62 13.41
CA SER D 438 -10.10 -40.31 12.91
C SER D 438 -10.93 -40.30 11.61
N VAL D 439 -11.87 -39.36 11.54
CA VAL D 439 -12.79 -39.27 10.38
C VAL D 439 -12.50 -38.00 9.61
N ALA D 440 -11.94 -38.13 8.41
CA ALA D 440 -11.68 -36.94 7.59
C ALA D 440 -12.92 -36.59 6.75
N TRP D 441 -13.58 -35.54 7.17
CA TRP D 441 -14.80 -35.15 6.56
C TRP D 441 -14.58 -34.09 5.47
N SER D 442 -15.43 -34.14 4.47
CA SER D 442 -15.59 -32.98 3.62
C SER D 442 -16.69 -32.13 4.23
N PRO D 443 -16.74 -30.83 3.88
CA PRO D 443 -17.65 -29.92 4.60
C PRO D 443 -19.16 -30.33 4.58
N TRP D 444 -19.84 -30.19 5.70
CA TRP D 444 -21.30 -30.53 5.77
C TRP D 444 -22.12 -29.33 5.38
N GLU D 445 -23.34 -29.61 4.90
CA GLU D 445 -24.38 -28.60 4.63
C GLU D 445 -24.52 -27.61 5.78
N GLY D 446 -24.50 -26.31 5.44
CA GLY D 446 -24.68 -25.24 6.41
C GLY D 446 -23.39 -24.80 7.07
N SER D 447 -22.27 -25.48 6.79
CA SER D 447 -21.08 -25.28 7.60
C SER D 447 -20.58 -23.85 7.55
N ARG D 448 -20.23 -23.34 6.36
CA ARG D 448 -19.75 -21.94 6.20
C ARG D 448 -18.79 -21.83 5.02
N VAL D 449 -18.00 -22.88 4.83
CA VAL D 449 -17.13 -23.04 3.69
C VAL D 449 -18.02 -23.26 2.47
N THR D 450 -19.28 -23.63 2.73
CA THR D 450 -20.23 -23.94 1.67
C THR D 450 -21.05 -22.73 1.24
N GLU D 451 -20.90 -21.63 1.99
CA GLU D 451 -21.44 -20.30 1.71
C GLU D 451 -20.51 -19.43 0.81
N GLY D 452 -21.10 -18.68 -0.12
CA GLY D 452 -20.36 -17.71 -0.93
C GLY D 452 -19.21 -18.24 -1.80
N ALA D 453 -18.11 -17.50 -1.79
CA ALA D 453 -16.98 -17.71 -2.72
C ALA D 453 -16.30 -19.08 -2.56
N THR D 454 -16.03 -19.43 -1.31
CA THR D 454 -15.47 -20.72 -0.92
C THR D 454 -16.41 -21.86 -1.36
N GLY D 455 -17.70 -21.69 -1.04
CA GLY D 455 -18.78 -22.63 -1.37
C GLY D 455 -18.86 -22.89 -2.86
N GLU D 456 -18.94 -21.81 -3.63
CA GLU D 456 -18.87 -21.89 -5.09
C GLU D 456 -17.62 -22.66 -5.56
N ARG D 457 -16.46 -22.29 -5.03
CA ARG D 457 -15.20 -23.01 -5.36
C ARG D 457 -15.39 -24.52 -5.19
N LEU D 458 -15.93 -24.90 -4.03
CA LEU D 458 -16.05 -26.31 -3.63
C LEU D 458 -17.03 -27.08 -4.51
N ARG D 459 -18.19 -26.46 -4.77
CA ARG D 459 -19.14 -26.95 -5.78
C ARG D 459 -18.40 -27.35 -7.07
N ARG D 460 -17.64 -26.40 -7.63
CA ARG D 460 -16.98 -26.55 -8.94
C ARG D 460 -15.83 -27.55 -8.93
N LEU D 461 -15.14 -27.66 -7.78
CA LEU D 461 -14.10 -28.69 -7.56
C LEU D 461 -14.72 -30.10 -7.47
N GLY D 462 -16.05 -30.14 -7.30
CA GLY D 462 -16.85 -31.38 -7.32
C GLY D 462 -17.25 -31.88 -5.94
N LEU D 463 -17.24 -31.01 -4.92
CA LEU D 463 -17.46 -31.44 -3.54
C LEU D 463 -18.80 -31.00 -3.08
N ARG D 464 -19.78 -31.92 -3.10
CA ARG D 464 -21.14 -31.63 -2.62
C ARG D 464 -21.29 -31.60 -1.04
N PRO D 465 -21.73 -30.46 -0.49
CA PRO D 465 -21.96 -30.45 0.97
C PRO D 465 -22.73 -31.68 1.46
N LEU D 466 -22.25 -32.30 2.54
CA LEU D 466 -22.86 -33.45 3.13
C LEU D 466 -24.17 -33.15 3.84
N ALA D 467 -25.22 -33.86 3.49
CA ALA D 467 -26.42 -33.82 4.37
C ALA D 467 -26.07 -34.42 5.75
N PRO D 468 -26.44 -33.74 6.87
CA PRO D 468 -26.07 -34.23 8.19
C PRO D 468 -26.57 -35.64 8.44
N ALA D 469 -27.82 -35.95 8.07
CA ALA D 469 -28.36 -37.29 8.32
C ALA D 469 -27.54 -38.44 7.65
N THR D 470 -27.28 -38.28 6.35
CA THR D 470 -26.45 -39.19 5.61
C THR D 470 -24.98 -39.27 6.11
N ALA D 471 -24.39 -38.14 6.42
CA ALA D 471 -23.03 -38.09 7.02
C ALA D 471 -22.96 -38.93 8.30
N LEU D 472 -24.00 -38.81 9.14
CA LEU D 472 -23.98 -39.49 10.41
C LEU D 472 -24.20 -40.99 10.23
N THR D 473 -25.00 -41.36 9.25
CA THR D 473 -25.13 -42.80 8.94
C THR D 473 -23.79 -43.39 8.47
N ALA D 474 -23.05 -42.61 7.66
CA ALA D 474 -21.78 -43.08 7.12
C ALA D 474 -20.82 -43.17 8.28
N LEU D 475 -20.95 -42.30 9.28
CA LEU D 475 -20.09 -42.35 10.49
C LEU D 475 -20.38 -43.64 11.21
N ASP D 476 -21.70 -43.92 11.40
CA ASP D 476 -22.10 -45.11 12.14
C ASP D 476 -21.61 -46.46 11.43
N THR D 477 -21.66 -46.48 10.12
CA THR D 477 -21.14 -47.64 9.36
C THR D 477 -19.62 -47.81 9.61
N ALA D 478 -18.86 -46.74 9.46
CA ALA D 478 -17.40 -46.79 9.66
C ALA D 478 -17.06 -47.29 11.09
N LEU D 479 -17.76 -46.82 12.08
CA LEU D 479 -17.36 -47.12 13.42
C LEU D 479 -17.77 -48.53 13.76
N GLY D 480 -18.92 -48.94 13.20
CA GLY D 480 -19.51 -50.24 13.53
C GLY D 480 -18.57 -51.32 12.97
N HIS D 481 -17.89 -50.99 11.87
CA HIS D 481 -16.88 -51.87 11.22
C HIS D 481 -15.44 -51.70 11.70
N GLY D 482 -15.20 -50.87 12.71
CA GLY D 482 -13.86 -50.81 13.31
C GLY D 482 -12.85 -49.99 12.51
N ASP D 483 -13.34 -49.16 11.58
CA ASP D 483 -12.45 -48.26 10.89
C ASP D 483 -11.63 -47.46 11.88
N THR D 484 -10.35 -47.31 11.55
CA THR D 484 -9.30 -46.55 12.21
C THR D 484 -9.23 -45.11 11.69
N ALA D 485 -9.27 -45.00 10.40
CA ALA D 485 -8.89 -43.75 9.73
C ALA D 485 -9.66 -43.91 8.46
N VAL D 486 -10.55 -42.99 8.22
CA VAL D 486 -11.47 -43.14 7.12
C VAL D 486 -11.75 -41.74 6.67
N THR D 487 -11.95 -41.60 5.37
CA THR D 487 -12.31 -40.35 4.73
C THR D 487 -13.75 -40.48 4.23
N ILE D 488 -14.54 -39.49 4.60
CA ILE D 488 -15.95 -39.43 4.23
C ILE D 488 -16.27 -38.17 3.47
N ALA D 489 -16.62 -38.32 2.23
CA ALA D 489 -16.88 -37.15 1.36
C ALA D 489 -17.68 -37.53 0.10
N ASP D 490 -18.40 -36.56 -0.42
CA ASP D 490 -19.22 -36.77 -1.56
C ASP D 490 -18.55 -36.05 -2.73
N VAL D 491 -17.84 -36.88 -3.50
CA VAL D 491 -16.95 -36.41 -4.59
C VAL D 491 -17.48 -36.84 -5.99
N ASP D 492 -17.74 -35.85 -6.83
CA ASP D 492 -17.86 -36.04 -8.28
C ASP D 492 -16.42 -35.95 -8.89
N TRP D 493 -15.81 -37.09 -9.11
CA TRP D 493 -14.40 -37.11 -9.49
C TRP D 493 -14.13 -36.52 -10.88
N SER D 494 -15.21 -36.35 -11.65
CA SER D 494 -15.20 -35.66 -12.94
C SER D 494 -14.81 -34.17 -12.91
N SER D 495 -15.09 -33.50 -11.79
CA SER D 495 -14.70 -32.11 -11.59
C SER D 495 -13.48 -32.07 -10.68
N PHE D 496 -13.35 -33.07 -9.80
CA PHE D 496 -12.36 -32.99 -8.73
C PHE D 496 -10.95 -33.33 -9.16
N ALA D 497 -10.79 -34.48 -9.82
CA ALA D 497 -9.48 -34.93 -10.25
C ALA D 497 -8.68 -33.87 -11.05
N PRO D 498 -9.27 -33.29 -12.12
CA PRO D 498 -8.43 -32.29 -12.84
C PRO D 498 -8.26 -30.94 -12.12
N GLY D 499 -9.35 -30.41 -11.55
CA GLY D 499 -9.35 -29.10 -10.89
C GLY D 499 -8.39 -29.09 -9.71
N PHE D 500 -7.79 -30.25 -9.44
CA PHE D 500 -6.87 -30.44 -8.33
C PHE D 500 -5.47 -30.86 -8.81
N THR D 501 -5.38 -31.32 -10.05
CA THR D 501 -4.07 -31.46 -10.72
C THR D 501 -3.88 -30.47 -11.89
N THR D 502 -4.26 -29.21 -11.67
CA THR D 502 -3.96 -28.13 -12.61
C THR D 502 -2.51 -27.80 -12.35
N ALA D 503 -2.27 -26.73 -11.59
CA ALA D 503 -0.91 -26.33 -11.21
C ALA D 503 0.00 -27.54 -10.84
N ARG D 504 -0.47 -28.45 -9.98
CA ARG D 504 0.38 -29.55 -9.49
C ARG D 504 -0.03 -31.00 -9.88
N PRO D 505 0.84 -31.70 -10.65
CA PRO D 505 0.74 -33.10 -11.09
C PRO D 505 1.04 -34.13 -9.97
N GLY D 506 0.15 -35.10 -9.76
CA GLY D 506 0.39 -36.02 -8.63
C GLY D 506 -0.30 -37.35 -8.67
N THR D 507 0.11 -38.23 -7.76
CA THR D 507 -0.32 -39.64 -7.86
C THR D 507 -1.23 -40.14 -6.74
N LEU D 508 -1.72 -39.21 -5.91
CA LEU D 508 -2.62 -39.57 -4.83
C LEU D 508 -3.83 -40.36 -5.33
N LEU D 509 -4.36 -39.98 -6.50
CA LEU D 509 -5.58 -40.56 -7.13
C LEU D 509 -5.35 -41.62 -8.23
N ALA D 510 -4.15 -41.70 -8.77
CA ALA D 510 -3.88 -42.60 -9.90
C ALA D 510 -3.71 -44.03 -9.38
N ASP D 511 -4.86 -44.70 -9.18
CA ASP D 511 -5.11 -45.97 -8.44
C ASP D 511 -6.62 -45.98 -8.06
N LEU D 512 -7.29 -44.85 -8.31
CA LEU D 512 -8.76 -44.68 -8.18
C LEU D 512 -9.40 -44.23 -9.52
N PRO D 513 -10.44 -44.96 -10.00
CA PRO D 513 -11.18 -44.50 -11.20
C PRO D 513 -12.05 -43.20 -11.01
#